data_7JHV
# 
_entry.id   7JHV 
# 
_audit_conform.dict_name       mmcif_pdbx.dic 
_audit_conform.dict_version    5.380 
_audit_conform.dict_location   http://mmcif.pdb.org/dictionaries/ascii/mmcif_pdbx.dic 
# 
loop_
_database_2.database_id 
_database_2.database_code 
_database_2.pdbx_database_accession 
_database_2.pdbx_DOI 
PDB   7JHV         pdb_00007jhv 10.2210/pdb7jhv/pdb 
WWPDB D_1000250801 ?            ?                   
# 
_pdbx_database_status.status_code                     REL 
_pdbx_database_status.status_code_sf                  REL 
_pdbx_database_status.status_code_mr                  ? 
_pdbx_database_status.entry_id                        7JHV 
_pdbx_database_status.recvd_initial_deposition_date   2020-07-21 
_pdbx_database_status.SG_entry                        N 
_pdbx_database_status.deposit_site                    RCSB 
_pdbx_database_status.process_site                    RCSB 
_pdbx_database_status.status_code_cs                  ? 
_pdbx_database_status.status_code_nmr_data            ? 
_pdbx_database_status.methods_development_category    ? 
_pdbx_database_status.pdb_format_compatible           Y 
# 
loop_
_audit_author.name 
_audit_author.pdbx_ordinal 
_audit_author.identifier_ORCID 
'Simmons, C.R.'      1 0000-0002-2290-6132 
'MacCulloch, T.'     2 0000-0001-5875-3361 
'Stephanopoulos, N.' 3 0000-0001-7859-410X 
'Yan, H.'            4 0000-0001-7397-9852 
# 
_citation.abstract                  ? 
_citation.abstract_id_CAS           ? 
_citation.book_id_ISBN              ? 
_citation.book_publisher            ? 
_citation.book_publisher_city       ? 
_citation.book_title                ? 
_citation.coordinate_linkage        ? 
_citation.country                   UK 
_citation.database_id_Medline       ? 
_citation.details                   ? 
_citation.id                        primary 
_citation.journal_abbrev            'Nat Commun' 
_citation.journal_id_ASTM           ? 
_citation.journal_id_CSD            ? 
_citation.journal_id_ISSN           2041-1723 
_citation.journal_full              ? 
_citation.journal_issue             ? 
_citation.journal_volume            13 
_citation.language                  ? 
_citation.page_first                3112 
_citation.page_last                 3112 
_citation.title                     'The influence of Holliday junction sequence and dynamics on DNA crystal self-assembly.' 
_citation.year                      2022 
_citation.database_id_CSD           ? 
_citation.pdbx_database_id_DOI      10.1038/s41467-022-30779-6 
_citation.pdbx_database_id_PubMed   35662248 
_citation.unpublished_flag          ? 
# 
loop_
_citation_author.citation_id 
_citation_author.name 
_citation_author.ordinal 
_citation_author.identifier_ORCID 
primary 'Simmons, C.R.'      1  ?                   
primary 'MacCulloch, T.'     2  ?                   
primary 'Krepl, M.'          3  0000-0002-9833-4281 
primary 'Matthies, M.'       4  ?                   
primary 'Buchberger, A.'     5  ?                   
primary 'Crawford, I.'       6  ?                   
primary 'Sponer, J.'         7  0000-0001-6558-6186 
primary 'Sulc, P.'           8  0000-0003-1565-6769 
primary 'Stephanopoulos, N.' 9  0000-0001-7859-410X 
primary 'Yan, H.'            10 0000-0001-7397-9852 
# 
_cell.angle_alpha                  90.000 
_cell.angle_alpha_esd              ? 
_cell.angle_beta                   90.000 
_cell.angle_beta_esd               ? 
_cell.angle_gamma                  120.000 
_cell.angle_gamma_esd              ? 
_cell.entry_id                     7JHV 
_cell.details                      ? 
_cell.formula_units_Z              ? 
_cell.length_a                     114.605 
_cell.length_a_esd                 ? 
_cell.length_b                     114.605 
_cell.length_b_esd                 ? 
_cell.length_c                     50.347 
_cell.length_c_esd                 ? 
_cell.volume                       ? 
_cell.volume_esd                   ? 
_cell.Z_PDB                        9 
_cell.reciprocal_angle_alpha       ? 
_cell.reciprocal_angle_beta        ? 
_cell.reciprocal_angle_gamma       ? 
_cell.reciprocal_angle_alpha_esd   ? 
_cell.reciprocal_angle_beta_esd    ? 
_cell.reciprocal_angle_gamma_esd   ? 
_cell.reciprocal_length_a          ? 
_cell.reciprocal_length_b          ? 
_cell.reciprocal_length_c          ? 
_cell.reciprocal_length_a_esd      ? 
_cell.reciprocal_length_b_esd      ? 
_cell.reciprocal_length_c_esd      ? 
_cell.pdbx_unique_axis             ? 
# 
_symmetry.entry_id                         7JHV 
_symmetry.cell_setting                     ? 
_symmetry.Int_Tables_number                146 
_symmetry.space_group_name_Hall            ? 
_symmetry.space_group_name_H-M             'H 3' 
_symmetry.pdbx_full_space_group_name_H-M   ? 
# 
loop_
_entity.id 
_entity.type 
_entity.src_method 
_entity.pdbx_description 
_entity.formula_weight 
_entity.pdbx_number_of_molecules 
_entity.pdbx_ec 
_entity.pdbx_mutation 
_entity.pdbx_fragment 
_entity.details 
1 polymer syn 
;DNA (5'-D(*GP*AP*GP*CP*AP*GP*AP*CP*GP*TP*GP*A)-3')
;
3736.455 1 ? ? ? ? 
2 polymer syn 
;DNA (5'-D(P*CP*GP*AP*CP*AP*CP*TP*CP*A)-3')
;
2684.789 1 ? ? ? ? 
3 polymer syn 
;DNA (5'-D(P*TP*CP*AP*TP*CP*G)-3')
;
1784.204 1 ? ? ? ? 
4 polymer syn 
;DNA (5'-D(*TP*CP*TP*GP*AP*GP*TP*GP*CP*GP*TP*CP*TP*GP*C)-3')
;
4591.969 1 ? ? ? ? 
# 
loop_
_entity_poly.entity_id 
_entity_poly.type 
_entity_poly.nstd_linkage 
_entity_poly.nstd_monomer 
_entity_poly.pdbx_seq_one_letter_code 
_entity_poly.pdbx_seq_one_letter_code_can 
_entity_poly.pdbx_strand_id 
_entity_poly.pdbx_target_identifier 
1 polydeoxyribonucleotide no no '(DG)(DA)(DG)(DC)(DA)(DG)(DA)(DC)(DG)(DT)(DG)(DA)'             GAGCAGACGTGA    A ? 
2 polydeoxyribonucleotide no no '(DC)(DG)(DA)(DC)(DA)(DC)(DT)(DC)(DA)'                         CGACACTCA       B ? 
3 polydeoxyribonucleotide no no '(DT)(DC)(DA)(DT)(DC)(DG)'                                     TCATCG          C ? 
4 polydeoxyribonucleotide no no '(DT)(DC)(DT)(DG)(DA)(DG)(DT)(DG)(DC)(DG)(DT)(DC)(DT)(DG)(DC)' TCTGAGTGCGTCTGC D ? 
# 
loop_
_entity_poly_seq.entity_id 
_entity_poly_seq.num 
_entity_poly_seq.mon_id 
_entity_poly_seq.hetero 
1 1  DG n 
1 2  DA n 
1 3  DG n 
1 4  DC n 
1 5  DA n 
1 6  DG n 
1 7  DA n 
1 8  DC n 
1 9  DG n 
1 10 DT n 
1 11 DG n 
1 12 DA n 
2 1  DC n 
2 2  DG n 
2 3  DA n 
2 4  DC n 
2 5  DA n 
2 6  DC n 
2 7  DT n 
2 8  DC n 
2 9  DA n 
3 1  DT n 
3 2  DC n 
3 3  DA n 
3 4  DT n 
3 5  DC n 
3 6  DG n 
4 1  DT n 
4 2  DC n 
4 3  DT n 
4 4  DG n 
4 5  DA n 
4 6  DG n 
4 7  DT n 
4 8  DG n 
4 9  DC n 
4 10 DG n 
4 11 DT n 
4 12 DC n 
4 13 DT n 
4 14 DG n 
4 15 DC n 
# 
loop_
_pdbx_entity_src_syn.entity_id 
_pdbx_entity_src_syn.pdbx_src_id 
_pdbx_entity_src_syn.pdbx_alt_source_flag 
_pdbx_entity_src_syn.pdbx_beg_seq_num 
_pdbx_entity_src_syn.pdbx_end_seq_num 
_pdbx_entity_src_syn.organism_scientific 
_pdbx_entity_src_syn.organism_common_name 
_pdbx_entity_src_syn.ncbi_taxonomy_id 
_pdbx_entity_src_syn.details 
1 1 sample 1 12 'synthetic construct' ? 32630 ? 
2 1 sample 1 9  'synthetic construct' ? 32630 ? 
3 1 sample 1 6  'synthetic construct' ? 32630 ? 
4 1 sample 1 15 'synthetic construct' ? 32630 ? 
# 
loop_
_struct_ref.id 
_struct_ref.db_name 
_struct_ref.db_code 
_struct_ref.pdbx_db_accession 
_struct_ref.pdbx_db_isoform 
_struct_ref.entity_id 
_struct_ref.pdbx_seq_one_letter_code 
_struct_ref.pdbx_align_begin 
1 PDB 7JHV 7JHV ? 1 ? 1 
2 PDB 7JHV 7JHV ? 2 ? 1 
3 PDB 7JHV 7JHV ? 3 ? 1 
4 PDB 7JHV 7JHV ? 4 ? 1 
# 
loop_
_struct_ref_seq.align_id 
_struct_ref_seq.ref_id 
_struct_ref_seq.pdbx_PDB_id_code 
_struct_ref_seq.pdbx_strand_id 
_struct_ref_seq.seq_align_beg 
_struct_ref_seq.pdbx_seq_align_beg_ins_code 
_struct_ref_seq.seq_align_end 
_struct_ref_seq.pdbx_seq_align_end_ins_code 
_struct_ref_seq.pdbx_db_accession 
_struct_ref_seq.db_align_beg 
_struct_ref_seq.pdbx_db_align_beg_ins_code 
_struct_ref_seq.db_align_end 
_struct_ref_seq.pdbx_db_align_end_ins_code 
_struct_ref_seq.pdbx_auth_seq_align_beg 
_struct_ref_seq.pdbx_auth_seq_align_end 
1 1 7JHV A 1 ? 12 ? 7JHV 1  ? 12 ? 1  12 
2 2 7JHV B 1 ? 9  ? 7JHV 12 ? 20 ? 12 20 
3 3 7JHV C 1 ? 6  ? 7JHV 0  ? 5  ? 0  5  
4 4 7JHV D 1 ? 15 ? 7JHV 2  ? 16 ? 2  16 
# 
loop_
_chem_comp.id 
_chem_comp.type 
_chem_comp.mon_nstd_flag 
_chem_comp.name 
_chem_comp.pdbx_synonyms 
_chem_comp.formula 
_chem_comp.formula_weight 
DA 'DNA linking' y "2'-DEOXYADENOSINE-5'-MONOPHOSPHATE" ? 'C10 H14 N5 O6 P' 331.222 
DC 'DNA linking' y "2'-DEOXYCYTIDINE-5'-MONOPHOSPHATE"  ? 'C9 H14 N3 O7 P'  307.197 
DG 'DNA linking' y "2'-DEOXYGUANOSINE-5'-MONOPHOSPHATE" ? 'C10 H14 N5 O7 P' 347.221 
DT 'DNA linking' y "THYMIDINE-5'-MONOPHOSPHATE"         ? 'C10 H15 N2 O8 P' 322.208 
# 
_exptl.absorpt_coefficient_mu     ? 
_exptl.absorpt_correction_T_max   ? 
_exptl.absorpt_correction_T_min   ? 
_exptl.absorpt_correction_type    ? 
_exptl.absorpt_process_details    ? 
_exptl.entry_id                   7JHV 
_exptl.crystals_number            1 
_exptl.details                    ? 
_exptl.method                     'X-RAY DIFFRACTION' 
_exptl.method_details             ? 
# 
_exptl_crystal.colour                      ? 
_exptl_crystal.density_diffrn              ? 
_exptl_crystal.density_Matthews            4.97 
_exptl_crystal.density_method              ? 
_exptl_crystal.density_percent_sol         75.26 
_exptl_crystal.description                 ? 
_exptl_crystal.F_000                       ? 
_exptl_crystal.id                          1 
_exptl_crystal.preparation                 ? 
_exptl_crystal.size_max                    ? 
_exptl_crystal.size_mid                    ? 
_exptl_crystal.size_min                    ? 
_exptl_crystal.size_rad                    ? 
_exptl_crystal.colour_lustre               ? 
_exptl_crystal.colour_modifier             ? 
_exptl_crystal.colour_primary              ? 
_exptl_crystal.density_meas                ? 
_exptl_crystal.density_meas_esd            ? 
_exptl_crystal.density_meas_gt             ? 
_exptl_crystal.density_meas_lt             ? 
_exptl_crystal.density_meas_temp           ? 
_exptl_crystal.density_meas_temp_esd       ? 
_exptl_crystal.density_meas_temp_gt        ? 
_exptl_crystal.density_meas_temp_lt        ? 
_exptl_crystal.pdbx_crystal_image_url      ? 
_exptl_crystal.pdbx_crystal_image_format   ? 
_exptl_crystal.pdbx_mosaicity              ? 
_exptl_crystal.pdbx_mosaicity_esd          ? 
# 
_exptl_crystal_grow.apparatus       ? 
_exptl_crystal_grow.atmosphere      ? 
_exptl_crystal_grow.crystal_id      1 
_exptl_crystal_grow.details         ? 
_exptl_crystal_grow.method          'VAPOR DIFFUSION, SITTING DROP' 
_exptl_crystal_grow.method_ref      ? 
_exptl_crystal_grow.pH              ? 
_exptl_crystal_grow.pressure        ? 
_exptl_crystal_grow.pressure_esd    ? 
_exptl_crystal_grow.seeding         ? 
_exptl_crystal_grow.seeding_ref     ? 
_exptl_crystal_grow.temp            298 
_exptl_crystal_grow.temp_details    'temperature gradient generated from 60 to 25 C at 0.3 degrees per hour' 
_exptl_crystal_grow.temp_esd        ? 
_exptl_crystal_grow.time            ? 
_exptl_crystal_grow.pdbx_details    
;0.5 mL of 0.05 M Cacodylate pH 6.5 with 10 mM MgCl2 and 50 mM spermine was added to the reservoir with 2 uL added to the drop containing 4 uL of DNA stock
;
_exptl_crystal_grow.pdbx_pH_range   ? 
# 
_diffrn.ambient_environment              ? 
_diffrn.ambient_temp                     100 
_diffrn.ambient_temp_details             ? 
_diffrn.ambient_temp_esd                 ? 
_diffrn.crystal_id                       1 
_diffrn.crystal_support                  ? 
_diffrn.crystal_treatment                ? 
_diffrn.details                          ? 
_diffrn.id                               1 
_diffrn.ambient_pressure                 ? 
_diffrn.ambient_pressure_esd             ? 
_diffrn.ambient_pressure_gt              ? 
_diffrn.ambient_pressure_lt              ? 
_diffrn.ambient_temp_gt                  ? 
_diffrn.ambient_temp_lt                  ? 
_diffrn.pdbx_serial_crystal_experiment   N 
# 
_diffrn_detector.details                      ? 
_diffrn_detector.detector                     PIXEL 
_diffrn_detector.diffrn_id                    1 
_diffrn_detector.type                         'DECTRIS PILATUS3 6M' 
_diffrn_detector.area_resol_mean              ? 
_diffrn_detector.dtime                        ? 
_diffrn_detector.pdbx_frames_total            ? 
_diffrn_detector.pdbx_collection_time_total   ? 
_diffrn_detector.pdbx_collection_date         2019-08-15 
_diffrn_detector.pdbx_frequency               ? 
# 
_diffrn_radiation.collimation                      ? 
_diffrn_radiation.diffrn_id                        1 
_diffrn_radiation.filter_edge                      ? 
_diffrn_radiation.inhomogeneity                    ? 
_diffrn_radiation.monochromator                    ? 
_diffrn_radiation.polarisn_norm                    ? 
_diffrn_radiation.polarisn_ratio                   ? 
_diffrn_radiation.probe                            ? 
_diffrn_radiation.type                             ? 
_diffrn_radiation.xray_symbol                      ? 
_diffrn_radiation.wavelength_id                    1 
_diffrn_radiation.pdbx_monochromatic_or_laue_m_l   M 
_diffrn_radiation.pdbx_wavelength_list             ? 
_diffrn_radiation.pdbx_wavelength                  ? 
_diffrn_radiation.pdbx_diffrn_protocol             'SINGLE WAVELENGTH' 
_diffrn_radiation.pdbx_analyzer                    ? 
_diffrn_radiation.pdbx_scattering_type             x-ray 
# 
_diffrn_radiation_wavelength.id           1 
_diffrn_radiation_wavelength.wavelength   1 
_diffrn_radiation_wavelength.wt           1.0 
# 
_diffrn_source.current                     ? 
_diffrn_source.details                     ? 
_diffrn_source.diffrn_id                   1 
_diffrn_source.power                       ? 
_diffrn_source.size                        ? 
_diffrn_source.source                      SYNCHROTRON 
_diffrn_source.target                      ? 
_diffrn_source.type                        'ALS BEAMLINE 5.0.2' 
_diffrn_source.voltage                     ? 
_diffrn_source.take-off_angle              ? 
_diffrn_source.pdbx_wavelength_list        1 
_diffrn_source.pdbx_wavelength             ? 
_diffrn_source.pdbx_synchrotron_beamline   5.0.2 
_diffrn_source.pdbx_synchrotron_site       ALS 
# 
_reflns.B_iso_Wilson_estimate            99.450 
_reflns.entry_id                         7JHV 
_reflns.data_reduction_details           ? 
_reflns.data_reduction_method            ? 
_reflns.d_resolution_high                3.050 
_reflns.d_resolution_low                 50.000 
_reflns.details                          ? 
_reflns.limit_h_max                      ? 
_reflns.limit_h_min                      ? 
_reflns.limit_k_max                      ? 
_reflns.limit_k_min                      ? 
_reflns.limit_l_max                      ? 
_reflns.limit_l_min                      ? 
_reflns.number_all                       ? 
_reflns.number_obs                       4633 
_reflns.observed_criterion               ? 
_reflns.observed_criterion_F_max         ? 
_reflns.observed_criterion_F_min         ? 
_reflns.observed_criterion_I_max         ? 
_reflns.observed_criterion_I_min         ? 
_reflns.observed_criterion_sigma_F       ? 
_reflns.observed_criterion_sigma_I       ? 
_reflns.percent_possible_obs             99.400 
_reflns.R_free_details                   ? 
_reflns.Rmerge_F_all                     ? 
_reflns.Rmerge_F_obs                     ? 
_reflns.Friedel_coverage                 ? 
_reflns.number_gt                        ? 
_reflns.threshold_expression             ? 
_reflns.pdbx_redundancy                  9.700 
_reflns.pdbx_Rmerge_I_obs                0.127 
_reflns.pdbx_Rmerge_I_all                ? 
_reflns.pdbx_Rsym_value                  ? 
_reflns.pdbx_netI_over_av_sigmaI         ? 
_reflns.pdbx_netI_over_sigmaI            7.300 
_reflns.pdbx_res_netI_over_av_sigmaI_2   ? 
_reflns.pdbx_res_netI_over_sigmaI_2      ? 
_reflns.pdbx_chi_squared                 2.072 
_reflns.pdbx_scaling_rejects             ? 
_reflns.pdbx_d_res_high_opt              ? 
_reflns.pdbx_d_res_low_opt               ? 
_reflns.pdbx_d_res_opt_method            ? 
_reflns.phase_calculation_details        ? 
_reflns.pdbx_Rrim_I_all                  0.134 
_reflns.pdbx_Rpim_I_all                  0.042 
_reflns.pdbx_d_opt                       ? 
_reflns.pdbx_number_measured_all         ? 
_reflns.pdbx_diffrn_id                   1 
_reflns.pdbx_ordinal                     1 
_reflns.pdbx_CC_half                     0.924 
_reflns.pdbx_CC_star                     ? 
_reflns.pdbx_R_split                     ? 
# 
loop_
_reflns_shell.d_res_high 
_reflns_shell.d_res_low 
_reflns_shell.meanI_over_sigI_all 
_reflns_shell.meanI_over_sigI_obs 
_reflns_shell.number_measured_all 
_reflns_shell.number_measured_obs 
_reflns_shell.number_possible 
_reflns_shell.number_unique_all 
_reflns_shell.number_unique_obs 
_reflns_shell.percent_possible_all 
_reflns_shell.percent_possible_obs 
_reflns_shell.Rmerge_F_all 
_reflns_shell.Rmerge_F_obs 
_reflns_shell.Rmerge_I_all 
_reflns_shell.Rmerge_I_obs 
_reflns_shell.meanI_over_sigI_gt 
_reflns_shell.meanI_over_uI_all 
_reflns_shell.meanI_over_uI_gt 
_reflns_shell.number_measured_gt 
_reflns_shell.number_unique_gt 
_reflns_shell.percent_possible_gt 
_reflns_shell.Rmerge_F_gt 
_reflns_shell.Rmerge_I_gt 
_reflns_shell.pdbx_redundancy 
_reflns_shell.pdbx_Rsym_value 
_reflns_shell.pdbx_chi_squared 
_reflns_shell.pdbx_netI_over_sigmaI_all 
_reflns_shell.pdbx_netI_over_sigmaI_obs 
_reflns_shell.pdbx_Rrim_I_all 
_reflns_shell.pdbx_Rpim_I_all 
_reflns_shell.pdbx_rejects 
_reflns_shell.pdbx_ordinal 
_reflns_shell.pdbx_diffrn_id 
_reflns_shell.pdbx_CC_half 
_reflns_shell.pdbx_CC_star 
_reflns_shell.pdbx_R_split 
3.050 3.100  ? ? ? ? ? ? 227 95.400  ? ? ? ? 0.696 ? ? ? ? ? ? ? ? 8.200  ? 0.453  ? ? 0.738 0.241 ? 1  1 0.908 ? ? 
3.100 3.160  ? ? ? ? ? ? 201 93.500  ? ? ? ? 0.336 ? ? ? ? ? ? ? ? 8.800  ? 0.583  ? ? 0.354 0.112 ? 2  1 0.991 ? ? 
3.160 3.220  ? ? ? ? ? ? 246 98.800  ? ? ? ? 0.173 ? ? ? ? ? ? ? ? 9.000  ? 0.864  ? ? 0.183 0.058 ? 3  1 0.998 ? ? 
3.220 3.290  ? ? ? ? ? ? 223 100.000 ? ? ? ? 0.159 ? ? ? ? ? ? ? ? 9.000  ? 0.814  ? ? 0.168 0.054 ? 4  1 0.997 ? ? 
3.290 3.360  ? ? ? ? ? ? 242 100.000 ? ? ? ? 0.159 ? ? ? ? ? ? ? ? 9.400  ? 0.929  ? ? 0.168 0.053 ? 5  1 0.997 ? ? 
3.360 3.430  ? ? ? ? ? ? 224 100.000 ? ? ? ? 0.134 ? ? ? ? ? ? ? ? 9.500  ? 1.092  ? ? 0.141 0.045 ? 6  1 0.997 ? ? 
3.430 3.520  ? ? ? ? ? ? 223 100.000 ? ? ? ? 0.178 ? ? ? ? ? ? ? ? 9.000  ? 0.873  ? ? 0.189 0.062 ? 7  1 0.994 ? ? 
3.520 3.620  ? ? ? ? ? ? 240 100.000 ? ? ? ? 0.177 ? ? ? ? ? ? ? ? 9.800  ? 0.932  ? ? 0.186 0.058 ? 8  1 0.993 ? ? 
3.620 3.720  ? ? ? ? ? ? 230 100.000 ? ? ? ? 0.221 ? ? ? ? ? ? ? ? 10.000 ? 0.728  ? ? 0.232 0.073 ? 9  1 0.989 ? ? 
3.720 3.840  ? ? ? ? ? ? 248 100.000 ? ? ? ? 0.210 ? ? ? ? ? ? ? ? 10.200 ? 0.657  ? ? 0.221 0.068 ? 10 1 0.988 ? ? 
3.840 3.980  ? ? ? ? ? ? 224 100.000 ? ? ? ? 0.156 ? ? ? ? ? ? ? ? 10.300 ? 0.857  ? ? 0.164 0.050 ? 11 1 0.991 ? ? 
3.980 4.140  ? ? ? ? ? ? 236 100.000 ? ? ? ? 0.132 ? ? ? ? ? ? ? ? 10.300 ? 1.367  ? ? 0.139 0.043 ? 12 1 0.995 ? ? 
4.140 4.330  ? ? ? ? ? ? 237 100.000 ? ? ? ? 0.133 ? ? ? ? ? ? ? ? 10.100 ? 1.379  ? ? 0.140 0.044 ? 13 1 0.992 ? ? 
4.330 4.560  ? ? ? ? ? ? 236 100.000 ? ? ? ? 0.132 ? ? ? ? ? ? ? ? 9.700  ? 1.200  ? ? 0.139 0.044 ? 14 1 0.989 ? ? 
4.560 4.840  ? ? ? ? ? ? 230 100.000 ? ? ? ? 0.114 ? ? ? ? ? ? ? ? 9.800  ? 1.545  ? ? 0.120 0.038 ? 15 1 0.992 ? ? 
4.840 5.210  ? ? ? ? ? ? 237 100.000 ? ? ? ? 0.106 ? ? ? ? ? ? ? ? 10.400 ? 2.063  ? ? 0.111 0.034 ? 16 1 0.995 ? ? 
5.210 5.740  ? ? ? ? ? ? 230 100.000 ? ? ? ? 0.098 ? ? ? ? ? ? ? ? 10.500 ? 3.636  ? ? 0.103 0.032 ? 17 1 0.993 ? ? 
5.740 6.570  ? ? ? ? ? ? 227 100.000 ? ? ? ? 0.096 ? ? ? ? ? ? ? ? 10.100 ? 3.378  ? ? 0.101 0.031 ? 18 1 0.992 ? ? 
6.570 8.270  ? ? ? ? ? ? 238 100.000 ? ? ? ? 0.093 ? ? ? ? ? ? ? ? 10.000 ? 3.966  ? ? 0.098 0.030 ? 19 1 0.992 ? ? 
8.270 50.000 ? ? ? ? ? ? 234 100.000 ? ? ? ? 0.131 ? ? ? ? ? ? ? ? 10.000 ? 12.826 ? ? 0.138 0.043 ? 20 1 0.986 ? ? 
# 
_refine.aniso_B[1][1]                            ? 
_refine.aniso_B[1][2]                            ? 
_refine.aniso_B[1][3]                            ? 
_refine.aniso_B[2][2]                            ? 
_refine.aniso_B[2][3]                            ? 
_refine.aniso_B[3][3]                            ? 
_refine.B_iso_max                                268.050 
_refine.B_iso_mean                               108.8538 
_refine.B_iso_min                                48.270 
_refine.correlation_coeff_Fo_to_Fc               ? 
_refine.correlation_coeff_Fo_to_Fc_free          ? 
_refine.details                                  ? 
_refine.diff_density_max                         ? 
_refine.diff_density_max_esd                     ? 
_refine.diff_density_min                         ? 
_refine.diff_density_min_esd                     ? 
_refine.diff_density_rms                         ? 
_refine.diff_density_rms_esd                     ? 
_refine.entry_id                                 7JHV 
_refine.pdbx_refine_id                           'X-RAY DIFFRACTION' 
_refine.ls_abs_structure_details                 ? 
_refine.ls_abs_structure_Flack                   ? 
_refine.ls_abs_structure_Flack_esd               ? 
_refine.ls_abs_structure_Rogers                  ? 
_refine.ls_abs_structure_Rogers_esd              ? 
_refine.ls_d_res_high                            3.0580 
_refine.ls_d_res_low                             30.0810 
_refine.ls_extinction_coef                       ? 
_refine.ls_extinction_coef_esd                   ? 
_refine.ls_extinction_expression                 ? 
_refine.ls_extinction_method                     ? 
_refine.ls_goodness_of_fit_all                   ? 
_refine.ls_goodness_of_fit_all_esd               ? 
_refine.ls_goodness_of_fit_obs                   ? 
_refine.ls_goodness_of_fit_obs_esd               ? 
_refine.ls_hydrogen_treatment                    ? 
_refine.ls_matrix_type                           ? 
_refine.ls_number_constraints                    ? 
_refine.ls_number_parameters                     ? 
_refine.ls_number_reflns_all                     ? 
_refine.ls_number_reflns_obs                     4540 
_refine.ls_number_reflns_R_free                  227 
_refine.ls_number_reflns_R_work                  4313 
_refine.ls_number_restraints                     ? 
_refine.ls_percent_reflns_obs                    97.4700 
_refine.ls_percent_reflns_R_free                 5.0000 
_refine.ls_R_factor_all                          ? 
_refine.ls_R_factor_obs                          0.2094 
_refine.ls_R_factor_R_free                       0.2361 
_refine.ls_R_factor_R_free_error                 ? 
_refine.ls_R_factor_R_free_error_details         ? 
_refine.ls_R_factor_R_work                       0.2079 
_refine.ls_R_Fsqd_factor_obs                     ? 
_refine.ls_R_I_factor_obs                        ? 
_refine.ls_redundancy_reflns_all                 ? 
_refine.ls_redundancy_reflns_obs                 ? 
_refine.ls_restrained_S_all                      ? 
_refine.ls_restrained_S_obs                      ? 
_refine.ls_shift_over_esd_max                    ? 
_refine.ls_shift_over_esd_mean                   ? 
_refine.ls_structure_factor_coef                 ? 
_refine.ls_weighting_details                     ? 
_refine.ls_weighting_scheme                      ? 
_refine.ls_wR_factor_all                         ? 
_refine.ls_wR_factor_obs                         ? 
_refine.ls_wR_factor_R_free                      ? 
_refine.ls_wR_factor_R_work                      ? 
_refine.occupancy_max                            ? 
_refine.occupancy_min                            ? 
_refine.solvent_model_details                    'FLAT BULK SOLVENT MODEL' 
_refine.solvent_model_param_bsol                 ? 
_refine.solvent_model_param_ksol                 ? 
_refine.pdbx_R_complete                          ? 
_refine.ls_R_factor_gt                           ? 
_refine.ls_goodness_of_fit_gt                    ? 
_refine.ls_goodness_of_fit_ref                   ? 
_refine.ls_shift_over_su_max                     ? 
_refine.ls_shift_over_su_max_lt                  ? 
_refine.ls_shift_over_su_mean                    ? 
_refine.ls_shift_over_su_mean_lt                 ? 
_refine.pdbx_ls_sigma_I                          ? 
_refine.pdbx_ls_sigma_F                          100.000 
_refine.pdbx_ls_sigma_Fsqd                       ? 
_refine.pdbx_data_cutoff_high_absF               ? 
_refine.pdbx_data_cutoff_high_rms_absF           ? 
_refine.pdbx_data_cutoff_low_absF                ? 
_refine.pdbx_isotropic_thermal_model             ? 
_refine.pdbx_ls_cross_valid_method               THROUGHOUT 
_refine.pdbx_method_to_determine_struct          'MOLECULAR REPLACEMENT' 
_refine.pdbx_starting_model                      6XNA 
_refine.pdbx_stereochemistry_target_values       ML 
_refine.pdbx_R_Free_selection_details            ? 
_refine.pdbx_stereochem_target_val_spec_case     ? 
_refine.pdbx_overall_ESU_R                       ? 
_refine.pdbx_overall_ESU_R_Free                  ? 
_refine.pdbx_solvent_vdw_probe_radii             1.1100 
_refine.pdbx_solvent_ion_probe_radii             ? 
_refine.pdbx_solvent_shrinkage_radii             0.9000 
_refine.pdbx_real_space_R                        ? 
_refine.pdbx_density_correlation                 ? 
_refine.pdbx_pd_number_of_powder_patterns        ? 
_refine.pdbx_pd_number_of_points                 ? 
_refine.pdbx_pd_meas_number_of_points            ? 
_refine.pdbx_pd_proc_ls_prof_R_factor            ? 
_refine.pdbx_pd_proc_ls_prof_wR_factor           ? 
_refine.pdbx_pd_Marquardt_correlation_coeff      ? 
_refine.pdbx_pd_Fsqrd_R_factor                   ? 
_refine.pdbx_pd_ls_matrix_band_width             ? 
_refine.pdbx_overall_phase_error                 26.8700 
_refine.pdbx_overall_SU_R_free_Cruickshank_DPI   ? 
_refine.pdbx_overall_SU_R_free_Blow_DPI          ? 
_refine.pdbx_overall_SU_R_Blow_DPI               ? 
_refine.pdbx_TLS_residual_ADP_flag               ? 
_refine.pdbx_diffrn_id                           1 
_refine.overall_SU_B                             ? 
_refine.overall_SU_ML                            0.4500 
_refine.overall_SU_R_Cruickshank_DPI             ? 
_refine.overall_SU_R_free                        ? 
_refine.overall_FOM_free_R_set                   ? 
_refine.overall_FOM_work_R_set                   ? 
_refine.pdbx_average_fsc_overall                 ? 
_refine.pdbx_average_fsc_work                    ? 
_refine.pdbx_average_fsc_free                    ? 
# 
_refine_hist.pdbx_refine_id                   'X-RAY DIFFRACTION' 
_refine_hist.cycle_id                         final 
_refine_hist.details                          ? 
_refine_hist.d_res_high                       3.0580 
_refine_hist.d_res_low                        30.0810 
_refine_hist.number_atoms_solvent             0 
_refine_hist.number_atoms_total               855 
_refine_hist.number_reflns_all                ? 
_refine_hist.number_reflns_obs                ? 
_refine_hist.number_reflns_R_free             ? 
_refine_hist.number_reflns_R_work             ? 
_refine_hist.R_factor_all                     ? 
_refine_hist.R_factor_obs                     ? 
_refine_hist.R_factor_R_free                  ? 
_refine_hist.R_factor_R_work                  ? 
_refine_hist.pdbx_number_residues_total       42 
_refine_hist.pdbx_B_iso_mean_ligand           ? 
_refine_hist.pdbx_B_iso_mean_solvent          ? 
_refine_hist.pdbx_number_atoms_protein        0 
_refine_hist.pdbx_number_atoms_nucleic_acid   855 
_refine_hist.pdbx_number_atoms_ligand         0 
_refine_hist.pdbx_number_atoms_lipid          ? 
_refine_hist.pdbx_number_atoms_carb           ? 
_refine_hist.pdbx_pseudo_atom_details         ? 
# 
loop_
_refine_ls_restr.pdbx_refine_id 
_refine_ls_restr.criterion 
_refine_ls_restr.dev_ideal 
_refine_ls_restr.dev_ideal_target 
_refine_ls_restr.number 
_refine_ls_restr.rejects 
_refine_ls_restr.type 
_refine_ls_restr.weight 
_refine_ls_restr.pdbx_restraint_function 
'X-RAY DIFFRACTION' ? 0.007  ? 956  ? f_bond_d           ? ? 
'X-RAY DIFFRACTION' ? 0.797  ? 1467 ? f_angle_d          ? ? 
'X-RAY DIFFRACTION' ? 0.039  ? 166  ? f_chiral_restr     ? ? 
'X-RAY DIFFRACTION' ? 0.004  ? 42   ? f_plane_restr      ? ? 
'X-RAY DIFFRACTION' ? 34.209 ? 406  ? f_dihedral_angle_d ? ? 
# 
loop_
_refine_ls_shell.pdbx_refine_id 
_refine_ls_shell.d_res_high 
_refine_ls_shell.d_res_low 
_refine_ls_shell.number_reflns_all 
_refine_ls_shell.number_reflns_obs 
_refine_ls_shell.number_reflns_R_free 
_refine_ls_shell.number_reflns_R_work 
_refine_ls_shell.percent_reflns_obs 
_refine_ls_shell.percent_reflns_R_free 
_refine_ls_shell.R_factor_all 
_refine_ls_shell.R_factor_obs 
_refine_ls_shell.R_factor_R_free 
_refine_ls_shell.R_factor_R_free_error 
_refine_ls_shell.R_factor_R_work 
_refine_ls_shell.redundancy_reflns_all 
_refine_ls_shell.redundancy_reflns_obs 
_refine_ls_shell.wR_factor_all 
_refine_ls_shell.wR_factor_obs 
_refine_ls_shell.wR_factor_R_free 
_refine_ls_shell.wR_factor_R_work 
_refine_ls_shell.pdbx_R_complete 
_refine_ls_shell.pdbx_total_number_of_bins_used 
_refine_ls_shell.pdbx_phase_error 
_refine_ls_shell.pdbx_fsc_work 
_refine_ls_shell.pdbx_fsc_free 
'X-RAY DIFFRACTION' 3.0583 3.8519  . . 113 2101 95.0000  . . . 0.3292 0.0000 0.2907 . . . . . . . . . . . 
'X-RAY DIFFRACTION' 3.8519 30.0810 . . 114 2212 100.0000 . . . 0.2097 0.0000 0.1852 . . . . . . . . . . . 
# 
_struct.entry_id                     7JHV 
_struct.title                        
'Self-assembly of a 3D DNA crystal lattice (4x6 junction version) containing the J36 immobile Holliday junction with R3 symmetry' 
_struct.pdbx_model_details           ? 
_struct.pdbx_formula_weight          ? 
_struct.pdbx_formula_weight_method   ? 
_struct.pdbx_model_type_details      ? 
_struct.pdbx_CASP_flag               N 
# 
_struct_keywords.entry_id        7JHV 
_struct_keywords.text            
'Structural DNA nanotechnology, immobile Holliday junctions, 3D DNA self-assembly, designer DNA crystals, DNA' 
_struct_keywords.pdbx_keywords   DNA 
# 
loop_
_struct_asym.id 
_struct_asym.pdbx_blank_PDB_chainid_flag 
_struct_asym.pdbx_modified 
_struct_asym.entity_id 
_struct_asym.details 
A N N 1 ? 
B N N 2 ? 
C N N 3 ? 
D N N 4 ? 
# 
loop_
_struct_conn.id 
_struct_conn.conn_type_id 
_struct_conn.pdbx_leaving_atom_flag 
_struct_conn.pdbx_PDB_id 
_struct_conn.ptnr1_label_asym_id 
_struct_conn.ptnr1_label_comp_id 
_struct_conn.ptnr1_label_seq_id 
_struct_conn.ptnr1_label_atom_id 
_struct_conn.pdbx_ptnr1_label_alt_id 
_struct_conn.pdbx_ptnr1_PDB_ins_code 
_struct_conn.pdbx_ptnr1_standard_comp_id 
_struct_conn.ptnr1_symmetry 
_struct_conn.ptnr2_label_asym_id 
_struct_conn.ptnr2_label_comp_id 
_struct_conn.ptnr2_label_seq_id 
_struct_conn.ptnr2_label_atom_id 
_struct_conn.pdbx_ptnr2_label_alt_id 
_struct_conn.pdbx_ptnr2_PDB_ins_code 
_struct_conn.ptnr1_auth_asym_id 
_struct_conn.ptnr1_auth_comp_id 
_struct_conn.ptnr1_auth_seq_id 
_struct_conn.ptnr2_auth_asym_id 
_struct_conn.ptnr2_auth_comp_id 
_struct_conn.ptnr2_auth_seq_id 
_struct_conn.ptnr2_symmetry 
_struct_conn.pdbx_ptnr3_label_atom_id 
_struct_conn.pdbx_ptnr3_label_seq_id 
_struct_conn.pdbx_ptnr3_label_comp_id 
_struct_conn.pdbx_ptnr3_label_asym_id 
_struct_conn.pdbx_ptnr3_label_alt_id 
_struct_conn.pdbx_ptnr3_PDB_ins_code 
_struct_conn.details 
_struct_conn.pdbx_dist_value 
_struct_conn.pdbx_value_order 
_struct_conn.pdbx_role 
hydrog1  hydrog ? ? A DG 3  N1 ? ? ? 1_555 D DC 15 N3 ? ? A DG 3  D DC 16 1_555 ? ? ? ? ? ? WATSON-CRICK ? ? ? 
hydrog2  hydrog ? ? A DG 3  N2 ? ? ? 1_555 D DC 15 O2 ? ? A DG 3  D DC 16 1_555 ? ? ? ? ? ? WATSON-CRICK ? ? ? 
hydrog3  hydrog ? ? A DG 3  O6 ? ? ? 1_555 D DC 15 N4 ? ? A DG 3  D DC 16 1_555 ? ? ? ? ? ? WATSON-CRICK ? ? ? 
hydrog4  hydrog ? ? A DC 4  N3 ? ? ? 1_555 D DG 14 N1 ? ? A DC 4  D DG 15 1_555 ? ? ? ? ? ? WATSON-CRICK ? ? ? 
hydrog5  hydrog ? ? A DC 4  N4 ? ? ? 1_555 D DG 14 O6 ? ? A DC 4  D DG 15 1_555 ? ? ? ? ? ? WATSON-CRICK ? ? ? 
hydrog6  hydrog ? ? A DC 4  O2 ? ? ? 1_555 D DG 14 N2 ? ? A DC 4  D DG 15 1_555 ? ? ? ? ? ? WATSON-CRICK ? ? ? 
hydrog7  hydrog ? ? A DA 5  N6 ? ? ? 1_555 D DT 13 O4 ? ? A DA 5  D DT 14 1_555 ? ? ? ? ? ? 'DA-DT PAIR' ? ? ? 
hydrog8  hydrog ? ? A DG 6  N1 ? ? ? 1_555 D DC 12 N3 ? ? A DG 6  D DC 13 1_555 ? ? ? ? ? ? WATSON-CRICK ? ? ? 
hydrog9  hydrog ? ? A DG 6  N2 ? ? ? 1_555 D DC 12 O2 ? ? A DG 6  D DC 13 1_555 ? ? ? ? ? ? WATSON-CRICK ? ? ? 
hydrog10 hydrog ? ? A DG 6  O6 ? ? ? 1_555 D DC 12 N4 ? ? A DG 6  D DC 13 1_555 ? ? ? ? ? ? WATSON-CRICK ? ? ? 
hydrog11 hydrog ? ? A DA 7  N1 ? ? ? 1_555 D DT 11 N3 ? ? A DA 7  D DT 12 1_555 ? ? ? ? ? ? WATSON-CRICK ? ? ? 
hydrog12 hydrog ? ? A DA 7  N6 ? ? ? 1_555 D DT 11 O4 ? ? A DA 7  D DT 12 1_555 ? ? ? ? ? ? WATSON-CRICK ? ? ? 
hydrog13 hydrog ? ? A DC 8  N3 ? ? ? 1_555 D DG 10 N1 ? ? A DC 8  D DG 11 1_555 ? ? ? ? ? ? WATSON-CRICK ? ? ? 
hydrog14 hydrog ? ? A DC 8  N4 ? ? ? 1_555 D DG 10 O6 ? ? A DC 8  D DG 11 1_555 ? ? ? ? ? ? WATSON-CRICK ? ? ? 
hydrog15 hydrog ? ? A DC 8  O2 ? ? ? 1_555 D DG 10 N2 ? ? A DC 8  D DG 11 1_555 ? ? ? ? ? ? WATSON-CRICK ? ? ? 
hydrog16 hydrog ? ? A DG 9  N1 ? ? ? 1_555 D DC 9  N3 ? ? A DG 9  D DC 10 1_555 ? ? ? ? ? ? WATSON-CRICK ? ? ? 
hydrog17 hydrog ? ? A DG 9  N2 ? ? ? 1_555 D DC 9  O2 ? ? A DG 9  D DC 10 1_555 ? ? ? ? ? ? WATSON-CRICK ? ? ? 
hydrog18 hydrog ? ? A DG 9  O6 ? ? ? 1_555 D DC 9  N4 ? ? A DG 9  D DC 10 1_555 ? ? ? ? ? ? WATSON-CRICK ? ? ? 
hydrog19 hydrog ? ? A DT 10 N3 ? ? ? 1_555 C DA 3  N1 ? ? A DT 10 C DA 2  1_555 ? ? ? ? ? ? 'DT-DA PAIR' ? ? ? 
hydrog20 hydrog ? ? A DG 11 N1 ? ? ? 1_555 C DC 2  N3 ? ? A DG 11 C DC 1  1_555 ? ? ? ? ? ? WATSON-CRICK ? ? ? 
hydrog21 hydrog ? ? A DG 11 N2 ? ? ? 1_555 C DC 2  O2 ? ? A DG 11 C DC 1  1_555 ? ? ? ? ? ? WATSON-CRICK ? ? ? 
hydrog22 hydrog ? ? A DG 11 O6 ? ? ? 1_555 C DC 2  N4 ? ? A DG 11 C DC 1  1_555 ? ? ? ? ? ? WATSON-CRICK ? ? ? 
hydrog23 hydrog ? ? A DA 12 N1 ? ? ? 1_555 C DT 1  N3 ? ? A DA 12 C DT 0  1_555 ? ? ? ? ? ? WATSON-CRICK ? ? ? 
hydrog24 hydrog ? ? A DA 12 N6 ? ? ? 1_555 C DT 1  O4 ? ? A DA 12 C DT 0  1_555 ? ? ? ? ? ? WATSON-CRICK ? ? ? 
hydrog25 hydrog ? ? B DC 1  N3 ? ? ? 1_555 C DG 6  N1 ? ? B DC 12 C DG 5  1_555 ? ? ? ? ? ? WATSON-CRICK ? ? ? 
hydrog26 hydrog ? ? B DC 1  N4 ? ? ? 1_555 C DG 6  O6 ? ? B DC 12 C DG 5  1_555 ? ? ? ? ? ? WATSON-CRICK ? ? ? 
hydrog27 hydrog ? ? B DC 1  O2 ? ? ? 1_555 C DG 6  N2 ? ? B DC 12 C DG 5  1_555 ? ? ? ? ? ? WATSON-CRICK ? ? ? 
hydrog28 hydrog ? ? B DG 2  N1 ? ? ? 1_555 C DC 5  N3 ? ? B DG 13 C DC 4  1_555 ? ? ? ? ? ? WATSON-CRICK ? ? ? 
hydrog29 hydrog ? ? B DG 2  N2 ? ? ? 1_555 C DC 5  O2 ? ? B DG 13 C DC 4  1_555 ? ? ? ? ? ? WATSON-CRICK ? ? ? 
hydrog30 hydrog ? ? B DG 2  O6 ? ? ? 1_555 C DC 5  N4 ? ? B DG 13 C DC 4  1_555 ? ? ? ? ? ? WATSON-CRICK ? ? ? 
hydrog31 hydrog ? ? B DA 3  N1 ? ? ? 1_555 C DT 4  N3 ? ? B DA 14 C DT 3  1_555 ? ? ? ? ? ? WATSON-CRICK ? ? ? 
hydrog32 hydrog ? ? B DA 3  N6 ? ? ? 1_555 C DT 4  O4 ? ? B DA 14 C DT 3  1_555 ? ? ? ? ? ? WATSON-CRICK ? ? ? 
hydrog33 hydrog ? ? B DC 4  N3 ? ? ? 1_555 D DG 8  N1 ? ? B DC 15 D DG 9  1_555 ? ? ? ? ? ? WATSON-CRICK ? ? ? 
hydrog34 hydrog ? ? B DC 4  N4 ? ? ? 1_555 D DG 8  O6 ? ? B DC 15 D DG 9  1_555 ? ? ? ? ? ? WATSON-CRICK ? ? ? 
hydrog35 hydrog ? ? B DC 4  O2 ? ? ? 1_555 D DG 8  N2 ? ? B DC 15 D DG 9  1_555 ? ? ? ? ? ? WATSON-CRICK ? ? ? 
hydrog36 hydrog ? ? B DA 5  N1 ? ? ? 1_555 D DT 7  N3 ? ? B DA 16 D DT 8  1_555 ? ? ? ? ? ? WATSON-CRICK ? ? ? 
hydrog37 hydrog ? ? B DA 5  N6 ? ? ? 1_555 D DT 7  O4 ? ? B DA 16 D DT 8  1_555 ? ? ? ? ? ? WATSON-CRICK ? ? ? 
hydrog38 hydrog ? ? B DC 6  N3 ? ? ? 1_555 D DG 6  N1 ? ? B DC 17 D DG 7  1_555 ? ? ? ? ? ? WATSON-CRICK ? ? ? 
hydrog39 hydrog ? ? B DC 6  N4 ? ? ? 1_555 D DG 6  O6 ? ? B DC 17 D DG 7  1_555 ? ? ? ? ? ? WATSON-CRICK ? ? ? 
hydrog40 hydrog ? ? B DC 6  O2 ? ? ? 1_555 D DG 6  N2 ? ? B DC 17 D DG 7  1_555 ? ? ? ? ? ? WATSON-CRICK ? ? ? 
hydrog41 hydrog ? ? B DT 7  N3 ? ? ? 1_555 D DA 5  N1 ? ? B DT 18 D DA 6  1_555 ? ? ? ? ? ? WATSON-CRICK ? ? ? 
hydrog42 hydrog ? ? B DT 7  O4 ? ? ? 1_555 D DA 5  N6 ? ? B DT 18 D DA 6  1_555 ? ? ? ? ? ? WATSON-CRICK ? ? ? 
hydrog43 hydrog ? ? B DC 8  N3 ? ? ? 1_555 D DG 4  N1 ? ? B DC 19 D DG 5  1_555 ? ? ? ? ? ? WATSON-CRICK ? ? ? 
hydrog44 hydrog ? ? B DC 8  N4 ? ? ? 1_555 D DG 4  O6 ? ? B DC 19 D DG 5  1_555 ? ? ? ? ? ? WATSON-CRICK ? ? ? 
hydrog45 hydrog ? ? B DC 8  O2 ? ? ? 1_555 D DG 4  N2 ? ? B DC 19 D DG 5  1_555 ? ? ? ? ? ? WATSON-CRICK ? ? ? 
hydrog46 hydrog ? ? B DA 9  N1 ? ? ? 1_555 D DT 3  N3 ? ? B DA 20 D DT 4  1_555 ? ? ? ? ? ? WATSON-CRICK ? ? ? 
hydrog47 hydrog ? ? B DA 9  N6 ? ? ? 1_555 D DT 3  O4 ? ? B DA 20 D DT 4  1_555 ? ? ? ? ? ? WATSON-CRICK ? ? ? 
# 
_struct_conn_type.id          hydrog 
_struct_conn_type.criteria    ? 
_struct_conn_type.reference   ? 
# 
_atom_sites.entry_id                    7JHV 
_atom_sites.Cartn_transf_matrix[1][1]   ? 
_atom_sites.Cartn_transf_matrix[1][2]   ? 
_atom_sites.Cartn_transf_matrix[1][3]   ? 
_atom_sites.Cartn_transf_matrix[2][1]   ? 
_atom_sites.Cartn_transf_matrix[2][2]   ? 
_atom_sites.Cartn_transf_matrix[2][3]   ? 
_atom_sites.Cartn_transf_matrix[3][1]   ? 
_atom_sites.Cartn_transf_matrix[3][2]   ? 
_atom_sites.Cartn_transf_matrix[3][3]   ? 
_atom_sites.Cartn_transf_vector[1]      ? 
_atom_sites.Cartn_transf_vector[2]      ? 
_atom_sites.Cartn_transf_vector[3]      ? 
_atom_sites.fract_transf_matrix[1][1]   0.00676351 
_atom_sites.fract_transf_matrix[1][2]   0.00560375 
_atom_sites.fract_transf_matrix[1][3]   -0.00493735 
_atom_sites.fract_transf_matrix[2][1]   0.00976646 
_atom_sites.fract_transf_matrix[2][2]   -0.00061928 
_atom_sites.fract_transf_matrix[2][3]   0.00239549 
_atom_sites.fract_transf_matrix[3][1]   0.00234196 
_atom_sites.fract_transf_matrix[3][2]   -0.01455457 
_atom_sites.fract_transf_matrix[3][3]   -0.01331085 
_atom_sites.fract_transf_vector[1]      0.320912 
_atom_sites.fract_transf_vector[2]      0.159129 
_atom_sites.fract_transf_vector[3]      0.252642 
_atom_sites.solution_primary            ? 
_atom_sites.solution_secondary          ? 
_atom_sites.solution_hydrogens          ? 
_atom_sites.special_details             ? 
# 
loop_
_atom_type.symbol 
C 
N 
O 
P 
# 
loop_
_atom_site.group_PDB 
_atom_site.id 
_atom_site.type_symbol 
_atom_site.label_atom_id 
_atom_site.label_alt_id 
_atom_site.label_comp_id 
_atom_site.label_asym_id 
_atom_site.label_entity_id 
_atom_site.label_seq_id 
_atom_site.pdbx_PDB_ins_code 
_atom_site.Cartn_x 
_atom_site.Cartn_y 
_atom_site.Cartn_z 
_atom_site.occupancy 
_atom_site.B_iso_or_equiv 
_atom_site.pdbx_formal_charge 
_atom_site.auth_seq_id 
_atom_site.auth_comp_id 
_atom_site.auth_asym_id 
_atom_site.auth_atom_id 
_atom_site.pdbx_PDB_model_num 
ATOM 1   O "O5'" . DG A 1 1  ? 1.575   -26.484 -3.210  1.00 192.99 ? 1  DG A "O5'" 1 
ATOM 2   C "C5'" . DG A 1 1  ? 2.464   -27.438 -2.638  1.00 172.71 ? 1  DG A "C5'" 1 
ATOM 3   C "C4'" . DG A 1 1  ? 2.039   -27.774 -1.221  1.00 171.26 ? 1  DG A "C4'" 1 
ATOM 4   O "O4'" . DG A 1 1  ? 3.064   -28.560 -0.575  1.00 149.50 ? 1  DG A "O4'" 1 
ATOM 5   C "C3'" . DG A 1 1  ? 1.771   -26.562 -0.331  1.00 175.54 ? 1  DG A "C3'" 1 
ATOM 6   O "O3'" . DG A 1 1  ? 0.436   -26.602 0.134   1.00 191.26 ? 1  DG A "O3'" 1 
ATOM 7   C "C2'" . DG A 1 1  ? 2.766   -26.672 0.829   1.00 164.84 ? 1  DG A "C2'" 1 
ATOM 8   C "C1'" . DG A 1 1  ? 3.700   -27.810 0.426   1.00 144.91 ? 1  DG A "C1'" 1 
ATOM 9   N N9    . DG A 1 1  ? 5.000   -27.366 -0.065  1.00 134.47 ? 1  DG A N9    1 
ATOM 10  C C8    . DG A 1 1  ? 5.551   -27.621 -1.301  1.00 134.84 ? 1  DG A C8    1 
ATOM 11  N N7    . DG A 1 1  ? 6.738   -27.105 -1.459  1.00 125.26 ? 1  DG A N7    1 
ATOM 12  C C5    . DG A 1 1  ? 6.994   -26.471 -0.249  1.00 124.91 ? 1  DG A C5    1 
ATOM 13  C C6    . DG A 1 1  ? 8.125   -25.739 0.166   1.00 121.77 ? 1  DG A C6    1 
ATOM 14  O O6    . DG A 1 1  ? 9.162   -25.495 -0.467  1.00 124.02 ? 1  DG A O6    1 
ATOM 15  N N1    . DG A 1 1  ? 7.975   -25.263 1.469   1.00 121.13 ? 1  DG A N1    1 
ATOM 16  C C2    . DG A 1 1  ? 6.869   -25.472 2.260   1.00 128.38 ? 1  DG A C2    1 
ATOM 17  N N2    . DG A 1 1  ? 6.907   -24.934 3.488   1.00 132.89 ? 1  DG A N2    1 
ATOM 18  N N3    . DG A 1 1  ? 5.801   -26.158 1.879   1.00 128.89 ? 1  DG A N3    1 
ATOM 19  C C4    . DG A 1 1  ? 5.933   -26.628 0.612   1.00 128.88 ? 1  DG A C4    1 
ATOM 20  P P     . DA A 1 2  ? -0.383  -25.240 0.341   1.00 253.88 ? 2  DA A P     1 
ATOM 21  O OP1   . DA A 1 2  ? -1.655  -25.585 1.012   1.00 268.05 ? 2  DA A OP1   1 
ATOM 22  O OP2   . DA A 1 2  ? -0.390  -24.524 -0.953  1.00 260.68 ? 2  DA A OP2   1 
ATOM 23  O "O5'" . DA A 1 2  ? 0.518   -24.400 1.358   1.00 240.71 ? 2  DA A "O5'" 1 
ATOM 24  C "C5'" . DA A 1 2  ? 0.471   -24.686 2.748   1.00 204.51 ? 2  DA A "C5'" 1 
ATOM 25  C "C4'" . DA A 1 2  ? 1.274   -23.666 3.536   1.00 180.07 ? 2  DA A "C4'" 1 
ATOM 26  O "O4'" . DA A 1 2  ? 2.645   -23.668 3.070   1.00 159.10 ? 2  DA A "O4'" 1 
ATOM 27  C "C3'" . DA A 1 2  ? 0.791   -22.221 3.413   1.00 177.70 ? 2  DA A "C3'" 1 
ATOM 28  O "O3'" . DA A 1 2  ? 0.968   -21.543 4.650   1.00 180.10 ? 2  DA A "O3'" 1 
ATOM 29  C "C2'" . DA A 1 2  ? 1.701   -21.651 2.335   1.00 164.54 ? 2  DA A "C2'" 1 
ATOM 30  C "C1'" . DA A 1 2  ? 3.003   -22.381 2.621   1.00 156.41 ? 2  DA A "C1'" 1 
ATOM 31  N N9    . DA A 1 2  ? 3.841   -22.538 1.446   1.00 145.34 ? 2  DA A N9    1 
ATOM 32  C C8    . DA A 1 2  ? 3.471   -23.052 0.238   1.00 153.52 ? 2  DA A C8    1 
ATOM 33  N N7    . DA A 1 2  ? 4.441   -23.074 -0.643  1.00 141.03 ? 2  DA A N7    1 
ATOM 34  C C5    . DA A 1 2  ? 5.521   -22.540 0.038   1.00 134.61 ? 2  DA A C5    1 
ATOM 35  C C6    . DA A 1 2  ? 6.853   -22.293 -0.339  1.00 130.00 ? 2  DA A C6    1 
ATOM 36  N N6    . DA A 1 2  ? 7.334   -22.566 -1.556  1.00 128.75 ? 2  DA A N6    1 
ATOM 37  N N1    . DA A 1 2  ? 7.674   -21.751 0.586   1.00 125.31 ? 2  DA A N1    1 
ATOM 38  C C2    . DA A 1 2  ? 7.186   -21.479 1.803   1.00 128.56 ? 2  DA A C2    1 
ATOM 39  N N3    . DA A 1 2  ? 5.955   -21.667 2.272   1.00 132.51 ? 2  DA A N3    1 
ATOM 40  C C4    . DA A 1 2  ? 5.164   -22.206 1.332   1.00 135.57 ? 2  DA A C4    1 
ATOM 41  P P     . DG A 1 3  ? 0.415   -20.048 4.846   1.00 197.47 ? 3  DG A P     1 
ATOM 42  O OP1   . DG A 1 3  ? 0.222   -19.823 6.294   1.00 216.66 ? 3  DG A OP1   1 
ATOM 43  O OP2   . DG A 1 3  ? -0.716  -19.862 3.911   1.00 216.65 ? 3  DG A OP2   1 
ATOM 44  O "O5'" . DG A 1 3  ? 1.624   -19.125 4.359   1.00 158.88 ? 3  DG A "O5'" 1 
ATOM 45  C "C5'" . DG A 1 3  ? 2.941   -19.418 4.784   1.00 152.05 ? 3  DG A "C5'" 1 
ATOM 46  C "C4'" . DG A 1 3  ? 3.623   -18.195 5.370   1.00 154.80 ? 3  DG A "C4'" 1 
ATOM 47  O "O4'" . DG A 1 3  ? 4.867   -17.972 4.680   1.00 146.70 ? 3  DG A "O4'" 1 
ATOM 48  C "C3'" . DG A 1 3  ? 2.875   -16.885 5.223   1.00 159.80 ? 3  DG A "C3'" 1 
ATOM 49  O "O3'" . DG A 1 3  ? 3.343   -15.962 6.201   1.00 161.76 ? 3  DG A "O3'" 1 
ATOM 50  C "C2'" . DG A 1 3  ? 3.261   -16.445 3.813   1.00 150.35 ? 3  DG A "C2'" 1 
ATOM 51  C "C1'" . DG A 1 3  ? 4.674   -17.016 3.653   1.00 143.49 ? 3  DG A "C1'" 1 
ATOM 52  N N9    . DG A 1 3  ? 4.887   -17.686 2.378   1.00 135.36 ? 3  DG A N9    1 
ATOM 53  C C8    . DG A 1 3  ? 3.979   -18.440 1.674   1.00 136.47 ? 3  DG A C8    1 
ATOM 54  N N7    . DG A 1 3  ? 4.458   -18.923 0.561   1.00 132.35 ? 3  DG A N7    1 
ATOM 55  C C5    . DG A 1 3  ? 5.767   -18.461 0.529   1.00 129.50 ? 3  DG A C5    1 
ATOM 56  C C6    . DG A 1 3  ? 6.781   -18.662 -0.436  1.00 127.55 ? 3  DG A C6    1 
ATOM 57  O O6    . DG A 1 3  ? 6.720   -19.310 -1.492  1.00 127.35 ? 3  DG A O6    1 
ATOM 58  N N1    . DG A 1 3  ? 7.963   -18.017 -0.078  1.00 125.60 ? 3  DG A N1    1 
ATOM 59  C C2    . DG A 1 3  ? 8.140   -17.274 1.067   1.00 126.84 ? 3  DG A C2    1 
ATOM 60  N N2    . DG A 1 3  ? 9.353   -16.727 1.241   1.00 134.04 ? 3  DG A N2    1 
ATOM 61  N N3    . DG A 1 3  ? 7.198   -17.079 1.977   1.00 119.77 ? 3  DG A N3    1 
ATOM 62  C C4    . DG A 1 3  ? 6.045   -17.700 1.644   1.00 127.61 ? 3  DG A C4    1 
ATOM 63  P P     . DC A 1 4  ? 2.815   -14.446 6.226   1.00 164.60 ? 4  DC A P     1 
ATOM 64  O OP1   . DC A 1 4  ? 2.945   -13.966 7.619   1.00 189.09 ? 4  DC A OP1   1 
ATOM 65  O OP2   . DC A 1 4  ? 1.495   -14.413 5.559   1.00 163.63 ? 4  DC A OP2   1 
ATOM 66  O "O5'" . DC A 1 4  ? 3.877   -13.656 5.327   1.00 144.38 ? 4  DC A "O5'" 1 
ATOM 67  C "C5'" . DC A 1 4  ? 5.263   -13.758 5.625   1.00 149.70 ? 4  DC A "C5'" 1 
ATOM 68  C "C4'" . DC A 1 4  ? 6.095   -12.917 4.669   1.00 156.94 ? 4  DC A "C4'" 1 
ATOM 69  O "O4'" . DC A 1 4  ? 6.365   -13.666 3.455   1.00 145.44 ? 4  DC A "O4'" 1 
ATOM 70  C "C3'" . DC A 1 4  ? 5.456   -11.597 4.219   1.00 150.15 ? 4  DC A "C3'" 1 
ATOM 71  O "O3'" . DC A 1 4  ? 6.432   -10.557 4.253   1.00 148.51 ? 4  DC A "O3'" 1 
ATOM 72  C "C2'" . DC A 1 4  ? 5.016   -11.902 2.787   1.00 141.02 ? 4  DC A "C2'" 1 
ATOM 73  C "C1'" . DC A 1 4  ? 6.129   -12.832 2.347   1.00 136.38 ? 4  DC A "C1'" 1 
ATOM 74  N N1    . DC A 1 4  ? 5.784   -13.687 1.184   1.00 128.16 ? 4  DC A N1    1 
ATOM 75  C C2    . DC A 1 4  ? 6.764   -13.969 0.231   1.00 126.04 ? 4  DC A C2    1 
ATOM 76  O O2    . DC A 1 4  ? 7.899   -13.492 0.374   1.00 124.41 ? 4  DC A O2    1 
ATOM 77  N N3    . DC A 1 4  ? 6.444   -14.758 -0.826  1.00 125.71 ? 4  DC A N3    1 
ATOM 78  C C4    . DC A 1 4  ? 5.207   -15.252 -0.941  1.00 125.80 ? 4  DC A C4    1 
ATOM 79  N N4    . DC A 1 4  ? 4.937   -16.025 -1.999  1.00 124.29 ? 4  DC A N4    1 
ATOM 80  C C5    . DC A 1 4  ? 4.194   -14.974 0.024   1.00 125.23 ? 4  DC A C5    1 
ATOM 81  C C6    . DC A 1 4  ? 4.523   -14.194 1.061   1.00 128.32 ? 4  DC A C6    1 
ATOM 82  P P     . DA A 1 5  ? 5.983   -9.016  4.338   1.00 151.92 ? 5  DA A P     1 
ATOM 83  O OP1   . DA A 1 5  ? 6.154   -8.562  5.737   1.00 166.30 ? 5  DA A OP1   1 
ATOM 84  O OP2   . DA A 1 5  ? 4.656   -8.901  3.697   1.00 151.81 ? 5  DA A OP2   1 
ATOM 85  O "O5'" . DA A 1 5  ? 7.044   -8.256  3.410   1.00 144.25 ? 5  DA A "O5'" 1 
ATOM 86  C "C5'" . DA A 1 5  ? 8.407   -8.162  3.814   1.00 145.93 ? 5  DA A "C5'" 1 
ATOM 87  C "C4'" . DA A 1 5  ? 9.321   -7.974  2.612   1.00 144.79 ? 5  DA A "C4'" 1 
ATOM 88  O "O4'" . DA A 1 5  ? 9.022   -8.982  1.615   1.00 140.80 ? 5  DA A "O4'" 1 
ATOM 89  C "C3'" . DA A 1 5  ? 9.200   -6.634  1.897   1.00 144.09 ? 5  DA A "C3'" 1 
ATOM 90  O "O3'" . DA A 1 5  ? 10.460  -6.251  1.374   1.00 150.03 ? 5  DA A "O3'" 1 
ATOM 91  C "C2'" . DA A 1 5  ? 8.204   -6.927  0.780   1.00 138.62 ? 5  DA A "C2'" 1 
ATOM 92  C "C1'" . DA A 1 5  ? 8.529   -8.376  0.435   1.00 138.03 ? 5  DA A "C1'" 1 
ATOM 93  N N9    . DA A 1 5  ? 7.366   -9.137  0.002   1.00 133.78 ? 5  DA A N9    1 
ATOM 94  C C8    . DA A 1 5  ? 6.135   -9.158  0.596   1.00 133.15 ? 5  DA A C8    1 
ATOM 95  N N7    . DA A 1 5  ? 5.273   -9.943  -0.006  1.00 130.22 ? 5  DA A N7    1 
ATOM 96  C C5    . DA A 1 5  ? 5.991   -10.475 -1.065  1.00 124.30 ? 5  DA A C5    1 
ATOM 97  C C6    . DA A 1 5  ? 5.646   -11.382 -2.082  1.00 117.93 ? 5  DA A C6    1 
ATOM 98  N N6    . DA A 1 5  ? 4.434   -11.930 -2.194  1.00 115.23 ? 5  DA A N6    1 
ATOM 99  N N1    . DA A 1 5  ? 6.600   -11.704 -2.983  1.00 119.97 ? 5  DA A N1    1 
ATOM 100 C C2    . DA A 1 5  ? 7.815   -11.150 -2.864  1.00 124.94 ? 5  DA A C2    1 
ATOM 101 N N3    . DA A 1 5  ? 8.257   -10.287 -1.950  1.00 125.21 ? 5  DA A N3    1 
ATOM 102 C C4    . DA A 1 5  ? 7.286   -9.986  -1.070  1.00 128.72 ? 5  DA A C4    1 
ATOM 103 P P     . DG A 1 6  ? 10.615  -4.861  0.587   1.00 156.53 ? 6  DG A P     1 
ATOM 104 O OP1   . DG A 1 6  ? 11.998  -4.381  0.807   1.00 155.09 ? 6  DG A OP1   1 
ATOM 105 O OP2   . DG A 1 6  ? 9.463   -4.012  0.965   1.00 152.69 ? 6  DG A OP2   1 
ATOM 106 O "O5'" . DG A 1 6  ? 10.448  -5.261  -0.953  1.00 140.74 ? 6  DG A "O5'" 1 
ATOM 107 C "C5'" . DG A 1 6  ? 11.448  -6.037  -1.594  1.00 140.38 ? 6  DG A "C5'" 1 
ATOM 108 C "C4'" . DG A 1 6  ? 11.041  -6.373  -3.016  1.00 143.31 ? 6  DG A "C4'" 1 
ATOM 109 O "O4'" . DG A 1 6  ? 9.816   -7.140  -2.994  1.00 140.26 ? 6  DG A "O4'" 1 
ATOM 110 C "C3'" . DG A 1 6  ? 10.782  -5.164  -3.921  1.00 145.20 ? 6  DG A "C3'" 1 
ATOM 111 O "O3'" . DG A 1 6  ? 11.539  -5.282  -5.125  1.00 152.33 ? 6  DG A "O3'" 1 
ATOM 112 C "C2'" . DG A 1 6  ? 9.275   -5.213  -4.193  1.00 136.44 ? 6  DG A "C2'" 1 
ATOM 113 C "C1'" . DG A 1 6  ? 8.957   -6.686  -4.007  1.00 133.27 ? 6  DG A "C1'" 1 
ATOM 114 N N9    . DG A 1 6  ? 7.592   -6.924  -3.566  1.00 126.36 ? 6  DG A N9    1 
ATOM 115 C C8    . DG A 1 6  ? 6.948   -6.303  -2.523  1.00 127.77 ? 6  DG A C8    1 
ATOM 116 N N7    . DG A 1 6  ? 5.725   -6.718  -2.348  1.00 123.46 ? 6  DG A N7    1 
ATOM 117 C C5    . DG A 1 6  ? 5.547   -7.678  -3.330  1.00 117.67 ? 6  DG A C5    1 
ATOM 118 C C6    . DG A 1 6  ? 4.421   -8.475  -3.629  1.00 113.52 ? 6  DG A C6    1 
ATOM 119 O O6    . DG A 1 6  ? 3.318   -8.481  -3.057  1.00 114.16 ? 6  DG A O6    1 
ATOM 120 N N1    . DG A 1 6  ? 4.660   -9.325  -4.706  1.00 112.72 ? 6  DG A N1    1 
ATOM 121 C C2    . DG A 1 6  ? 5.842   -9.396  -5.409  1.00 115.61 ? 6  DG A C2    1 
ATOM 122 N N2    . DG A 1 6  ? 5.882   -10.281 -6.421  1.00 111.96 ? 6  DG A N2    1 
ATOM 123 N N3    . DG A 1 6  ? 6.911   -8.653  -5.140  1.00 117.92 ? 6  DG A N3    1 
ATOM 124 C C4    . DG A 1 6  ? 6.690   -7.821  -4.090  1.00 121.22 ? 6  DG A C4    1 
ATOM 125 P P     . DA A 1 7  ? 11.643  -4.045  -6.148  1.00 160.94 ? 7  DA A P     1 
ATOM 126 O OP1   . DA A 1 7  ? 13.066  -3.888  -6.526  1.00 151.62 ? 7  DA A OP1   1 
ATOM 127 O OP2   . DA A 1 7  ? 10.932  -2.897  -5.542  1.00 153.99 ? 7  DA A OP2   1 
ATOM 128 O "O5'" . DA A 1 7  ? 10.810  -4.536  -7.428  1.00 153.56 ? 7  DA A "O5'" 1 
ATOM 129 C "C5'" . DA A 1 7  ? 11.306  -5.603  -8.233  1.00 146.87 ? 7  DA A "C5'" 1 
ATOM 130 C "C4'" . DA A 1 7  ? 10.174  -6.345  -8.927  1.00 141.55 ? 7  DA A "C4'" 1 
ATOM 131 O "O4'" . DA A 1 7  ? 9.088   -6.563  -7.997  1.00 132.66 ? 7  DA A "O4'" 1 
ATOM 132 C "C3'" . DA A 1 7  ? 9.553   -5.632  -10.144 1.00 146.27 ? 7  DA A "C3'" 1 
ATOM 133 O "O3'" . DA A 1 7  ? 9.687   -6.445  -11.312 1.00 157.93 ? 7  DA A "O3'" 1 
ATOM 134 C "C2'" . DA A 1 7  ? 8.078   -5.454  -9.760  1.00 136.55 ? 7  DA A "C2'" 1 
ATOM 135 C "C1'" . DA A 1 7  ? 7.891   -6.549  -8.725  1.00 131.30 ? 7  DA A "C1'" 1 
ATOM 136 N N9    . DA A 1 7  ? 6.787   -6.299  -7.807  1.00 122.76 ? 7  DA A N9    1 
ATOM 137 C C8    . DA A 1 7  ? 6.748   -5.377  -6.800  1.00 123.27 ? 7  DA A C8    1 
ATOM 138 N N7    . DA A 1 7  ? 5.617   -5.372  -6.135  1.00 115.54 ? 7  DA A N7    1 
ATOM 139 C C5    . DA A 1 7  ? 4.864   -6.359  -6.749  1.00 108.31 ? 7  DA A C5    1 
ATOM 140 C C6    . DA A 1 7  ? 3.568   -6.847  -6.510  1.00 106.25 ? 7  DA A C6    1 
ATOM 141 N N6    . DA A 1 7  ? 2.774   -6.378  -5.544  1.00 107.06 ? 7  DA A N6    1 
ATOM 142 N N1    . DA A 1 7  ? 3.116   -7.841  -7.306  1.00 106.85 ? 7  DA A N1    1 
ATOM 143 C C2    . DA A 1 7  ? 3.918   -8.307  -8.274  1.00 110.79 ? 7  DA A C2    1 
ATOM 144 N N3    . DA A 1 7  ? 5.154   -7.926  -8.593  1.00 113.15 ? 7  DA A N3    1 
ATOM 145 C C4    . DA A 1 7  ? 5.573   -6.940  -7.784  1.00 111.85 ? 7  DA A C4    1 
ATOM 146 P P     . DC A 1 8  ? 9.273   -5.869  -12.757 1.00 156.60 ? 8  DC A P     1 
ATOM 147 O OP1   . DC A 1 8  ? 9.995   -6.655  -13.782 1.00 151.86 ? 8  DC A OP1   1 
ATOM 148 O OP2   . DC A 1 8  ? 9.435   -4.399  -12.707 1.00 170.41 ? 8  DC A OP2   1 
ATOM 149 O "O5'" . DC A 1 8  ? 7.706   -6.180  -12.880 1.00 137.18 ? 8  DC A "O5'" 1 
ATOM 150 C "C5'" . DC A 1 8  ? 7.246   -7.524  -12.943 1.00 130.95 ? 8  DC A "C5'" 1 
ATOM 151 C "C4'" . DC A 1 8  ? 5.727   -7.575  -12.988 1.00 123.01 ? 8  DC A "C4'" 1 
ATOM 152 O "O4'" . DC A 1 8  ? 5.192   -7.185  -11.712 1.00 120.37 ? 8  DC A "O4'" 1 
ATOM 153 C "C3'" . DC A 1 8  ? 5.077   -6.645  -14.013 1.00 116.64 ? 8  DC A "C3'" 1 
ATOM 154 O "O3'" . DC A 1 8  ? 4.557   -7.404  -15.088 1.00 122.36 ? 8  DC A "O3'" 1 
ATOM 155 C "C2'" . DC A 1 8  ? 3.955   -5.927  -13.240 1.00 112.15 ? 8  DC A "C2'" 1 
ATOM 156 C "C1'" . DC A 1 8  ? 3.904   -6.673  -11.914 1.00 112.47 ? 8  DC A "C1'" 1 
ATOM 157 N N1    . DC A 1 8  ? 3.564   -5.797  -10.763 1.00 107.74 ? 8  DC A N1    1 
ATOM 158 C C2    . DC A 1 8  ? 2.326   -5.937  -10.123 1.00 105.14 ? 8  DC A C2    1 
ATOM 159 O O2    . DC A 1 8  ? 1.525   -6.792  -10.528 1.00 103.97 ? 8  DC A O2    1 
ATOM 160 N N3    . DC A 1 8  ? 2.038   -5.127  -9.071  1.00 102.07 ? 8  DC A N3    1 
ATOM 161 C C4    . DC A 1 8  ? 2.928   -4.217  -8.665  1.00 107.26 ? 8  DC A C4    1 
ATOM 162 N N4    . DC A 1 8  ? 2.600   -3.441  -7.625  1.00 106.97 ? 8  DC A N4    1 
ATOM 163 C C5    . DC A 1 8  ? 4.193   -4.060  -9.307  1.00 106.03 ? 8  DC A C5    1 
ATOM 164 C C6    . DC A 1 8  ? 4.466   -4.864  -10.341 1.00 106.15 ? 8  DC A C6    1 
ATOM 165 P P     . DG A 1 9  ? 3.732   -6.676  -16.256 1.00 136.43 ? 9  DG A P     1 
ATOM 166 O OP1   . DG A 1 9  ? 3.812   -7.517  -17.472 1.00 130.56 ? 9  DG A OP1   1 
ATOM 167 O OP2   . DG A 1 9  ? 4.196   -5.270  -16.294 1.00 133.72 ? 9  DG A OP2   1 
ATOM 168 O "O5'" . DG A 1 9  ? 2.222   -6.705  -15.735 1.00 103.58 ? 9  DG A "O5'" 1 
ATOM 169 C "C5'" . DG A 1 9  ? 1.517   -7.929  -15.706 1.00 106.59 ? 9  DG A "C5'" 1 
ATOM 170 C "C4'" . DG A 1 9  ? 0.155   -7.755  -15.064 1.00 110.97 ? 9  DG A "C4'" 1 
ATOM 171 O "O4'" . DG A 1 9  ? 0.290   -7.033  -13.818 1.00 109.61 ? 9  DG A "O4'" 1 
ATOM 172 C "C3'" . DG A 1 9  ? -0.867  -6.974  -15.894 1.00 103.93 ? 9  DG A "C3'" 1 
ATOM 173 O "O3'" . DG A 1 9  ? -2.040  -7.739  -16.014 1.00 103.00 ? 9  DG A "O3'" 1 
ATOM 174 C "C2'" . DG A 1 9  ? -1.111  -5.697  -15.080 1.00 100.96 ? 9  DG A "C2'" 1 
ATOM 175 C "C1'" . DG A 1 9  ? -0.811  -6.178  -13.675 1.00 99.56  ? 9  DG A "C1'" 1 
ATOM 176 N N9    . DG A 1 9  ? -0.445  -5.119  -12.743 1.00 96.47  ? 9  DG A N9    1 
ATOM 177 C C8    . DG A 1 9  ? 0.765   -4.472  -12.656 1.00 98.87  ? 9  DG A C8    1 
ATOM 178 N N7    . DG A 1 9  ? 0.811   -3.574  -11.711 1.00 94.05  ? 9  DG A N7    1 
ATOM 179 C C5    . DG A 1 9  ? -0.445  -3.635  -11.130 1.00 89.49  ? 9  DG A C5    1 
ATOM 180 C C6    . DG A 1 9  ? -0.979  -2.896  -10.053 1.00 89.87  ? 9  DG A C6    1 
ATOM 181 O O6    . DG A 1 9  ? -0.421  -2.015  -9.386  1.00 94.50  ? 9  DG A O6    1 
ATOM 182 N N1    . DG A 1 9  ? -2.297  -3.266  -9.773  1.00 83.03  ? 9  DG A N1    1 
ATOM 183 C C2    . DG A 1 9  ? -3.006  -4.232  -10.455 1.00 90.71  ? 9  DG A C2    1 
ATOM 184 N N2    . DG A 1 9  ? -4.264  -4.454  -10.044 1.00 88.54  ? 9  DG A N2    1 
ATOM 185 N N3    . DG A 1 9  ? -2.512  -4.936  -11.470 1.00 100.42 ? 9  DG A N3    1 
ATOM 186 C C4    . DG A 1 9  ? -1.234  -4.577  -11.753 1.00 93.96  ? 9  DG A C4    1 
ATOM 187 P P     . DT A 1 10 ? -3.309  -7.147  -16.793 1.00 114.39 ? 10 DT A P     1 
ATOM 188 O OP1   . DT A 1 10 ? -4.137  -8.293  -17.226 1.00 117.80 ? 10 DT A OP1   1 
ATOM 189 O OP2   . DT A 1 10 ? -2.828  -6.151  -17.776 1.00 119.70 ? 10 DT A OP2   1 
ATOM 190 O "O5'" . DT A 1 10 ? -4.127  -6.394  -15.658 1.00 104.45 ? 10 DT A "O5'" 1 
ATOM 191 C "C5'" . DT A 1 10 ? -4.964  -7.137  -14.798 1.00 109.59 ? 10 DT A "C5'" 1 
ATOM 192 C "C4'" . DT A 1 10 ? -6.238  -6.372  -14.521 1.00 110.00 ? 10 DT A "C4'" 1 
ATOM 193 O "O4'" . DT A 1 10 ? -5.989  -5.388  -13.485 1.00 111.66 ? 10 DT A "O4'" 1 
ATOM 194 C "C3'" . DT A 1 10 ? -6.789  -5.602  -15.714 1.00 102.97 ? 10 DT A "C3'" 1 
ATOM 195 O "O3'" . DT A 1 10 ? -8.197  -5.663  -15.714 1.00 107.23 ? 10 DT A "O3'" 1 
ATOM 196 C "C2'" . DT A 1 10 ? -6.283  -4.179  -15.476 1.00 104.48 ? 10 DT A "C2'" 1 
ATOM 197 C "C1'" . DT A 1 10 ? -6.293  -4.096  -13.958 1.00 103.72 ? 10 DT A "C1'" 1 
ATOM 198 N N1    . DT A 1 10 ? -5.284  -3.139  -13.400 1.00 95.87  ? 10 DT A N1    1 
ATOM 199 C C2    . DT A 1 10 ? -5.647  -2.321  -12.352 1.00 95.23  ? 10 DT A C2    1 
ATOM 200 O O2    . DT A 1 10 ? -6.757  -2.332  -11.844 1.00 102.38 ? 10 DT A O2    1 
ATOM 201 N N3    . DT A 1 10 ? -4.657  -1.480  -11.914 1.00 91.59  ? 10 DT A N3    1 
ATOM 202 C C4    . DT A 1 10 ? -3.369  -1.377  -12.409 1.00 95.22  ? 10 DT A C4    1 
ATOM 203 O O4    . DT A 1 10 ? -2.547  -0.588  -11.949 1.00 94.98  ? 10 DT A O4    1 
ATOM 204 C C5    . DT A 1 10 ? -3.054  -2.261  -13.505 1.00 89.90  ? 10 DT A C5    1 
ATOM 205 C C7    . DT A 1 10 ? -1.690  -2.233  -14.119 1.00 80.79  ? 10 DT A C7    1 
ATOM 206 C C6    . DT A 1 10 ? -4.016  -3.090  -13.943 1.00 89.86  ? 10 DT A C6    1 
ATOM 207 P P     . DG A 1 11 ? -9.022  -5.042  -16.941 1.00 129.67 ? 11 DG A P     1 
ATOM 208 O OP1   . DG A 1 11 ? -10.046 -6.034  -17.346 1.00 124.62 ? 11 DG A OP1   1 
ATOM 209 O OP2   . DG A 1 11 ? -8.046  -4.525  -17.930 1.00 116.09 ? 11 DG A OP2   1 
ATOM 210 O "O5'" . DG A 1 11 ? -9.752  -3.777  -16.302 1.00 112.70 ? 11 DG A "O5'" 1 
ATOM 211 C "C5'" . DG A 1 11 ? -10.709 -3.957  -15.271 1.00 110.50 ? 11 DG A "C5'" 1 
ATOM 212 C "C4'" . DG A 1 11 ? -11.155 -2.616  -14.730 1.00 104.72 ? 11 DG A "C4'" 1 
ATOM 213 O "O4'" . DG A 1 11 ? -10.018 -1.934  -14.143 1.00 115.43 ? 11 DG A "O4'" 1 
ATOM 214 C "C3'" . DG A 1 11 ? -11.720 -1.648  -15.768 1.00 99.37  ? 11 DG A "C3'" 1 
ATOM 215 O "O3'" . DG A 1 11 ? -12.711 -0.862  -15.153 1.00 98.38  ? 11 DG A "O3'" 1 
ATOM 216 C "C2'" . DG A 1 11 ? -10.503 -0.805  -16.125 1.00 90.62  ? 11 DG A "C2'" 1 
ATOM 217 C "C1'" . DG A 1 11 ? -9.864  -0.675  -14.757 1.00 95.81  ? 11 DG A "C1'" 1 
ATOM 218 N N9    . DG A 1 11 ? -8.449  -0.349  -14.787 1.00 89.16  ? 11 DG A N9    1 
ATOM 219 C C8    . DG A 1 11 ? -7.502  -0.838  -15.651 1.00 88.03  ? 11 DG A C8    1 
ATOM 220 N N7    . DG A 1 11 ? -6.310  -0.360  -15.431 1.00 84.18  ? 11 DG A N7    1 
ATOM 221 C C5    . DG A 1 11 ? -6.478  0.497   -14.353 1.00 81.34  ? 11 DG A C5    1 
ATOM 222 C C6    . DG A 1 11 ? -5.539  1.296   -13.663 1.00 86.90  ? 11 DG A C6    1 
ATOM 223 O O6    . DG A 1 11 ? -4.321  1.409   -13.880 1.00 87.10  ? 11 DG A O6    1 
ATOM 224 N N1    . DG A 1 11 ? -6.135  2.011   -12.626 1.00 79.31  ? 11 DG A N1    1 
ATOM 225 C C2    . DG A 1 11 ? -7.473  1.960   -12.298 1.00 82.41  ? 11 DG A C2    1 
ATOM 226 N N2    . DG A 1 11 ? -7.867  2.722   -11.267 1.00 81.76  ? 11 DG A N2    1 
ATOM 227 N N3    . DG A 1 11 ? -8.359  1.212   -12.938 1.00 81.23  ? 11 DG A N3    1 
ATOM 228 C C4    . DG A 1 11 ? -7.793  0.511   -13.950 1.00 81.83  ? 11 DG A C4    1 
ATOM 229 P P     . DA A 1 12 ? -13.839 -0.133  -16.025 1.00 100.69 ? 12 DA A P     1 
ATOM 230 O OP1   . DA A 1 12 ? -14.778 -1.180  -16.482 1.00 93.81  ? 12 DA A OP1   1 
ATOM 231 O OP2   . DA A 1 12 ? -13.161 0.754   -17.003 1.00 84.71  ? 12 DA A OP2   1 
ATOM 232 O "O5'" . DA A 1 12 ? -14.600 0.780   -14.951 1.00 91.81  ? 12 DA A "O5'" 1 
ATOM 233 C "C5'" . DA A 1 12 ? -13.913 1.196   -13.764 1.00 88.33  ? 12 DA A "C5'" 1 
ATOM 234 C "C4'" . DA A 1 12 ? -13.468 2.647   -13.857 1.00 82.40  ? 12 DA A "C4'" 1 
ATOM 235 O "O4'" . DA A 1 12 ? -12.046 2.727   -13.673 1.00 76.39  ? 12 DA A "O4'" 1 
ATOM 236 C "C3'" . DA A 1 12 ? -13.709 3.302   -15.197 1.00 96.82  ? 12 DA A "C3'" 1 
ATOM 237 O "O3'" . DA A 1 12 ? -15.020 3.851   -15.236 1.00 89.59  ? 12 DA A "O3'" 1 
ATOM 238 C "C2'" . DA A 1 12 ? -12.639 4.398   -15.247 1.00 84.70  ? 12 DA A "C2'" 1 
ATOM 239 C "C1'" . DA A 1 12 ? -11.574 3.920   -14.257 1.00 72.81  ? 12 DA A "C1'" 1 
ATOM 240 N N9    . DA A 1 12 ? -10.306 3.635   -14.893 1.00 71.67  ? 12 DA A N9    1 
ATOM 241 C C8    . DA A 1 12 ? -10.091 2.754   -15.912 1.00 79.30  ? 12 DA A C8    1 
ATOM 242 N N7    . DA A 1 12 ? -8.840  2.689   -16.294 1.00 80.29  ? 12 DA A N7    1 
ATOM 243 C C5    . DA A 1 12 ? -8.187  3.584   -15.470 1.00 71.63  ? 12 DA A C5    1 
ATOM 244 C C6    . DA A 1 12 ? -6.842  3.978   -15.371 1.00 72.98  ? 12 DA A C6    1 
ATOM 245 N N6    . DA A 1 12 ? -5.872  3.480   -16.157 1.00 67.15  ? 12 DA A N6    1 
ATOM 246 N N1    . DA A 1 12 ? -6.522  4.902   -14.437 1.00 73.15  ? 12 DA A N1    1 
ATOM 247 C C2    . DA A 1 12 ? -7.503  5.391   -13.659 1.00 73.65  ? 12 DA A C2    1 
ATOM 248 N N3    . DA A 1 12 ? -8.807  5.097   -13.660 1.00 63.06  ? 12 DA A N3    1 
ATOM 249 C C4    . DA A 1 12 ? -9.084  4.177   -14.595 1.00 68.65  ? 12 DA A C4    1 
ATOM 250 P P     . DC B 2 1  ? -13.310 19.811  -2.916  1.00 102.82 ? 12 DC B P     1 
ATOM 251 O OP1   . DC B 2 1  ? -13.338 20.415  -4.271  1.00 89.49  ? 12 DC B OP1   1 
ATOM 252 O OP2   . DC B 2 1  ? -14.520 19.148  -2.377  1.00 89.06  ? 12 DC B OP2   1 
ATOM 253 O "O5'" . DC B 2 1  ? -12.088 18.784  -2.834  1.00 80.31  ? 12 DC B "O5'" 1 
ATOM 254 C "C5'" . DC B 2 1  ? -11.412 18.579  -1.602  1.00 95.52  ? 12 DC B "C5'" 1 
ATOM 255 C "C4'" . DC B 2 1  ? -12.391 18.441  -0.444  1.00 83.30  ? 12 DC B "C4'" 1 
ATOM 256 O "O4'" . DC B 2 1  ? -13.183 17.265  -0.629  1.00 72.54  ? 12 DC B "O4'" 1 
ATOM 257 C "C3'" . DC B 2 1  ? -11.728 18.286  0.915   1.00 92.05  ? 12 DC B "C3'" 1 
ATOM 258 O "O3'" . DC B 2 1  ? -11.712 19.524  1.575   1.00 96.95  ? 12 DC B "O3'" 1 
ATOM 259 C "C2'" . DC B 2 1  ? -12.584 17.269  1.673   1.00 84.64  ? 12 DC B "C2'" 1 
ATOM 260 C "C1'" . DC B 2 1  ? -13.542 16.727  0.628   1.00 75.72  ? 12 DC B "C1'" 1 
ATOM 261 N N1    . DC B 2 1  ? -13.543 15.241  0.510   1.00 69.03  ? 12 DC B N1    1 
ATOM 262 C C2    . DC B 2 1  ? -14.042 14.463  1.557   1.00 66.19  ? 12 DC B C2    1 
ATOM 263 O O2    . DC B 2 1  ? -14.448 15.007  2.586   1.00 71.70  ? 12 DC B O2    1 
ATOM 264 N N3    . DC B 2 1  ? -14.063 13.111  1.405   1.00 63.68  ? 12 DC B N3    1 
ATOM 265 C C4    . DC B 2 1  ? -13.620 12.558  0.271   1.00 67.58  ? 12 DC B C4    1 
ATOM 266 N N4    . DC B 2 1  ? -13.659 11.227  0.167   1.00 68.91  ? 12 DC B N4    1 
ATOM 267 C C5    . DC B 2 1  ? -13.115 13.342  -0.799  1.00 62.83  ? 12 DC B C5    1 
ATOM 268 C C6    . DC B 2 1  ? -13.096 14.668  -0.640  1.00 70.80  ? 12 DC B C6    1 
ATOM 269 P P     . DG B 2 2  ? -10.504 19.855  2.565   1.00 108.54 ? 13 DG B P     1 
ATOM 270 O OP1   . DG B 2 2  ? -10.662 21.254  3.026   1.00 113.76 ? 13 DG B OP1   1 
ATOM 271 O OP2   . DG B 2 2  ? -9.269  19.458  1.851   1.00 102.27 ? 13 DG B OP2   1 
ATOM 272 O "O5'" . DG B 2 2  ? -10.730 18.844  3.779   1.00 75.47  ? 13 DG B "O5'" 1 
ATOM 273 C "C5'" . DG B 2 2  ? -11.795 19.054  4.672   1.00 78.19  ? 13 DG B "C5'" 1 
ATOM 274 C "C4'" . DG B 2 2  ? -11.986 17.841  5.552   1.00 86.96  ? 13 DG B "C4'" 1 
ATOM 275 O "O4'" . DG B 2 2  ? -12.183 16.686  4.718   1.00 84.08  ? 13 DG B "O4'" 1 
ATOM 276 C "C3'" . DG B 2 2  ? -10.798 17.506  6.465   1.00 98.10  ? 13 DG B "C3'" 1 
ATOM 277 O "O3'" . DG B 2 2  ? -11.203 17.546  7.827   1.00 107.43 ? 13 DG B "O3'" 1 
ATOM 278 C "C2'" . DG B 2 2  ? -10.385 16.088  6.050   1.00 96.28  ? 13 DG B "C2'" 1 
ATOM 279 C "C1'" . DG B 2 2  ? -11.631 15.570  5.355   1.00 84.66  ? 13 DG B "C1'" 1 
ATOM 280 N N9    . DG B 2 2  ? -11.336 14.576  4.338   1.00 71.13  ? 13 DG B N9    1 
ATOM 281 C C8    . DG B 2 2  ? -10.738 14.803  3.127   1.00 68.23  ? 13 DG B C8    1 
ATOM 282 N N7    . DG B 2 2  ? -10.591 13.729  2.414   1.00 62.73  ? 13 DG B N7    1 
ATOM 283 C C5    . DG B 2 2  ? -11.126 12.725  3.202   1.00 64.81  ? 13 DG B C5    1 
ATOM 284 C C6    . DG B 2 2  ? -11.242 11.353  2.942   1.00 73.08  ? 13 DG B C6    1 
ATOM 285 O O6    . DG B 2 2  ? -10.878 10.742  1.928   1.00 72.56  ? 13 DG B O6    1 
ATOM 286 N N1    . DG B 2 2  ? -11.849 10.672  4.004   1.00 70.27  ? 13 DG B N1    1 
ATOM 287 C C2    . DG B 2 2  ? -12.286 11.265  5.170   1.00 75.74  ? 13 DG B C2    1 
ATOM 288 N N2    . DG B 2 2  ? -12.848 10.451  6.079   1.00 69.99  ? 13 DG B N2    1 
ATOM 289 N N3    . DG B 2 2  ? -12.176 12.566  5.421   1.00 76.52  ? 13 DG B N3    1 
ATOM 290 C C4    . DG B 2 2  ? -11.589 13.232  4.395   1.00 67.13  ? 13 DG B C4    1 
ATOM 291 P P     . DA B 2 3  ? -10.168 17.138  8.986   1.00 109.58 ? 14 DA B P     1 
ATOM 292 O OP1   . DA B 2 3  ? -10.563 17.882  10.203  1.00 108.12 ? 14 DA B OP1   1 
ATOM 293 O OP2   . DA B 2 3  ? -8.800  17.270  8.440   1.00 94.31  ? 14 DA B OP2   1 
ATOM 294 O "O5'" . DA B 2 3  ? -10.456 15.588  9.240   1.00 96.28  ? 14 DA B "O5'" 1 
ATOM 295 C "C5'" . DA B 2 3  ? -11.659 15.193  9.882   1.00 99.57  ? 14 DA B "C5'" 1 
ATOM 296 C "C4'" . DA B 2 3  ? -11.611 13.727  10.278  1.00 105.64 ? 14 DA B "C4'" 1 
ATOM 297 O "O4'" . DA B 2 3  ? -11.495 12.901  9.093   1.00 109.02 ? 14 DA B "O4'" 1 
ATOM 298 C "C3'" . DA B 2 3  ? -10.450 13.329  11.185  1.00 99.20  ? 14 DA B "C3'" 1 
ATOM 299 O "O3'" . DA B 2 3  ? -10.898 12.392  12.145  1.00 99.61  ? 14 DA B "O3'" 1 
ATOM 300 C "C2'" . DA B 2 3  ? -9.447  12.702  10.220  1.00 92.16  ? 14 DA B "C2'" 1 
ATOM 301 C "C1'" . DA B 2 3  ? -10.369 12.057  9.198   1.00 91.38  ? 14 DA B "C1'" 1 
ATOM 302 N N9    . DA B 2 3  ? -9.784  11.943  7.867   1.00 81.75  ? 14 DA B N9    1 
ATOM 303 C C8    . DA B 2 3  ? -9.311  12.960  7.088   1.00 81.21  ? 14 DA B C8    1 
ATOM 304 N N7    . DA B 2 3  ? -8.859  12.566  5.922   1.00 73.61  ? 14 DA B N7    1 
ATOM 305 C C5    . DA B 2 3  ? -9.058  11.197  5.937   1.00 68.52  ? 14 DA B C5    1 
ATOM 306 C C6    . DA B 2 3  ? -8.791  10.192  4.990   1.00 67.62  ? 14 DA B C6    1 
ATOM 307 N N6    . DA B 2 3  ? -8.237  10.435  3.796   1.00 63.22  ? 14 DA B N6    1 
ATOM 308 N N1    . DA B 2 3  ? -9.109  8.922   5.321   1.00 64.64  ? 14 DA B N1    1 
ATOM 309 C C2    . DA B 2 3  ? -9.662  8.685   6.524   1.00 72.32  ? 14 DA B C2    1 
ATOM 310 N N3    . DA B 2 3  ? -9.961  9.552   7.494   1.00 75.75  ? 14 DA B N3    1 
ATOM 311 C C4    . DA B 2 3  ? -9.635  10.801  7.132   1.00 72.05  ? 14 DA B C4    1 
ATOM 312 P P     . DC B 2 4  ? -9.955  11.992  13.378  1.00 119.73 ? 15 DC B P     1 
ATOM 313 O OP1   . DC B 2 4  ? -10.824 11.758  14.554  1.00 112.55 ? 15 DC B OP1   1 
ATOM 314 O OP2   . DC B 2 4  ? -8.851  12.981  13.434  1.00 105.03 ? 15 DC B OP2   1 
ATOM 315 O "O5'" . DC B 2 4  ? -9.346  10.583  12.946  1.00 104.74 ? 15 DC B "O5'" 1 
ATOM 316 C "C5'" . DC B 2 4  ? -10.199 9.463   12.810  1.00 94.70  ? 15 DC B "C5'" 1 
ATOM 317 C "C4'" . DC B 2 4  ? -9.425  8.274   12.276  1.00 96.91  ? 15 DC B "C4'" 1 
ATOM 318 O "O4'" . DC B 2 4  ? -9.073  8.499   10.897  1.00 89.77  ? 15 DC B "O4'" 1 
ATOM 319 C "C3'" . DC B 2 4  ? -8.110  7.978   13.002  1.00 96.95  ? 15 DC B "C3'" 1 
ATOM 320 O "O3'" . DC B 2 4  ? -8.186  6.697   13.616  1.00 103.88 ? 15 DC B "O3'" 1 
ATOM 321 C "C2'" . DC B 2 4  ? -7.037  8.025   11.893  1.00 92.32  ? 15 DC B "C2'" 1 
ATOM 322 C "C1'" . DC B 2 4  ? -7.866  7.838   10.636  1.00 81.43  ? 15 DC B "C1'" 1 
ATOM 323 N N1    . DC B 2 4  ? -7.276  8.435   9.407   1.00 71.85  ? 15 DC B N1    1 
ATOM 324 C C2    . DC B 2 4  ? -6.913  7.607   8.340   1.00 77.87  ? 15 DC B C2    1 
ATOM 325 O O2    . DC B 2 4  ? -7.057  6.384   8.441   1.00 82.18  ? 15 DC B O2    1 
ATOM 326 N N3    . DC B 2 4  ? -6.397  8.174   7.212   1.00 71.24  ? 15 DC B N3    1 
ATOM 327 C C4    . DC B 2 4  ? -6.254  9.502   7.138   1.00 71.66  ? 15 DC B C4    1 
ATOM 328 N N4    . DC B 2 4  ? -5.739  10.014  6.013   1.00 66.01  ? 15 DC B N4    1 
ATOM 329 C C5    . DC B 2 4  ? -6.628  10.357  8.216   1.00 73.71  ? 15 DC B C5    1 
ATOM 330 C C6    . DC B 2 4  ? -7.139  9.787   9.319   1.00 77.00  ? 15 DC B C6    1 
ATOM 331 P P     . DA B 2 5  ? -6.977  6.155   14.520  1.00 121.62 ? 16 DA B P     1 
ATOM 332 O OP1   . DA B 2 5  ? -7.556  5.332   15.612  1.00 115.20 ? 16 DA B OP1   1 
ATOM 333 O OP2   . DA B 2 5  ? -6.093  7.302   14.829  1.00 112.05 ? 16 DA B OP2   1 
ATOM 334 O "O5'" . DA B 2 5  ? -6.186  5.187   13.536  1.00 104.22 ? 16 DA B "O5'" 1 
ATOM 335 C "C5'" . DA B 2 5  ? -6.838  4.054   13.005  1.00 103.35 ? 16 DA B "C5'" 1 
ATOM 336 C "C4'" . DA B 2 5  ? -5.842  3.134   12.329  1.00 107.94 ? 16 DA B "C4'" 1 
ATOM 337 O "O4'" . DA B 2 5  ? -5.427  3.708   11.069  1.00 102.01 ? 16 DA B "O4'" 1 
ATOM 338 C "C3'" . DA B 2 5  ? -4.566  2.867   13.115  1.00 100.54 ? 16 DA B "C3'" 1 
ATOM 339 O "O3'" . DA B 2 5  ? -4.162  1.534   12.904  1.00 103.77 ? 16 DA B "O3'" 1 
ATOM 340 C "C2'" . DA B 2 5  ? -3.568  3.863   12.523  1.00 95.05  ? 16 DA B "C2'" 1 
ATOM 341 C "C1'" . DA B 2 5  ? -4.041  3.984   11.079  1.00 96.77  ? 16 DA B "C1'" 1 
ATOM 342 N N9    . DA B 2 5  ? -3.862  5.318   10.519  1.00 89.48  ? 16 DA B N9    1 
ATOM 343 C C8    . DA B 2 5  ? -4.079  6.508   11.151  1.00 87.16  ? 16 DA B C8    1 
ATOM 344 N N7    . DA B 2 5  ? -3.855  7.557   10.391  1.00 84.66  ? 16 DA B N7    1 
ATOM 345 C C5    . DA B 2 5  ? -3.474  7.011   9.175   1.00 81.97  ? 16 DA B C5    1 
ATOM 346 C C6    . DA B 2 5  ? -3.102  7.594   7.942   1.00 84.65  ? 16 DA B C6    1 
ATOM 347 N N6    . DA B 2 5  ? -3.057  8.913   7.740   1.00 108.73 ? 16 DA B N6    1 
ATOM 348 N N1    . DA B 2 5  ? -2.780  6.761   6.924   1.00 70.18  ? 16 DA B N1    1 
ATOM 349 C C2    . DA B 2 5  ? -2.830  5.437   7.138   1.00 79.48  ? 16 DA B C2    1 
ATOM 350 N N3    . DA B 2 5  ? -3.163  4.776   8.252   1.00 80.82  ? 16 DA B N3    1 
ATOM 351 C C4    . DA B 2 5  ? -3.476  5.628   9.237   1.00 81.80  ? 16 DA B C4    1 
ATOM 352 P P     . DC B 2 6  ? -2.817  0.984   13.576  1.00 118.08 ? 17 DC B P     1 
ATOM 353 O OP1   . DC B 2 6  ? -2.990  -0.478  13.734  1.00 115.98 ? 17 DC B OP1   1 
ATOM 354 O OP2   . DC B 2 6  ? -2.525  1.841   14.749  1.00 114.27 ? 17 DC B OP2   1 
ATOM 355 O "O5'" . DC B 2 6  ? -1.699  1.246   12.462  1.00 111.36 ? 17 DC B "O5'" 1 
ATOM 356 C "C5'" . DC B 2 6  ? -1.821  0.621   11.189  1.00 109.50 ? 17 DC B "C5'" 1 
ATOM 357 C "C4'" . DC B 2 6  ? -0.727  1.079   10.239  1.00 109.41 ? 17 DC B "C4'" 1 
ATOM 358 O "O4'" . DC B 2 6  ? -0.970  2.428   9.826   1.00 98.58  ? 17 DC B "O4'" 1 
ATOM 359 C "C3'" . DC B 2 6  ? 0.687   1.077   10.815  1.00 112.04 ? 17 DC B "C3'" 1 
ATOM 360 O "O3'" . DC B 2 6  ? 1.390   -0.055  10.315  1.00 118.52 ? 17 DC B "O3'" 1 
ATOM 361 C "C2'" . DC B 2 6  ? 1.309   2.407   10.328  1.00 95.87  ? 17 DC B "C2'" 1 
ATOM 362 C "C1'" . DC B 2 6  ? 0.240   2.979   9.397   1.00 86.42  ? 17 DC B "C1'" 1 
ATOM 363 N N1    . DC B 2 6  ? 0.094   4.452   9.468   1.00 82.50  ? 17 DC B N1    1 
ATOM 364 C C2    . DC B 2 6  ? 0.373   5.241   8.341   1.00 78.98  ? 17 DC B C2    1 
ATOM 365 O O2    . DC B 2 6  ? 0.769   4.695   7.298   1.00 77.46  ? 17 DC B O2    1 
ATOM 366 N N3    . DC B 2 6  ? 0.210   6.588   8.430   1.00 71.44  ? 17 DC B N3    1 
ATOM 367 C C4    . DC B 2 6  ? -0.218  7.134   9.573   1.00 79.75  ? 17 DC B C4    1 
ATOM 368 N N4    . DC B 2 6  ? -0.365  8.461   9.616   1.00 83.89  ? 17 DC B N4    1 
ATOM 369 C C5    . DC B 2 6  ? -0.514  6.342   10.719  1.00 83.53  ? 17 DC B C5    1 
ATOM 370 C C6    . DC B 2 6  ? -0.353  5.021   10.621  1.00 82.35  ? 17 DC B C6    1 
ATOM 371 P P     . DT B 2 7  ? 2.877   -0.388  10.817  1.00 130.78 ? 18 DT B P     1 
ATOM 372 O OP1   . DT B 2 7  ? 3.041   -1.858  10.747  1.00 127.07 ? 18 DT B OP1   1 
ATOM 373 O OP2   . DT B 2 7  ? 3.105   0.327   12.093  1.00 133.24 ? 18 DT B OP2   1 
ATOM 374 O "O5'" . DT B 2 7  ? 3.798   0.279   9.702   1.00 103.39 ? 18 DT B "O5'" 1 
ATOM 375 C "C5'" . DT B 2 7  ? 3.512   0.037   8.348   1.00 102.24 ? 18 DT B "C5'" 1 
ATOM 376 C "C4'" . DT B 2 7  ? 4.246   1.022   7.474   1.00 102.86 ? 18 DT B "C4'" 1 
ATOM 377 O "O4'" . DT B 2 7  ? 3.734   2.342   7.706   1.00 88.59  ? 18 DT B "O4'" 1 
ATOM 378 C "C3'" . DT B 2 7  ? 5.754   1.106   7.722   1.00 107.53 ? 18 DT B "C3'" 1 
ATOM 379 O "O3'" . DT B 2 7  ? 6.437   0.716   6.551   1.00 116.32 ? 18 DT B "O3'" 1 
ATOM 380 C "C2'" . DT B 2 7  ? 6.004   2.587   8.063   1.00 105.63 ? 18 DT B "C2'" 1 
ATOM 381 C "C1'" . DT B 2 7  ? 4.771   3.255   7.489   1.00 89.26  ? 18 DT B "C1'" 1 
ATOM 382 N N1    . DT B 2 7  ? 4.379   4.535   8.141   1.00 79.64  ? 18 DT B N1    1 
ATOM 383 C C2    . DT B 2 7  ? 4.416   5.698   7.402   1.00 84.50  ? 18 DT B C2    1 
ATOM 384 O O2    . DT B 2 7  ? 4.795   5.745   6.247   1.00 91.44  ? 18 DT B O2    1 
ATOM 385 N N3    . DT B 2 7  ? 3.998   6.816   8.078   1.00 79.05  ? 18 DT B N3    1 
ATOM 386 C C4    . DT B 2 7  ? 3.547   6.885   9.378   1.00 78.17  ? 18 DT B C4    1 
ATOM 387 O O4    . DT B 2 7  ? 3.189   7.937   9.896   1.00 76.53  ? 18 DT B O4    1 
ATOM 388 C C5    . DT B 2 7  ? 3.520   5.628   10.087  1.00 76.44  ? 18 DT B C5    1 
ATOM 389 C C7    . DT B 2 7  ? 3.050   5.582   11.506  1.00 81.61  ? 18 DT B C7    1 
ATOM 390 C C6    . DT B 2 7  ? 3.926   4.526   9.436   1.00 71.37  ? 18 DT B C6    1 
ATOM 391 P P     . DC B 2 8  ? 7.997   0.362   6.606   1.00 117.89 ? 19 DC B P     1 
ATOM 392 O OP1   . DC B 2 8  ? 8.271   -0.663  5.576   1.00 119.55 ? 19 DC B OP1   1 
ATOM 393 O OP2   . DC B 2 8  ? 8.336   0.102   8.024   1.00 116.05 ? 19 DC B OP2   1 
ATOM 394 O "O5'" . DC B 2 8  ? 8.685   1.723   6.156   1.00 113.48 ? 19 DC B "O5'" 1 
ATOM 395 C "C5'" . DC B 2 8  ? 8.130   2.458   5.083   1.00 117.83 ? 19 DC B "C5'" 1 
ATOM 396 C "C4'" . DC B 2 8  ? 8.816   3.799   4.958   1.00 134.47 ? 19 DC B "C4'" 1 
ATOM 397 O "O4'" . DC B 2 8  ? 8.127   4.780   5.780   1.00 121.54 ? 19 DC B "O4'" 1 
ATOM 398 C "C3'" . DC B 2 8  ? 10.275  3.814   5.422   1.00 130.41 ? 19 DC B "C3'" 1 
ATOM 399 O "O3'" . DC B 2 8  ? 11.046  4.608   4.533   1.00 136.04 ? 19 DC B "O3'" 1 
ATOM 400 C "C2'" . DC B 2 8  ? 10.183  4.452   6.806   1.00 119.84 ? 19 DC B "C2'" 1 
ATOM 401 C "C1'" . DC B 2 8  ? 9.077   5.459   6.569   1.00 115.99 ? 19 DC B "C1'" 1 
ATOM 402 N N1    . DC B 2 8  ? 8.423   5.936   7.813   1.00 107.00 ? 19 DC B N1    1 
ATOM 403 C C2    . DC B 2 8  ? 7.908   7.235   7.863   1.00 108.49 ? 19 DC B C2    1 
ATOM 404 O O2    . DC B 2 8  ? 8.001   7.963   6.861   1.00 107.00 ? 19 DC B O2    1 
ATOM 405 N N3    . DC B 2 8  ? 7.315   7.661   9.009   1.00 103.30 ? 19 DC B N3    1 
ATOM 406 C C4    . DC B 2 8  ? 7.236   6.845   10.065  1.00 96.77  ? 19 DC B C4    1 
ATOM 407 N N4    . DC B 2 8  ? 6.642   7.311   11.170  1.00 97.07  ? 19 DC B N4    1 
ATOM 408 C C5    . DC B 2 8  ? 7.759   5.517   10.033  1.00 96.41  ? 19 DC B C5    1 
ATOM 409 C C6    . DC B 2 8  ? 8.341   5.108   8.898   1.00 100.60 ? 19 DC B C6    1 
ATOM 410 P P     . DA B 2 9  ? 12.652  4.582   4.588   1.00 130.17 ? 20 DA B P     1 
ATOM 411 O OP1   . DA B 2 9  ? 13.112  3.772   3.439   1.00 161.21 ? 20 DA B OP1   1 
ATOM 412 O OP2   . DA B 2 9  ? 13.080  4.236   5.961   1.00 129.00 ? 20 DA B OP2   1 
ATOM 413 O "O5'" . DA B 2 9  ? 13.060  6.106   4.338   1.00 127.26 ? 20 DA B "O5'" 1 
ATOM 414 C "C5'" . DA B 2 9  ? 12.686  6.749   3.123   1.00 134.04 ? 20 DA B "C5'" 1 
ATOM 415 C "C4'" . DA B 2 9  ? 12.423  8.230   3.347   1.00 133.27 ? 20 DA B "C4'" 1 
ATOM 416 O "O4'" . DA B 2 9  ? 11.619  8.407   4.540   1.00 132.61 ? 20 DA B "O4'" 1 
ATOM 417 C "C3'" . DA B 2 9  ? 13.662  9.092   3.558   1.00 133.88 ? 20 DA B "C3'" 1 
ATOM 418 O "O3'" . DA B 2 9  ? 13.433  10.390  3.033   1.00 138.84 ? 20 DA B "O3'" 1 
ATOM 419 C "C2'" . DA B 2 9  ? 13.788  9.125   5.075   1.00 128.96 ? 20 DA B "C2'" 1 
ATOM 420 C "C1'" . DA B 2 9  ? 12.328  9.173   5.492   1.00 125.77 ? 20 DA B "C1'" 1 
ATOM 421 N N9    . DA B 2 9  ? 12.083  8.582   6.796   1.00 123.27 ? 20 DA B N9    1 
ATOM 422 C C8    . DA B 2 9  ? 12.427  7.322   7.196   1.00 124.29 ? 20 DA B C8    1 
ATOM 423 N N7    . DA B 2 9  ? 12.071  7.044   8.428   1.00 122.93 ? 20 DA B N7    1 
ATOM 424 C C5    . DA B 2 9  ? 11.443  8.202   8.861   1.00 118.49 ? 20 DA B C5    1 
ATOM 425 C C6    . DA B 2 9  ? 10.839  8.549   10.081  1.00 115.28 ? 20 DA B C6    1 
ATOM 426 N N6    . DA B 2 9  ? 10.772  7.718   11.129  1.00 108.26 ? 20 DA B N6    1 
ATOM 427 N N1    . DA B 2 9  ? 10.303  9.788   10.182  1.00 116.83 ? 20 DA B N1    1 
ATOM 428 C C2    . DA B 2 9  ? 10.374  10.613  9.126   1.00 119.14 ? 20 DA B C2    1 
ATOM 429 N N3    . DA B 2 9  ? 10.916  10.396  7.930   1.00 119.64 ? 20 DA B N3    1 
ATOM 430 C C4    . DA B 2 9  ? 11.440  9.161   7.859   1.00 121.22 ? 20 DA B C4    1 
ATOM 431 P P     . DT C 3 1  ? 3.570   10.341  -13.055 1.00 124.74 ? 0  DT C P     1 
ATOM 432 O OP1   . DT C 3 1  ? 4.146   9.140   -12.398 1.00 101.00 ? 0  DT C OP1   1 
ATOM 433 O OP2   . DT C 3 1  ? 3.682   10.525  -14.520 1.00 104.25 ? 0  DT C OP2   1 
ATOM 434 O "O5'" . DT C 3 1  ? 2.021   10.411  -12.673 1.00 107.10 ? 0  DT C "O5'" 1 
ATOM 435 C "C5'" . DT C 3 1  ? 1.444   9.354   -11.939 1.00 96.40  ? 0  DT C "C5'" 1 
ATOM 436 C "C4'" . DT C 3 1  ? 0.111   9.751   -11.365 1.00 93.10  ? 0  DT C "C4'" 1 
ATOM 437 O "O4'" . DT C 3 1  ? -0.958  9.238   -12.213 1.00 89.42  ? 0  DT C "O4'" 1 
ATOM 438 C "C3'" . DT C 3 1  ? -0.147  9.158   -9.995  1.00 93.17  ? 0  DT C "C3'" 1 
ATOM 439 O "O3'" . DT C 3 1  ? -1.017  9.999   -9.268  1.00 88.47  ? 0  DT C "O3'" 1 
ATOM 440 C "C2'" . DT C 3 1  ? -0.800  7.830   -10.354 1.00 94.25  ? 0  DT C "C2'" 1 
ATOM 441 C "C1'" . DT C 3 1  ? -1.708  8.276   -11.486 1.00 89.87  ? 0  DT C "C1'" 1 
ATOM 442 N N1    . DT C 3 1  ? -2.110  7.172   -12.412 1.00 85.60  ? 0  DT C N1    1 
ATOM 443 C C2    . DT C 3 1  ? -3.445  6.835   -12.506 1.00 88.34  ? 0  DT C C2    1 
ATOM 444 O O2    . DT C 3 1  ? -4.325  7.381   -11.875 1.00 98.75  ? 0  DT C O2    1 
ATOM 445 N N3    . DT C 3 1  ? -3.707  5.816   -13.391 1.00 79.09  ? 0  DT C N3    1 
ATOM 446 C C4    . DT C 3 1  ? -2.800  5.127   -14.160 1.00 83.52  ? 0  DT C C4    1 
ATOM 447 O O4    . DT C 3 1  ? -3.128  4.225   -14.932 1.00 86.18  ? 0  DT C O4    1 
ATOM 448 C C5    . DT C 3 1  ? -1.421  5.529   -14.009 1.00 81.27  ? 0  DT C C5    1 
ATOM 449 C C7    . DT C 3 1  ? -0.350  4.854   -14.795 1.00 72.00  ? 0  DT C C7    1 
ATOM 450 C C6    . DT C 3 1  ? -1.154  6.521   -13.142 1.00 83.38  ? 0  DT C C6    1 
ATOM 451 P P     . DC C 3 2  ? -1.111  9.865   -7.674  1.00 90.48  ? 1  DC C P     1 
ATOM 452 O OP1   . DC C 3 2  ? -0.812  11.173  -7.050  1.00 97.21  ? 1  DC C OP1   1 
ATOM 453 O OP2   . DC C 3 2  ? -0.318  8.673   -7.301  1.00 89.49  ? 1  DC C OP2   1 
ATOM 454 O "O5'" . DC C 3 2  ? -2.652  9.539   -7.439  1.00 90.48  ? 1  DC C "O5'" 1 
ATOM 455 C "C5'" . DC C 3 2  ? -3.299  8.629   -8.286  1.00 76.93  ? 1  DC C "C5'" 1 
ATOM 456 C "C4'" . DC C 3 2  ? -4.642  8.264   -7.730  1.00 78.22  ? 1  DC C "C4'" 1 
ATOM 457 O "O4'" . DC C 3 2  ? -5.231  7.228   -8.538  1.00 93.29  ? 1  DC C "O4'" 1 
ATOM 458 C "C3'" . DC C 3 2  ? -4.607  7.667   -6.355  1.00 71.19  ? 1  DC C "C3'" 1 
ATOM 459 O "O3'" . DC C 3 2  ? -5.899  7.713   -5.849  1.00 67.32  ? 1  DC C "O3'" 1 
ATOM 460 C "C2'" . DC C 3 2  ? -4.188  6.235   -6.668  1.00 80.81  ? 1  DC C "C2'" 1 
ATOM 461 C "C1'" . DC C 3 2  ? -5.015  5.965   -7.926  1.00 87.79  ? 1  DC C "C1'" 1 
ATOM 462 N N1    . DC C 3 2  ? -4.357  5.109   -8.947  1.00 76.87  ? 1  DC C N1    1 
ATOM 463 C C2    . DC C 3 2  ? -5.139  4.249   -9.716  1.00 79.13  ? 1  DC C C2    1 
ATOM 464 O O2    . DC C 3 2  ? -6.359  4.176   -9.504  1.00 74.76  ? 1  DC C O2    1 
ATOM 465 N N3    . DC C 3 2  ? -4.539  3.499   -10.674 1.00 81.34  ? 1  DC C N3    1 
ATOM 466 C C4    . DC C 3 2  ? -3.224  3.608   -10.876 1.00 86.74  ? 1  DC C C4    1 
ATOM 467 N N4    . DC C 3 2  ? -2.677  2.846   -11.835 1.00 90.33  ? 1  DC C N4    1 
ATOM 468 C C5    . DC C 3 2  ? -2.416  4.494   -10.111 1.00 79.94  ? 1  DC C C5    1 
ATOM 469 C C6    . DC C 3 2  ? -3.020  5.227   -9.169  1.00 72.14  ? 1  DC C C6    1 
ATOM 470 P P     . DA C 3 3  ? -6.167  7.344   -4.326  1.00 78.07  ? 2  DA C P     1 
ATOM 471 O OP1   . DA C 3 3  ? -7.409  8.024   -3.888  1.00 63.38  ? 2  DA C OP1   1 
ATOM 472 O OP2   . DA C 3 3  ? -4.871  7.545   -3.626  1.00 73.98  ? 2  DA C OP2   1 
ATOM 473 O "O5'" . DA C 3 3  ? -6.513  5.802   -4.385  1.00 66.32  ? 2  DA C "O5'" 1 
ATOM 474 C "C5'" . DA C 3 3  ? -7.843  5.388   -4.229  1.00 66.43  ? 2  DA C "C5'" 1 
ATOM 475 C "C4'" . DA C 3 3  ? -7.905  3.895   -4.342  1.00 63.64  ? 2  DA C "C4'" 1 
ATOM 476 O "O4'" . DA C 3 3  ? -7.226  3.516   -5.549  1.00 72.92  ? 2  DA C "O4'" 1 
ATOM 477 C "C3'" . DA C 3 3  ? -7.137  3.182   -3.266  1.00 66.41  ? 2  DA C "C3'" 1 
ATOM 478 O "O3'" . DA C 3 3  ? -7.938  2.998   -2.102  1.00 64.56  ? 2  DA C "O3'" 1 
ATOM 479 C "C2'" . DA C 3 3  ? -6.783  1.867   -3.929  1.00 67.93  ? 2  DA C "C2'" 1 
ATOM 480 C "C1'" . DA C 3 3  ? -6.709  2.222   -5.406  1.00 61.19  ? 2  DA C "C1'" 1 
ATOM 481 N N9    . DA C 3 3  ? -5.357  2.214   -5.931  1.00 68.91  ? 2  DA C N9    1 
ATOM 482 C C8    . DA C 3 3  ? -4.255  2.792   -5.367  1.00 77.76  ? 2  DA C C8    1 
ATOM 483 N N7    . DA C 3 3  ? -3.152  2.624   -6.069  1.00 78.07  ? 2  DA C N7    1 
ATOM 484 C C5    . DA C 3 3  ? -3.570  1.882   -7.164  1.00 77.11  ? 2  DA C C5    1 
ATOM 485 C C6    . DA C 3 3  ? -2.880  1.374   -8.286  1.00 80.69  ? 2  DA C C6    1 
ATOM 486 N N6    . DA C 3 3  ? -1.568  1.549   -8.486  1.00 95.35  ? 2  DA C N6    1 
ATOM 487 N N1    . DA C 3 3  ? -3.600  0.673   -9.194  1.00 82.53  ? 2  DA C N1    1 
ATOM 488 C C2    . DA C 3 3  ? -4.916  0.502   -8.987  1.00 80.83  ? 2  DA C C2    1 
ATOM 489 N N3    . DA C 3 3  ? -5.668  0.931   -7.973  1.00 71.60  ? 2  DA C N3    1 
ATOM 490 C C4    . DA C 3 3  ? -4.928  1.620   -7.090  1.00 74.78  ? 2  DA C C4    1 
ATOM 491 P P     . DT C 3 4  ? -9.474  2.553   -2.213  1.00 79.09  ? 3  DT C P     1 
ATOM 492 O OP1   . DT C 3 4  ? -9.553  1.338   -3.049  1.00 80.59  ? 3  DT C OP1   1 
ATOM 493 O OP2   . DT C 3 4  ? -10.297 3.753   -2.481  1.00 79.99  ? 3  DT C OP2   1 
ATOM 494 O "O5'" . DT C 3 4  ? -9.852  2.117   -0.734  1.00 74.85  ? 3  DT C "O5'" 1 
ATOM 495 C "C5'" . DT C 3 4  ? -9.067  1.178   -0.062  1.00 76.20  ? 3  DT C "C5'" 1 
ATOM 496 C "C4'" . DT C 3 4  ? -8.953  1.558   1.388   1.00 71.86  ? 3  DT C "C4'" 1 
ATOM 497 O "O4'" . DT C 3 4  ? -8.114  2.710   1.495   1.00 62.90  ? 3  DT C "O4'" 1 
ATOM 498 C "C3'" . DT C 3 4  ? -10.246 2.017   2.009   1.00 69.22  ? 3  DT C "C3'" 1 
ATOM 499 O "O3'" . DT C 3 4  ? -11.001 0.923   2.416   1.00 79.51  ? 3  DT C "O3'" 1 
ATOM 500 C "C2'" . DT C 3 4  ? -9.762  2.824   3.195   1.00 60.16  ? 3  DT C "C2'" 1 
ATOM 501 C "C1'" . DT C 3 4  ? -8.443  3.407   2.680   1.00 61.02  ? 3  DT C "C1'" 1 
ATOM 502 N N1    . DT C 3 4  ? -8.497  4.840   2.350   1.00 54.61  ? 3  DT C N1    1 
ATOM 503 C C2    . DT C 3 4  ? -9.031  5.741   3.242   1.00 55.42  ? 3  DT C C2    1 
ATOM 504 O O2    . DT C 3 4  ? -9.492  5.435   4.328   1.00 58.41  ? 3  DT C O2    1 
ATOM 505 N N3    . DT C 3 4  ? -9.014  7.037   2.814   1.00 52.91  ? 3  DT C N3    1 
ATOM 506 C C4    . DT C 3 4  ? -8.517  7.513   1.619   1.00 55.45  ? 3  DT C C4    1 
ATOM 507 O O4    . DT C 3 4  ? -8.544  8.705   1.324   1.00 62.13  ? 3  DT C O4    1 
ATOM 508 C C5    . DT C 3 4  ? -7.968  6.519   0.741   1.00 50.36  ? 3  DT C C5    1 
ATOM 509 C C7    . DT C 3 4  ? -7.398  6.919   -0.584  1.00 66.54  ? 3  DT C C7    1 
ATOM 510 C C6    . DT C 3 4  ? -7.985  5.248   1.141   1.00 52.80  ? 3  DT C C6    1 
ATOM 511 P P     . DC C 3 5  ? -12.529 0.828   1.951   1.00 93.58  ? 4  DC C P     1 
ATOM 512 O OP1   . DC C 3 5  ? -12.936 -0.584  2.124   1.00 84.94  ? 4  DC C OP1   1 
ATOM 513 O OP2   . DC C 3 5  ? -12.639 1.542   0.655   1.00 82.08  ? 4  DC C OP2   1 
ATOM 514 O "O5'" . DC C 3 5  ? -13.300 1.694   3.027   1.00 62.20  ? 4  DC C "O5'" 1 
ATOM 515 C "C5'" . DC C 3 5  ? -13.315 1.263   4.355   1.00 72.56  ? 4  DC C "C5'" 1 
ATOM 516 C "C4'" . DC C 3 5  ? -13.383 2.451   5.263   1.00 80.36  ? 4  DC C "C4'" 1 
ATOM 517 O "O4'" . DC C 3 5  ? -12.574 3.485   4.706   1.00 77.37  ? 4  DC C "O4'" 1 
ATOM 518 C "C3'" . DC C 3 5  ? -14.758 3.064   5.366   1.00 81.48  ? 4  DC C "C3'" 1 
ATOM 519 O "O3'" . DC C 3 5  ? -15.447 2.468   6.443   1.00 102.63 ? 4  DC C "O3'" 1 
ATOM 520 C "C2'" . DC C 3 5  ? -14.478 4.552   5.617   1.00 75.56  ? 4  DC C "C2'" 1 
ATOM 521 C "C1'" . DC C 3 5  ? -13.013 4.720   5.198   1.00 71.18  ? 4  DC C "C1'" 1 
ATOM 522 N N1    . DC C 3 5  ? -12.788 5.728   4.143   1.00 59.26  ? 4  DC C N1    1 
ATOM 523 C C2    . DC C 3 5  ? -12.941 7.082   4.433   1.00 67.19  ? 4  DC C C2    1 
ATOM 524 O O2    . DC C 3 5  ? -13.296 7.430   5.568   1.00 71.53  ? 4  DC C O2    1 
ATOM 525 N N3    . DC C 3 5  ? -12.703 7.987   3.450   1.00 65.89  ? 4  DC C N3    1 
ATOM 526 C C4    . DC C 3 5  ? -12.317 7.573   2.239   1.00 62.19  ? 4  DC C C4    1 
ATOM 527 N N4    . DC C 3 5  ? -12.100 8.499   1.305   1.00 64.96  ? 4  DC C N4    1 
ATOM 528 C C5    . DC C 3 5  ? -12.145 6.198   1.934   1.00 55.00  ? 4  DC C C5    1 
ATOM 529 C C6    . DC C 3 5  ? -12.385 5.315   2.908   1.00 58.19  ? 4  DC C C6    1 
ATOM 530 P P     . DG C 3 6  ? -17.040 2.594   6.541   1.00 119.55 ? 5  DG C P     1 
ATOM 531 O OP1   . DG C 3 6  ? -17.513 1.571   7.501   1.00 116.15 ? 5  DG C OP1   1 
ATOM 532 O OP2   . DG C 3 6  ? -17.597 2.641   5.167   1.00 101.44 ? 5  DG C OP2   1 
ATOM 533 O "O5'" . DG C 3 6  ? -17.248 4.026   7.187   1.00 100.59 ? 5  DG C "O5'" 1 
ATOM 534 C "C5'" . DG C 3 6  ? -18.429 4.723   6.942   1.00 102.98 ? 5  DG C "C5'" 1 
ATOM 535 C "C4'" . DG C 3 6  ? -18.290 6.145   7.410   1.00 95.73  ? 5  DG C "C4'" 1 
ATOM 536 O "O4'" . DG C 3 6  ? -16.937 6.607   7.156   1.00 82.50  ? 5  DG C "O4'" 1 
ATOM 537 C "C3'" . DG C 3 6  ? -19.183 7.134   6.694   1.00 100.30 ? 5  DG C "C3'" 1 
ATOM 538 O "O3'" . DG C 3 6  ? -20.451 7.202   7.338   1.00 94.23  ? 5  DG C "O3'" 1 
ATOM 539 C "C2'" . DG C 3 6  ? -18.386 8.422   6.847   1.00 92.81  ? 5  DG C "C2'" 1 
ATOM 540 C "C1'" . DG C 3 6  ? -16.975 7.918   6.623   1.00 79.10  ? 5  DG C "C1'" 1 
ATOM 541 N N9    . DG C 3 6  ? -16.610 7.845   5.216   1.00 78.74  ? 5  DG C N9    1 
ATOM 542 C C8    . DG C 3 6  ? -16.681 6.741   4.404   1.00 81.74  ? 5  DG C C8    1 
ATOM 543 N N7    . DG C 3 6  ? -16.277 6.963   3.187   1.00 76.07  ? 5  DG C N7    1 
ATOM 544 C C5    . DG C 3 6  ? -15.918 8.300   3.187   1.00 65.99  ? 5  DG C C5    1 
ATOM 545 C C6    . DG C 3 6  ? -15.406 9.098   2.144   1.00 70.21  ? 5  DG C C6    1 
ATOM 546 O O6    . DG C 3 6  ? -15.168 8.767   0.972   1.00 68.91  ? 5  DG C O6    1 
ATOM 547 N N1    . DG C 3 6  ? -15.169 10.402  2.564   1.00 77.48  ? 5  DG C N1    1 
ATOM 548 C C2    . DG C 3 6  ? -15.398 10.877  3.834   1.00 79.94  ? 5  DG C C2    1 
ATOM 549 N N2    . DG C 3 6  ? -15.105 12.170  4.043   1.00 95.76  ? 5  DG C N2    1 
ATOM 550 N N3    . DG C 3 6  ? -15.884 10.135  4.827   1.00 78.81  ? 5  DG C N3    1 
ATOM 551 C C4    . DG C 3 6  ? -16.117 8.861   4.430   1.00 70.75  ? 5  DG C C4    1 
ATOM 552 O "O5'" . DT D 4 1  ? 11.719  7.058   22.288  1.00 157.07 ? 2  DT D "O5'" 1 
ATOM 553 C "C5'" . DT D 4 1  ? 11.607  8.144   23.198  1.00 155.93 ? 2  DT D "C5'" 1 
ATOM 554 C "C4'" . DT D 4 1  ? 11.270  9.420   22.459  1.00 153.01 ? 2  DT D "C4'" 1 
ATOM 555 O "O4'" . DT D 4 1  ? 12.362  9.753   21.583  1.00 147.90 ? 2  DT D "O4'" 1 
ATOM 556 C "C3'" . DT D 4 1  ? 10.054  9.313   21.544  1.00 156.09 ? 2  DT D "C3'" 1 
ATOM 557 O "O3'" . DT D 4 1  ? 8.846   9.768   22.200  1.00 156.77 ? 2  DT D "O3'" 1 
ATOM 558 C "C2'" . DT D 4 1  ? 10.410  10.170  20.329  1.00 151.58 ? 2  DT D "C2'" 1 
ATOM 559 C "C1'" . DT D 4 1  ? 11.869  10.568  20.553  1.00 148.16 ? 2  DT D "C1'" 1 
ATOM 560 N N1    . DT D 4 1  ? 12.690  10.371  19.341  1.00 144.08 ? 2  DT D N1    1 
ATOM 561 C C2    . DT D 4 1  ? 13.079  11.469  18.620  1.00 138.58 ? 2  DT D C2    1 
ATOM 562 O O2    . DT D 4 1  ? 12.810  12.612  18.949  1.00 148.01 ? 2  DT D O2    1 
ATOM 563 N N3    . DT D 4 1  ? 13.812  11.183  17.497  1.00 135.39 ? 2  DT D N3    1 
ATOM 564 C C4    . DT D 4 1  ? 14.170  9.930   17.031  1.00 131.36 ? 2  DT D C4    1 
ATOM 565 O O4    . DT D 4 1  ? 14.834  9.771   16.012  1.00 129.22 ? 2  DT D O4    1 
ATOM 566 C C5    . DT D 4 1  ? 13.716  8.821   17.832  1.00 130.46 ? 2  DT D C5    1 
ATOM 567 C C7    . DT D 4 1  ? 14.043  7.417   17.430  1.00 126.01 ? 2  DT D C7    1 
ATOM 568 C C6    . DT D 4 1  ? 12.998  9.092   18.931  1.00 139.80 ? 2  DT D C6    1 
ATOM 569 P P     . DC D 4 2  ? 8.623   11.302  22.653  1.00 167.73 ? 3  DC D P     1 
ATOM 570 O OP1   . DC D 4 2  ? 9.807   12.160  22.427  1.00 181.49 ? 3  DC D OP1   1 
ATOM 571 O OP2   . DC D 4 2  ? 8.101   11.201  24.032  1.00 176.44 ? 3  DC D OP2   1 
ATOM 572 O "O5'" . DC D 4 2  ? 7.412   11.825  21.733  1.00 158.02 ? 3  DC D "O5'" 1 
ATOM 573 C "C5'" . DC D 4 2  ? 7.562   11.970  20.315  1.00 147.31 ? 3  DC D "C5'" 1 
ATOM 574 C "C4'" . DC D 4 2  ? 8.205   13.300  19.963  1.00 143.25 ? 3  DC D "C4'" 1 
ATOM 575 O "O4'" . DC D 4 2  ? 9.481   13.057  19.315  1.00 141.25 ? 3  DC D "O4'" 1 
ATOM 576 C "C3'" . DC D 4 2  ? 7.397   14.178  19.008  1.00 146.23 ? 3  DC D "C3'" 1 
ATOM 577 O "O3'" . DC D 4 2  ? 7.495   15.557  19.388  1.00 156.36 ? 3  DC D "O3'" 1 
ATOM 578 C "C2'" . DC D 4 2  ? 8.042   13.909  17.653  1.00 139.35 ? 3  DC D "C2'" 1 
ATOM 579 C "C1'" . DC D 4 2  ? 9.489   13.618  18.018  1.00 137.81 ? 3  DC D "C1'" 1 
ATOM 580 N N1    . DC D 4 2  ? 10.121  12.648  17.080  1.00 135.90 ? 3  DC D N1    1 
ATOM 581 C C2    . DC D 4 2  ? 10.793  13.117  15.947  1.00 131.67 ? 3  DC D C2    1 
ATOM 582 O O2    . DC D 4 2  ? 10.873  14.337  15.756  1.00 134.29 ? 3  DC D O2    1 
ATOM 583 N N3    . DC D 4 2  ? 11.346  12.218  15.095  1.00 128.09 ? 3  DC D N3    1 
ATOM 584 C C4    . DC D 4 2  ? 11.239  10.909  15.340  1.00 126.73 ? 3  DC D C4    1 
ATOM 585 N N4    . DC D 4 2  ? 11.802  10.060  14.475  1.00 123.16 ? 3  DC D N4    1 
ATOM 586 C C5    . DC D 4 2  ? 10.551  10.413  16.483  1.00 127.12 ? 3  DC D C5    1 
ATOM 587 C C6    . DC D 4 2  ? 10.004  11.308  17.311  1.00 133.99 ? 3  DC D C6    1 
ATOM 588 P P     . DT D 4 3  ? 7.099   16.741  18.369  1.00 177.06 ? 4  DT D P     1 
ATOM 589 O OP1   . DT D 4 3  ? 8.330   17.115  17.640  1.00 195.75 ? 4  DT D OP1   1 
ATOM 590 O OP2   . DT D 4 3  ? 6.369   17.766  19.145  1.00 199.65 ? 4  DT D OP2   1 
ATOM 591 O "O5'" . DT D 4 3  ? 6.037   16.093  17.359  1.00 152.01 ? 4  DT D "O5'" 1 
ATOM 592 C "C5'" . DT D 4 3  ? 5.502   16.867  16.276  1.00 151.86 ? 4  DT D "C5'" 1 
ATOM 593 C "C4'" . DT D 4 3  ? 6.504   16.991  15.138  1.00 143.30 ? 4  DT D "C4'" 1 
ATOM 594 O "O4'" . DT D 4 3  ? 7.230   15.762  15.003  1.00 133.69 ? 4  DT D "O4'" 1 
ATOM 595 C "C3'" . DT D 4 3  ? 5.887   17.253  13.764  1.00 139.91 ? 4  DT D "C3'" 1 
ATOM 596 O "O3'" . DT D 4 3  ? 6.058   18.612  13.403  1.00 144.49 ? 4  DT D "O3'" 1 
ATOM 597 C "C2'" . DT D 4 3  ? 6.642   16.317  12.806  1.00 128.05 ? 4  DT D "C2'" 1 
ATOM 598 C "C1'" . DT D 4 3  ? 7.699   15.665  13.687  1.00 126.46 ? 4  DT D "C1'" 1 
ATOM 599 N N1    . DT D 4 3  ? 7.941   14.221  13.381  1.00 123.19 ? 4  DT D N1    1 
ATOM 600 C C2    . DT D 4 3  ? 8.601   13.872  12.228  1.00 119.74 ? 4  DT D C2    1 
ATOM 601 O O2    . DT D 4 3  ? 9.001   14.687  11.413  1.00 124.09 ? 4  DT D O2    1 
ATOM 602 N N3    . DT D 4 3  ? 8.782   12.522  12.056  1.00 117.70 ? 4  DT D N3    1 
ATOM 603 C C4    . DT D 4 3  ? 8.377   11.509  12.909  1.00 116.46 ? 4  DT D C4    1 
ATOM 604 O O4    . DT D 4 3  ? 8.583   10.320  12.669  1.00 114.87 ? 4  DT D O4    1 
ATOM 605 C C5    . DT D 4 3  ? 7.695   11.946  14.100  1.00 114.84 ? 4  DT D C5    1 
ATOM 606 C C7    . DT D 4 3  ? 7.208   10.942  15.100  1.00 111.94 ? 4  DT D C7    1 
ATOM 607 C C6    . DT D 4 3  ? 7.513   13.262  14.276  1.00 122.74 ? 4  DT D C6    1 
ATOM 608 P P     . DG D 4 4  ? 4.927   19.357  12.540  1.00 164.42 ? 5  DG D P     1 
ATOM 609 O OP1   . DG D 4 4  ? 5.301   20.786  12.438  1.00 188.30 ? 5  DG D OP1   1 
ATOM 610 O OP2   . DG D 4 4  ? 3.610   18.983  13.104  1.00 191.76 ? 5  DG D OP2   1 
ATOM 611 O "O5'" . DG D 4 4  ? 5.039   18.676  11.099  1.00 151.03 ? 5  DG D "O5'" 1 
ATOM 612 C "C5'" . DG D 4 4  ? 6.207   18.866  10.318  1.00 146.77 ? 5  DG D "C5'" 1 
ATOM 613 C "C4'" . DG D 4 4  ? 6.257   17.873  9.172   1.00 137.24 ? 5  DG D "C4'" 1 
ATOM 614 O "O4'" . DG D 4 4  ? 6.476   16.545  9.688   1.00 127.82 ? 5  DG D "O4'" 1 
ATOM 615 C "C3'" . DG D 4 4  ? 4.988   17.793  8.320   1.00 129.78 ? 5  DG D "C3'" 1 
ATOM 616 O "O3'" . DG D 4 4  ? 5.287   18.181  6.989   1.00 135.52 ? 5  DG D "O3'" 1 
ATOM 617 C "C2'" . DG D 4 4  ? 4.558   16.319  8.404   1.00 122.82 ? 5  DG D "C2'" 1 
ATOM 618 C "C1'" . DG D 4 4  ? 5.831   15.626  8.856   1.00 114.92 ? 5  DG D "C1'" 1 
ATOM 619 N N9    . DG D 4 4  ? 5.592   14.413  9.630   1.00 108.92 ? 5  DG D N9    1 
ATOM 620 C C8    . DG D 4 4  ? 4.926   14.318  10.826  1.00 109.02 ? 5  DG D C8    1 
ATOM 621 N N7    . DG D 4 4  ? 4.875   13.106  11.297  1.00 101.55 ? 5  DG D N7    1 
ATOM 622 C C5    . DG D 4 4  ? 5.548   12.346  10.353  1.00 103.76 ? 5  DG D C5    1 
ATOM 623 C C6    . DG D 4 4  ? 5.810   10.959  10.322  1.00 105.22 ? 5  DG D C6    1 
ATOM 624 O O6    . DG D 4 4  ? 5.487   10.100  11.156  1.00 104.80 ? 5  DG D O6    1 
ATOM 625 N N1    . DG D 4 4  ? 6.524   10.595  9.183   1.00 102.40 ? 5  DG D N1    1 
ATOM 626 C C2    . DG D 4 4  ? 6.933   11.463  8.196   1.00 105.86 ? 5  DG D C2    1 
ATOM 627 N N2    . DG D 4 4  ? 7.611   10.924  7.174   1.00 123.64 ? 5  DG D N2    1 
ATOM 628 N N3    . DG D 4 4  ? 6.691   12.769  8.214   1.00 102.88 ? 5  DG D N3    1 
ATOM 629 C C4    . DG D 4 4  ? 5.998   13.139  9.317   1.00 105.81 ? 5  DG D C4    1 
ATOM 630 P P     . DA D 4 5  ? 4.173   18.079  5.837   1.00 166.02 ? 6  DA D P     1 
ATOM 631 O OP1   . DA D 4 5  ? 4.461   19.134  4.840   1.00 159.76 ? 6  DA D OP1   1 
ATOM 632 O OP2   . DA D 4 5  ? 2.841   18.014  6.477   1.00 146.92 ? 6  DA D OP2   1 
ATOM 633 O "O5'" . DA D 4 5  ? 4.469   16.667  5.159   1.00 145.05 ? 6  DA D "O5'" 1 
ATOM 634 C "C5'" . DA D 4 5  ? 5.791   16.354  4.753   1.00 127.37 ? 6  DA D "C5'" 1 
ATOM 635 C "C4'" . DA D 4 5  ? 5.787   15.240  3.729   1.00 114.11 ? 6  DA D "C4'" 1 
ATOM 636 O "O4'" . DA D 4 5  ? 5.727   13.966  4.406   1.00 113.50 ? 6  DA D "O4'" 1 
ATOM 637 C "C3'" . DA D 4 5  ? 4.616   15.274  2.760   1.00 113.15 ? 6  DA D "C3'" 1 
ATOM 638 O "O3'" . DA D 4 5  ? 5.042   14.927  1.457   1.00 115.61 ? 6  DA D "O3'" 1 
ATOM 639 C "C2'" . DA D 4 5  ? 3.627   14.256  3.322   1.00 105.89 ? 6  DA D "C2'" 1 
ATOM 640 C "C1'" . DA D 4 5  ? 4.490   13.331  4.176   1.00 103.39 ? 6  DA D "C1'" 1 
ATOM 641 N N9    . DA D 4 5  ? 3.873   13.039  5.464   1.00 97.59  ? 6  DA D N9    1 
ATOM 642 C C8    . DA D 4 5  ? 3.252   13.923  6.295   1.00 100.62 ? 6  DA D C8    1 
ATOM 643 N N7    . DA D 4 5  ? 2.772   13.373  7.386   1.00 93.03  ? 6  DA D N7    1 
ATOM 644 C C5    . DA D 4 5  ? 3.098   12.035  7.251   1.00 87.97  ? 6  DA D C5    1 
ATOM 645 C C6    . DA D 4 5  ? 2.869   10.919  8.074   1.00 87.07  ? 6  DA D C6    1 
ATOM 646 N N6    . DA D 4 5  ? 2.227   10.990  9.242   1.00 90.74  ? 6  DA D N6    1 
ATOM 647 N N1    . DA D 4 5  ? 3.330   9.721   7.647   1.00 82.25  ? 6  DA D N1    1 
ATOM 648 C C2    . DA D 4 5  ? 3.969   9.657   6.472   1.00 89.43  ? 6  DA D C2    1 
ATOM 649 N N3    . DA D 4 5  ? 4.239   10.640  5.614   1.00 96.59  ? 6  DA D N3    1 
ATOM 650 C C4    . DA D 4 5  ? 3.775   11.812  6.067   1.00 93.19  ? 6  DA D C4    1 
ATOM 651 P P     . DG D 4 6  ? 3.962   14.789  0.278   1.00 124.44 ? 7  DG D P     1 
ATOM 652 O OP1   . DG D 4 6  ? 4.631   15.158  -0.991  1.00 132.91 ? 7  DG D OP1   1 
ATOM 653 O OP2   . DG D 4 6  ? 2.729   15.505  0.685   1.00 113.89 ? 7  DG D OP2   1 
ATOM 654 O "O5'" . DG D 4 6  ? 3.643   13.228  0.256   1.00 96.88  ? 7  DG D "O5'" 1 
ATOM 655 C "C5'" . DG D 4 6  ? 4.709   12.306  0.256   1.00 97.43  ? 7  DG D "C5'" 1 
ATOM 656 C "C4'" . DG D 4 6  ? 4.203   10.907  0.521   1.00 93.21  ? 7  DG D "C4'" 1 
ATOM 657 O "O4'" . DG D 4 6  ? 3.732   10.818  1.871   1.00 88.98  ? 7  DG D "O4'" 1 
ATOM 658 C "C3'" . DG D 4 6  ? 3.024   10.469  -0.351  1.00 96.32  ? 7  DG D "C3'" 1 
ATOM 659 O "O3'" . DG D 4 6  ? 3.463   9.518   -1.308  1.00 102.30 ? 7  DG D "O3'" 1 
ATOM 660 C "C2'" . DG D 4 6  ? 2.010   9.857   0.639   1.00 84.41  ? 7  DG D "C2'" 1 
ATOM 661 C "C1'" . DG D 4 6  ? 2.812   9.768   1.931   1.00 83.81  ? 7  DG D "C1'" 1 
ATOM 662 N N9    . DG D 4 6  ? 2.015   9.948   3.131   1.00 80.77  ? 7  DG D N9    1 
ATOM 663 C C8    . DG D 4 6  ? 1.507   11.129  3.604   1.00 76.86  ? 7  DG D C8    1 
ATOM 664 N N7    . DG D 4 6  ? 0.837   10.997  4.711   1.00 74.06  ? 7  DG D N7    1 
ATOM 665 C C5    . DG D 4 6  ? 0.907   9.641   4.991   1.00 70.19  ? 7  DG D C5    1 
ATOM 666 C C6    . DG D 4 6  ? 0.364   8.912   6.067   1.00 73.67  ? 7  DG D C6    1 
ATOM 667 O O6    . DG D 4 6  ? -0.312  9.339   7.014   1.00 78.67  ? 7  DG D O6    1 
ATOM 668 N N1    . DG D 4 6  ? 0.669   7.556   5.981   1.00 66.85  ? 7  DG D N1    1 
ATOM 669 C C2    . DG D 4 6  ? 1.405   6.979   4.972   1.00 69.51  ? 7  DG D C2    1 
ATOM 670 N N2    . DG D 4 6  ? 1.595   5.651   5.059   1.00 72.62  ? 7  DG D N2    1 
ATOM 671 N N3    . DG D 4 6  ? 1.923   7.658   3.952   1.00 67.93  ? 7  DG D N3    1 
ATOM 672 C C4    . DG D 4 6  ? 1.635   8.980   4.027   1.00 70.24  ? 7  DG D C4    1 
ATOM 673 P P     . DT D 4 7  ? 2.438   8.963   -2.409  1.00 89.06  ? 8  DT D P     1 
ATOM 674 O OP1   . DT D 4 7  ? 3.217   8.386   -3.523  1.00 96.83  ? 8  DT D OP1   1 
ATOM 675 O OP2   . DT D 4 7  ? 1.441   10.028  -2.656  1.00 89.24  ? 8  DT D OP2   1 
ATOM 676 O "O5'" . DT D 4 7  ? 1.721   7.755   -1.673  1.00 74.96  ? 8  DT D "O5'" 1 
ATOM 677 C "C5'" . DT D 4 7  ? 2.485   6.680   -1.230  1.00 69.02  ? 8  DT D "C5'" 1 
ATOM 678 C "C4'" . DT D 4 7  ? 1.619   5.717   -0.462  1.00 77.26  ? 8  DT D "C4'" 1 
ATOM 679 O "O4'" . DT D 4 7  ? 1.062   6.376   0.693   1.00 75.44  ? 8  DT D "O4'" 1 
ATOM 680 C "C3'" . DT D 4 7  ? 0.418   5.166   -1.237  1.00 75.82  ? 8  DT D "C3'" 1 
ATOM 681 O "O3'" . DT D 4 7  ? 0.520   3.762   -1.305  1.00 86.30  ? 8  DT D "O3'" 1 
ATOM 682 C "C2'" . DT D 4 7  ? -0.804  5.601   -0.402  1.00 74.03  ? 8  DT D "C2'" 1 
ATOM 683 C "C1'" . DT D 4 7  ? -0.171  5.773   0.961   1.00 71.09  ? 8  DT D "C1'" 1 
ATOM 684 N N1    . DT D 4 7  ? -0.918  6.633   1.919   1.00 62.43  ? 8  DT D N1    1 
ATOM 685 C C2    . DT D 4 7  ? -1.452  6.065   3.046   1.00 65.15  ? 8  DT D C2    1 
ATOM 686 O O2    . DT D 4 7  ? -1.379  4.871   3.287   1.00 70.65  ? 8  DT D O2    1 
ATOM 687 N N3    . DT D 4 7  ? -2.090  6.935   3.891   1.00 61.29  ? 8  DT D N3    1 
ATOM 688 C C4    . DT D 4 7  ? -2.236  8.303   3.714   1.00 67.72  ? 8  DT D C4    1 
ATOM 689 O O4    . DT D 4 7  ? -2.833  9.015   4.530   1.00 65.09  ? 8  DT D O4    1 
ATOM 690 C C5    . DT D 4 7  ? -1.640  8.836   2.515   1.00 58.44  ? 8  DT D C5    1 
ATOM 691 C C7    . DT D 4 7  ? -1.728  10.298  2.219   1.00 56.53  ? 8  DT D C7    1 
ATOM 692 C C6    . DT D 4 7  ? -1.010  7.986   1.688   1.00 59.97  ? 8  DT D C6    1 
ATOM 693 P P     . DG D 4 8  ? -0.541  2.944   -2.176  1.00 78.69  ? 9  DG D P     1 
ATOM 694 O OP1   . DG D 4 8  ? 0.041   1.630   -2.536  1.00 79.35  ? 9  DG D OP1   1 
ATOM 695 O OP2   . DG D 4 8  ? -0.948  3.899   -3.238  1.00 69.02  ? 9  DG D OP2   1 
ATOM 696 O "O5'" . DG D 4 8  ? -1.762  2.723   -1.172  1.00 53.05  ? 9  DG D "O5'" 1 
ATOM 697 C "C5'" . DG D 4 8  ? -2.019  1.454   -0.629  1.00 56.94  ? 9  DG D "C5'" 1 
ATOM 698 C "C4'" . DG D 4 8  ? -3.212  1.526   0.300   1.00 66.44  ? 9  DG D "C4'" 1 
ATOM 699 O "O4'" . DG D 4 8  ? -3.201  2.810   0.970   1.00 68.39  ? 9  DG D "O4'" 1 
ATOM 700 C "C3'" . DG D 4 8  ? -4.581  1.439   -0.404  1.00 65.98  ? 9  DG D "C3'" 1 
ATOM 701 O "O3'" . DG D 4 8  ? -5.357  0.352   0.096   1.00 64.84  ? 9  DG D "O3'" 1 
ATOM 702 C "C2'" . DG D 4 8  ? -5.247  2.776   -0.076  1.00 62.36  ? 9  DG D "C2'" 1 
ATOM 703 C "C1'" . DG D 4 8  ? -4.527  3.185   1.190   1.00 59.69  ? 9  DG D "C1'" 1 
ATOM 704 N N9    . DG D 4 8  ? -4.612  4.613   1.441   1.00 59.25  ? 9  DG D N9    1 
ATOM 705 C C8    . DG D 4 8  ? -4.289  5.625   0.568   1.00 62.16  ? 9  DG D C8    1 
ATOM 706 N N7    . DG D 4 8  ? -4.502  6.816   1.052   1.00 53.76  ? 9  DG D N7    1 
ATOM 707 C C5    . DG D 4 8  ? -5.012  6.578   2.316   1.00 48.27  ? 9  DG D C5    1 
ATOM 708 C C6    . DG D 4 8  ? -5.421  7.488   3.300   1.00 56.52  ? 9  DG D C6    1 
ATOM 709 O O6    . DG D 4 8  ? -5.411  8.722   3.241   1.00 65.72  ? 9  DG D O6    1 
ATOM 710 N N1    . DG D 4 8  ? -5.876  6.839   4.445   1.00 54.45  ? 9  DG D N1    1 
ATOM 711 C C2    . DG D 4 8  ? -5.928  5.476   4.611   1.00 58.68  ? 9  DG D C2    1 
ATOM 712 N N2    . DG D 4 8  ? -6.397  5.036   5.787   1.00 64.13  ? 9  DG D N2    1 
ATOM 713 N N3    . DG D 4 8  ? -5.540  4.604   3.684   1.00 56.42  ? 9  DG D N3    1 
ATOM 714 C C4    . DG D 4 8  ? -5.093  5.230   2.566   1.00 54.21  ? 9  DG D C4    1 
ATOM 715 P P     . DC D 4 9  ? -4.997  -1.158  -0.305  1.00 83.29  ? 10 DC D P     1 
ATOM 716 O OP1   . DC D 4 9  ? -4.870  -1.873  0.982   1.00 84.74  ? 10 DC D OP1   1 
ATOM 717 O OP2   . DC D 4 9  ? -3.887  -1.127  -1.277  1.00 74.63  ? 10 DC D OP2   1 
ATOM 718 O "O5'" . DC D 4 9  ? -6.291  -1.736  -1.073  1.00 92.40  ? 10 DC D "O5'" 1 
ATOM 719 C "C5'" . DC D 4 9  ? -7.006  -0.940  -2.006  1.00 76.67  ? 10 DC D "C5'" 1 
ATOM 720 C "C4'" . DC D 4 9  ? -7.195  -1.639  -3.357  1.00 76.25  ? 10 DC D "C4'" 1 
ATOM 721 O "O4'" . DC D 4 9  ? -6.378  -0.988  -4.334  1.00 74.39  ? 10 DC D "O4'" 1 
ATOM 722 C "C3'" . DC D 4 9  ? -6.766  -3.086  -3.446  1.00 84.57  ? 10 DC D "C3'" 1 
ATOM 723 O "O3'" . DC D 4 9  ? -7.810  -3.934  -3.008  1.00 85.82  ? 10 DC D "O3'" 1 
ATOM 724 C "C2'" . DC D 4 9  ? -6.513  -3.262  -4.949  1.00 75.29  ? 10 DC D "C2'" 1 
ATOM 725 C "C1'" . DC D 4 9  ? -6.168  -1.850  -5.420  1.00 65.00  ? 10 DC D "C1'" 1 
ATOM 726 N N1    . DC D 4 9  ? -4.773  -1.686  -5.841  1.00 64.05  ? 10 DC D N1    1 
ATOM 727 C C2    . DC D 4 9  ? -4.373  -2.161  -7.090  1.00 72.36  ? 10 DC D C2    1 
ATOM 728 O O2    . DC D 4 9  ? -5.194  -2.717  -7.816  1.00 74.87  ? 10 DC D O2    1 
ATOM 729 N N3    . DC D 4 9  ? -3.078  -1.994  -7.459  1.00 80.89  ? 10 DC D N3    1 
ATOM 730 C C4    . DC D 4 9  ? -2.214  -1.387  -6.641  1.00 79.22  ? 10 DC D C4    1 
ATOM 731 N N4    . DC D 4 9  ? -0.950  -1.247  -7.048  1.00 79.41  ? 10 DC D N4    1 
ATOM 732 C C5    . DC D 4 9  ? -2.614  -0.894  -5.369  1.00 72.49  ? 10 DC D C5    1 
ATOM 733 C C6    . DC D 4 9  ? -3.893  -1.064  -5.015  1.00 74.80  ? 10 DC D C6    1 
ATOM 734 P P     . DG D 4 10 ? -7.478  -5.439  -2.552  1.00 90.55  ? 11 DG D P     1 
ATOM 735 O OP1   . DG D 4 10 ? -8.734  -6.042  -2.048  1.00 76.82  ? 11 DG D OP1   1 
ATOM 736 O OP2   . DG D 4 10 ? -6.247  -5.413  -1.731  1.00 76.69  ? 11 DG D OP2   1 
ATOM 737 O "O5'" . DG D 4 10 ? -7.056  -6.165  -3.899  1.00 73.68  ? 11 DG D "O5'" 1 
ATOM 738 C "C5'" . DG D 4 10 ? -8.032  -6.529  -4.842  1.00 80.13  ? 11 DG D "C5'" 1 
ATOM 739 C "C4'" . DG D 4 10 ? -7.333  -7.035  -6.070  1.00 86.90  ? 11 DG D "C4'" 1 
ATOM 740 O "O4'" . DG D 4 10 ? -6.299  -6.100  -6.385  1.00 79.38  ? 11 DG D "O4'" 1 
ATOM 741 C "C3'" . DG D 4 10 ? -6.626  -8.357  -5.859  1.00 101.79 ? 11 DG D "C3'" 1 
ATOM 742 O "O3'" . DG D 4 10 ? -7.434  -9.400  -6.355  1.00 117.80 ? 11 DG D "O3'" 1 
ATOM 743 C "C2'" . DG D 4 10 ? -5.317  -8.235  -6.648  1.00 91.66  ? 11 DG D "C2'" 1 
ATOM 744 C "C1'" . DG D 4 10 ? -5.201  -6.750  -6.957  1.00 78.43  ? 11 DG D "C1'" 1 
ATOM 745 N N9    . DG D 4 10 ? -4.011  -6.136  -6.413  1.00 84.68  ? 11 DG D N9    1 
ATOM 746 C C8    . DG D 4 10 ? -3.884  -5.537  -5.183  1.00 85.44  ? 11 DG D C8    1 
ATOM 747 N N7    . DG D 4 10 ? -2.694  -5.051  -4.969  1.00 85.03  ? 11 DG D N7    1 
ATOM 748 C C5    . DG D 4 10 ? -1.994  -5.341  -6.129  1.00 84.62  ? 11 DG D C5    1 
ATOM 749 C C6    . DG D 4 10 ? -0.654  -5.060  -6.483  1.00 95.65  ? 11 DG D C6    1 
ATOM 750 O O6    . DG D 4 10 ? 0.214   -4.474  -5.811  1.00 101.47 ? 11 DG D O6    1 
ATOM 751 N N1    . DG D 4 10 ? -0.350  -5.534  -7.756  1.00 93.44  ? 11 DG D N1    1 
ATOM 752 C C2    . DG D 4 10 ? -1.234  -6.193  -8.581  1.00 93.62  ? 11 DG D C2    1 
ATOM 753 N N2    . DG D 4 10 ? -0.757  -6.580  -9.770  1.00 95.65  ? 11 DG D N2    1 
ATOM 754 N N3    . DG D 4 10 ? -2.491  -6.460  -8.262  1.00 81.85  ? 11 DG D N3    1 
ATOM 755 C C4    . DG D 4 10 ? -2.799  -6.009  -7.027  1.00 81.83  ? 11 DG D C4    1 
ATOM 756 P P     . DT D 4 11 ? -7.070  -10.921 -6.014  1.00 122.38 ? 12 DT D P     1 
ATOM 757 O OP1   . DT D 4 11 ? -8.243  -11.732 -6.411  1.00 111.24 ? 12 DT D OP1   1 
ATOM 758 O OP2   . DT D 4 11 ? -6.565  -10.956 -4.623  1.00 116.72 ? 12 DT D OP2   1 
ATOM 759 O "O5'" . DT D 4 11 ? -5.857  -11.247 -6.998  1.00 90.78  ? 12 DT D "O5'" 1 
ATOM 760 C "C5'" . DT D 4 11 ? -6.061  -11.162 -8.389  1.00 92.08  ? 12 DT D "C5'" 1 
ATOM 761 C "C4'" . DT D 4 11 ? -4.759  -11.350 -9.127  1.00 102.18 ? 12 DT D "C4'" 1 
ATOM 762 O "O4'" . DT D 4 11 ? -3.790  -10.378 -8.658  1.00 96.33  ? 12 DT D "O4'" 1 
ATOM 763 C "C3'" . DT D 4 11 ? -4.102  -12.724 -8.935  1.00 115.68 ? 12 DT D "C3'" 1 
ATOM 764 O "O3'" . DT D 4 11 ? -3.745  -13.273 -10.209 1.00 128.55 ? 12 DT D "O3'" 1 
ATOM 765 C "C2'" . DT D 4 11 ? -2.865  -12.404 -8.095  1.00 108.62 ? 12 DT D "C2'" 1 
ATOM 766 C "C1'" . DT D 4 11 ? -2.546  -11.014 -8.596  1.00 100.13 ? 12 DT D "C1'" 1 
ATOM 767 N N1    . DT D 4 11 ? -1.633  -10.247 -7.711  1.00 99.79  ? 12 DT D N1    1 
ATOM 768 C C2    . DT D 4 11 ? -0.444  -9.792  -8.225  1.00 99.56  ? 12 DT D C2    1 
ATOM 769 O O2    . DT D 4 11 ? -0.107  -9.973  -9.380  1.00 105.25 ? 12 DT D O2    1 
ATOM 770 N N3    . DT D 4 11 ? 0.341   -9.105  -7.338  1.00 99.79  ? 12 DT D N3    1 
ATOM 771 C C4    . DT D 4 11 ? 0.061   -8.837  -6.012  1.00 101.81 ? 12 DT D C4    1 
ATOM 772 O O4    . DT D 4 11 ? 0.835   -8.209  -5.292  1.00 102.15 ? 12 DT D O4    1 
ATOM 773 C C5    . DT D 4 11 ? -1.203  -9.349  -5.532  1.00 95.23  ? 12 DT D C5    1 
ATOM 774 C C7    . DT D 4 11 ? -1.616  -9.123  -4.112  1.00 102.61 ? 12 DT D C7    1 
ATOM 775 C C6    . DT D 4 11 ? -1.979  -10.027 -6.394  1.00 97.21  ? 12 DT D C6    1 
ATOM 776 P P     . DC D 4 12 ? -3.735  -14.863 -10.445 1.00 130.31 ? 13 DC D P     1 
ATOM 777 O OP1   . DC D 4 12 ? -4.553  -15.167 -11.643 1.00 125.40 ? 13 DC D OP1   1 
ATOM 778 O OP2   . DC D 4 12 ? -4.035  -15.510 -9.146  1.00 119.13 ? 13 DC D OP2   1 
ATOM 779 O "O5'" . DC D 4 12 ? -2.218  -15.179 -10.806 1.00 109.67 ? 13 DC D "O5'" 1 
ATOM 780 C "C5'" . DC D 4 12 ? -1.207  -14.710 -9.973  1.00 100.57 ? 13 DC D "C5'" 1 
ATOM 781 C "C4'" . DC D 4 12 ? -0.081  -14.146 -10.790 1.00 112.60 ? 13 DC D "C4'" 1 
ATOM 782 O "O4'" . DC D 4 12 ? 0.483   -13.009 -10.092 1.00 119.77 ? 13 DC D "O4'" 1 
ATOM 783 C "C3'" . DC D 4 12 ? 1.070   -15.110 -11.001 1.00 140.56 ? 13 DC D "C3'" 1 
ATOM 784 O "O3'" . DC D 4 12 ? 1.718   -14.834 -12.236 1.00 159.32 ? 13 DC D "O3'" 1 
ATOM 785 C "C2'" . DC D 4 12 ? 1.967   -14.803 -9.808  1.00 138.52 ? 13 DC D "C2'" 1 
ATOM 786 C "C1'" . DC D 4 12 ? 1.811   -13.296 -9.698  1.00 124.08 ? 13 DC D "C1'" 1 
ATOM 787 N N1    . DC D 4 12 ? 2.012   -12.783 -8.316  1.00 117.88 ? 13 DC D N1    1 
ATOM 788 C C2    . DC D 4 12 ? 3.200   -12.116 -7.987  1.00 119.44 ? 13 DC D C2    1 
ATOM 789 O O2    . DC D 4 12 ? 4.072   -11.961 -8.855  1.00 121.17 ? 13 DC D O2    1 
ATOM 790 N N3    . DC D 4 12 ? 3.361   -11.655 -6.719  1.00 112.53 ? 13 DC D N3    1 
ATOM 791 C C4    . DC D 4 12 ? 2.396   -11.844 -5.814  1.00 107.89 ? 13 DC D C4    1 
ATOM 792 N N4    . DC D 4 12 ? 2.596   -11.373 -4.579  1.00 105.93 ? 13 DC D N4    1 
ATOM 793 C C5    . DC D 4 12 ? 1.185   -12.522 -6.132  1.00 107.47 ? 13 DC D C5    1 
ATOM 794 C C6    . DC D 4 12 ? 1.037   -12.971 -7.381  1.00 107.49 ? 13 DC D C6    1 
ATOM 795 P P     . DT D 4 13 ? 2.689   -15.930 -12.901 1.00 180.92 ? 14 DT D P     1 
ATOM 796 O OP1   . DT D 4 13 ? 3.463   -15.253 -13.967 1.00 181.98 ? 14 DT D OP1   1 
ATOM 797 O OP2   . DT D 4 13 ? 1.877   -17.128 -13.215 1.00 166.79 ? 14 DT D OP2   1 
ATOM 798 O "O5'" . DT D 4 13 ? 3.684   -16.319 -11.716 1.00 156.48 ? 14 DT D "O5'" 1 
ATOM 799 C "C5'" . DT D 4 13 ? 4.971   -16.791 -12.003 1.00 161.98 ? 14 DT D "C5'" 1 
ATOM 800 C "C4'" . DT D 4 13 ? 6.010   -15.991 -11.247 1.00 164.14 ? 14 DT D "C4'" 1 
ATOM 801 O "O4'" . DT D 4 13 ? 5.428   -15.427 -10.043 1.00 156.32 ? 14 DT D "O4'" 1 
ATOM 802 C "C3'" . DT D 4 13 ? 7.229   -16.802 -10.787 1.00 174.65 ? 14 DT D "C3'" 1 
ATOM 803 O "O3'" . DT D 4 13 ? 8.420   -16.219 -11.293 1.00 192.71 ? 14 DT D "O3'" 1 
ATOM 804 C "C2'" . DT D 4 13 ? 7.168   -16.726 -9.259  1.00 160.74 ? 14 DT D "C2'" 1 
ATOM 805 C "C1'" . DT D 4 13 ? 6.419   -15.424 -9.052  1.00 148.41 ? 14 DT D "C1'" 1 
ATOM 806 N N1    . DT D 4 13 ? 5.792   -15.294 -7.701  1.00 134.09 ? 14 DT D N1    1 
ATOM 807 C C2    . DT D 4 13 ? 6.479   -14.630 -6.712  1.00 131.68 ? 14 DT D C2    1 
ATOM 808 O O2    . DT D 4 13 ? 7.577   -14.137 -6.884  1.00 137.69 ? 14 DT D O2    1 
ATOM 809 N N3    . DT D 4 13 ? 5.832   -14.562 -5.508  1.00 123.55 ? 14 DT D N3    1 
ATOM 810 C C4    . DT D 4 13 ? 4.589   -15.082 -5.196  1.00 121.50 ? 14 DT D C4    1 
ATOM 811 O O4    . DT D 4 13 ? 4.091   -14.967 -4.082  1.00 119.57 ? 14 DT D O4    1 
ATOM 812 C C5    . DT D 4 13 ? 3.921   -15.768 -6.278  1.00 122.97 ? 14 DT D C5    1 
ATOM 813 C C7    . DT D 4 13 ? 2.564   -16.374 -6.060  1.00 112.84 ? 14 DT D C7    1 
ATOM 814 C C6    . DT D 4 13 ? 4.548   -15.844 -7.464  1.00 129.88 ? 14 DT D C6    1 
ATOM 815 P P     . DG D 4 14 ? 9.795   -17.051 -11.268 1.00 188.21 ? 15 DG D P     1 
ATOM 816 O OP1   . DG D 4 14 ? 10.605  -16.624 -12.431 1.00 222.96 ? 15 DG D OP1   1 
ATOM 817 O OP2   . DG D 4 14 ? 9.445   -18.479 -11.090 1.00 186.75 ? 15 DG D OP2   1 
ATOM 818 O "O5'" . DG D 4 14 ? 10.528  -16.538 -9.947  1.00 167.45 ? 15 DG D "O5'" 1 
ATOM 819 C "C5'" . DG D 4 14 ? 11.811  -17.039 -9.605  1.00 169.39 ? 15 DG D "C5'" 1 
ATOM 820 C "C4'" . DG D 4 14 ? 12.383  -16.261 -8.438  1.00 166.57 ? 15 DG D "C4'" 1 
ATOM 821 O "O4'" . DG D 4 14 ? 11.336  -15.433 -7.866  1.00 157.99 ? 15 DG D "O4'" 1 
ATOM 822 C "C3'" . DG D 4 14 ? 12.909  -17.121 -7.294  1.00 163.13 ? 15 DG D "C3'" 1 
ATOM 823 O "O3'" . DG D 4 14 ? 14.328  -17.368 -7.460  1.00 168.78 ? 15 DG D "O3'" 1 
ATOM 824 C "C2'" . DG D 4 14 ? 12.586  -16.284 -6.061  1.00 158.32 ? 15 DG D "C2'" 1 
ATOM 825 C "C1'" . DG D 4 14 ? 11.281  -15.618 -6.465  1.00 152.60 ? 15 DG D "C1'" 1 
ATOM 826 N N9    . DG D 4 14 ? 10.087  -16.399 -6.145  1.00 143.50 ? 15 DG D N9    1 
ATOM 827 C C8    . DG D 4 14 ? 9.486   -17.356 -6.925  1.00 147.01 ? 15 DG D C8    1 
ATOM 828 N N7    . DG D 4 14 ? 8.418   -17.876 -6.384  1.00 143.68 ? 15 DG D N7    1 
ATOM 829 C C5    . DG D 4 14 ? 8.301   -17.219 -5.167  1.00 137.23 ? 15 DG D C5    1 
ATOM 830 C C6    . DG D 4 14 ? 7.333   -17.360 -4.139  1.00 131.04 ? 15 DG D C6    1 
ATOM 831 O O6    . DG D 4 14 ? 6.352   -18.125 -4.104  1.00 122.29 ? 15 DG D O6    1 
ATOM 832 N N1    . DG D 4 14 ? 7.588   -16.499 -3.073  1.00 127.92 ? 15 DG D N1    1 
ATOM 833 C C2    . DG D 4 14 ? 8.642   -15.614 -3.009  1.00 129.61 ? 15 DG D C2    1 
ATOM 834 N N2    . DG D 4 14 ? 8.725   -14.865 -1.901  1.00 125.34 ? 15 DG D N2    1 
ATOM 835 N N3    . DG D 4 14 ? 9.554   -15.473 -3.962  1.00 131.76 ? 15 DG D N3    1 
ATOM 836 C C4    . DG D 4 14 ? 9.321   -16.303 -5.006  1.00 136.16 ? 15 DG D C4    1 
ATOM 837 P P     . DC D 4 15 ? 15.458  -16.465 -6.741  1.00 174.77 ? 16 DC D P     1 
ATOM 838 O OP1   . DC D 4 15 ? 15.174  -15.025 -6.931  1.00 177.19 ? 16 DC D OP1   1 
ATOM 839 O OP2   . DC D 4 15 ? 16.753  -16.998 -7.216  1.00 185.04 ? 16 DC D OP2   1 
ATOM 840 O "O5'" . DC D 4 15 ? 15.356  -16.850 -5.191  1.00 164.10 ? 16 DC D "O5'" 1 
ATOM 841 C "C5'" . DC D 4 15 ? 16.167  -16.177 -4.236  1.00 163.96 ? 16 DC D "C5'" 1 
ATOM 842 C "C4'" . DC D 4 15 ? 15.340  -15.722 -3.045  1.00 162.06 ? 16 DC D "C4'" 1 
ATOM 843 O "O4'" . DC D 4 15 ? 13.961  -16.130 -3.219  1.00 158.39 ? 16 DC D "O4'" 1 
ATOM 844 C "C3'" . DC D 4 15 ? 15.784  -16.287 -1.689  1.00 161.08 ? 16 DC D "C3'" 1 
ATOM 845 O "O3'" . DC D 4 15 ? 15.965  -15.226 -0.758  1.00 172.29 ? 16 DC D "O3'" 1 
ATOM 846 C "C2'" . DC D 4 15 ? 14.629  -17.209 -1.277  1.00 150.14 ? 16 DC D "C2'" 1 
ATOM 847 C "C1'" . DC D 4 15 ? 13.458  -16.546 -1.976  1.00 148.76 ? 16 DC D "C1'" 1 
ATOM 848 N N1    . DC D 4 15 ? 12.301  -17.447 -2.207  1.00 140.28 ? 16 DC D N1    1 
ATOM 849 C C2    . DC D 4 15 ? 11.282  -17.506 -1.256  1.00 140.29 ? 16 DC D C2    1 
ATOM 850 O O2    . DC D 4 15 ? 11.371  -16.813 -0.233  1.00 139.92 ? 16 DC D O2    1 
ATOM 851 N N3    . DC D 4 15 ? 10.223  -18.324 -1.480  1.00 137.48 ? 16 DC D N3    1 
ATOM 852 C C4    . DC D 4 15 ? 10.168  -19.056 -2.598  1.00 137.48 ? 16 DC D C4    1 
ATOM 853 N N4    . DC D 4 15 ? 9.106   -19.852 -2.773  1.00 135.63 ? 16 DC D N4    1 
ATOM 854 C C5    . DC D 4 15 ? 11.199  -19.005 -3.581  1.00 135.65 ? 16 DC D C5    1 
ATOM 855 C C6    . DC D 4 15 ? 12.236  -18.196 -3.346  1.00 138.64 ? 16 DC D C6    1 
# 
loop_
_pdbx_poly_seq_scheme.asym_id 
_pdbx_poly_seq_scheme.entity_id 
_pdbx_poly_seq_scheme.seq_id 
_pdbx_poly_seq_scheme.mon_id 
_pdbx_poly_seq_scheme.ndb_seq_num 
_pdbx_poly_seq_scheme.pdb_seq_num 
_pdbx_poly_seq_scheme.auth_seq_num 
_pdbx_poly_seq_scheme.pdb_mon_id 
_pdbx_poly_seq_scheme.auth_mon_id 
_pdbx_poly_seq_scheme.pdb_strand_id 
_pdbx_poly_seq_scheme.pdb_ins_code 
_pdbx_poly_seq_scheme.hetero 
A 1 1  DG 1  1  1  DG DG A . n 
A 1 2  DA 2  2  2  DA DA A . n 
A 1 3  DG 3  3  3  DG DG A . n 
A 1 4  DC 4  4  4  DC DC A . n 
A 1 5  DA 5  5  5  DA DA A . n 
A 1 6  DG 6  6  6  DG DG A . n 
A 1 7  DA 7  7  7  DA DA A . n 
A 1 8  DC 8  8  8  DC DC A . n 
A 1 9  DG 9  9  9  DG DG A . n 
A 1 10 DT 10 10 10 DT DT A . n 
A 1 11 DG 11 11 11 DG DG A . n 
A 1 12 DA 12 12 12 DA DA A . n 
B 2 1  DC 1  12 12 DC DC B . n 
B 2 2  DG 2  13 13 DG DG B . n 
B 2 3  DA 3  14 14 DA DA B . n 
B 2 4  DC 4  15 15 DC DC B . n 
B 2 5  DA 5  16 16 DA DA B . n 
B 2 6  DC 6  17 17 DC DC B . n 
B 2 7  DT 7  18 18 DT DT B . n 
B 2 8  DC 8  19 19 DC DC B . n 
B 2 9  DA 9  20 20 DA DA B . n 
C 3 1  DT 1  0  0  DT DT C . n 
C 3 2  DC 2  1  1  DC DC C . n 
C 3 3  DA 3  2  2  DA DA C . n 
C 3 4  DT 4  3  3  DT DT C . n 
C 3 5  DC 5  4  4  DC DC C . n 
C 3 6  DG 6  5  5  DG DG C . n 
D 4 1  DT 1  2  2  DT DT D . n 
D 4 2  DC 2  3  3  DC DC D . n 
D 4 3  DT 3  4  4  DT DT D . n 
D 4 4  DG 4  5  5  DG DG D . n 
D 4 5  DA 5  6  6  DA DA D . n 
D 4 6  DG 6  7  7  DG DG D . n 
D 4 7  DT 7  8  8  DT DT D . n 
D 4 8  DG 8  9  9  DG DG D . n 
D 4 9  DC 9  10 10 DC DC D . n 
D 4 10 DG 10 11 11 DG DG D . n 
D 4 11 DT 11 12 12 DT DT D . n 
D 4 12 DC 12 13 13 DC DC D . n 
D 4 13 DT 13 14 14 DT DT D . n 
D 4 14 DG 14 15 15 DG DG D . n 
D 4 15 DC 15 16 16 DC DC D . n 
# 
_pdbx_struct_assembly.id                   1 
_pdbx_struct_assembly.details              author_defined_assembly 
_pdbx_struct_assembly.method_details       ? 
_pdbx_struct_assembly.oligomeric_details   tetrameric 
_pdbx_struct_assembly.oligomeric_count     4 
# 
_pdbx_struct_assembly_gen.assembly_id       1 
_pdbx_struct_assembly_gen.oper_expression   1 
_pdbx_struct_assembly_gen.asym_id_list      A,B,C,D 
# 
_pdbx_struct_oper_list.id                   1 
_pdbx_struct_oper_list.type                 'identity operation' 
_pdbx_struct_oper_list.name                 1_555 
_pdbx_struct_oper_list.symmetry_operation   x,y,z 
_pdbx_struct_oper_list.matrix[1][1]         1.0000000000 
_pdbx_struct_oper_list.matrix[1][2]         0.0000000000 
_pdbx_struct_oper_list.matrix[1][3]         0.0000000000 
_pdbx_struct_oper_list.vector[1]            0.0000000000 
_pdbx_struct_oper_list.matrix[2][1]         0.0000000000 
_pdbx_struct_oper_list.matrix[2][2]         1.0000000000 
_pdbx_struct_oper_list.matrix[2][3]         0.0000000000 
_pdbx_struct_oper_list.vector[2]            0.0000000000 
_pdbx_struct_oper_list.matrix[3][1]         0.0000000000 
_pdbx_struct_oper_list.matrix[3][2]         0.0000000000 
_pdbx_struct_oper_list.matrix[3][3]         1.0000000000 
_pdbx_struct_oper_list.vector[3]            0.0000000000 
# 
loop_
_pdbx_audit_revision_history.ordinal 
_pdbx_audit_revision_history.data_content_type 
_pdbx_audit_revision_history.major_revision 
_pdbx_audit_revision_history.minor_revision 
_pdbx_audit_revision_history.revision_date 
1 'Structure model' 1 0 2021-07-14 
2 'Structure model' 1 1 2022-07-06 
3 'Structure model' 1 2 2023-10-18 
# 
_pdbx_audit_revision_details.ordinal             1 
_pdbx_audit_revision_details.revision_ordinal    1 
_pdbx_audit_revision_details.data_content_type   'Structure model' 
_pdbx_audit_revision_details.provider            repository 
_pdbx_audit_revision_details.type                'Initial release' 
_pdbx_audit_revision_details.description         ? 
_pdbx_audit_revision_details.details             ? 
# 
loop_
_pdbx_audit_revision_group.ordinal 
_pdbx_audit_revision_group.revision_ordinal 
_pdbx_audit_revision_group.data_content_type 
_pdbx_audit_revision_group.group 
1 2 'Structure model' 'Database references'    
2 3 'Structure model' 'Data collection'        
3 3 'Structure model' 'Refinement description' 
# 
loop_
_pdbx_audit_revision_category.ordinal 
_pdbx_audit_revision_category.revision_ordinal 
_pdbx_audit_revision_category.data_content_type 
_pdbx_audit_revision_category.category 
1 2 'Structure model' citation                      
2 2 'Structure model' citation_author               
3 2 'Structure model' database_2                    
4 3 'Structure model' chem_comp_atom                
5 3 'Structure model' chem_comp_bond                
6 3 'Structure model' pdbx_initial_refinement_model 
# 
loop_
_pdbx_audit_revision_item.ordinal 
_pdbx_audit_revision_item.revision_ordinal 
_pdbx_audit_revision_item.data_content_type 
_pdbx_audit_revision_item.item 
1  2 'Structure model' '_citation.country'                   
2  2 'Structure model' '_citation.journal_abbrev'            
3  2 'Structure model' '_citation.journal_id_CSD'            
4  2 'Structure model' '_citation.journal_id_ISSN'           
5  2 'Structure model' '_citation.journal_volume'            
6  2 'Structure model' '_citation.page_first'                
7  2 'Structure model' '_citation.page_last'                 
8  2 'Structure model' '_citation.pdbx_database_id_DOI'      
9  2 'Structure model' '_citation.pdbx_database_id_PubMed'   
10 2 'Structure model' '_citation.title'                     
11 2 'Structure model' '_citation.year'                      
12 2 'Structure model' '_database_2.pdbx_DOI'                
13 2 'Structure model' '_database_2.pdbx_database_accession' 
# 
loop_
_software.citation_id 
_software.classification 
_software.compiler_name 
_software.compiler_version 
_software.contact_author 
_software.contact_author_email 
_software.date 
_software.description 
_software.dependencies 
_software.hardware 
_software.language 
_software.location 
_software.mods 
_software.name 
_software.os 
_software.os_version 
_software.type 
_software.version 
_software.pdbx_ordinal 
? 'data reduction'  ? ? ? ? ? ? ? ? ? ? ? HKL-2000    ? ? ? .           1 
? 'data scaling'    ? ? ? ? ? ? ? ? ? ? ? HKL-2000    ? ? ? .           2 
? refinement        ? ? ? ? ? ? ? ? ? ? ? PHENIX      ? ? ? 1.11.1_2575 3 
? 'data extraction' ? ? ? ? ? ? ? ? ? ? ? PDB_EXTRACT ? ? ? 3.25        4 
? phasing           ? ? ? ? ? ? ? ? ? ? ? PHASER      ? ? ? .           5 
# 
_pdbx_validate_rmsd_angle.id                         1 
_pdbx_validate_rmsd_angle.PDB_model_num              1 
_pdbx_validate_rmsd_angle.auth_atom_id_1             "O4'" 
_pdbx_validate_rmsd_angle.auth_asym_id_1             D 
_pdbx_validate_rmsd_angle.auth_comp_id_1             DG 
_pdbx_validate_rmsd_angle.auth_seq_id_1              9 
_pdbx_validate_rmsd_angle.PDB_ins_code_1             ? 
_pdbx_validate_rmsd_angle.label_alt_id_1             ? 
_pdbx_validate_rmsd_angle.auth_atom_id_2             "C1'" 
_pdbx_validate_rmsd_angle.auth_asym_id_2             D 
_pdbx_validate_rmsd_angle.auth_comp_id_2             DG 
_pdbx_validate_rmsd_angle.auth_seq_id_2              9 
_pdbx_validate_rmsd_angle.PDB_ins_code_2             ? 
_pdbx_validate_rmsd_angle.label_alt_id_2             ? 
_pdbx_validate_rmsd_angle.auth_atom_id_3             N9 
_pdbx_validate_rmsd_angle.auth_asym_id_3             D 
_pdbx_validate_rmsd_angle.auth_comp_id_3             DG 
_pdbx_validate_rmsd_angle.auth_seq_id_3              9 
_pdbx_validate_rmsd_angle.PDB_ins_code_3             ? 
_pdbx_validate_rmsd_angle.label_alt_id_3             ? 
_pdbx_validate_rmsd_angle.angle_value                110.27 
_pdbx_validate_rmsd_angle.angle_target_value         108.30 
_pdbx_validate_rmsd_angle.angle_deviation            1.97 
_pdbx_validate_rmsd_angle.angle_standard_deviation   0.30 
_pdbx_validate_rmsd_angle.linker_flag                N 
# 
loop_
_chem_comp_atom.comp_id 
_chem_comp_atom.atom_id 
_chem_comp_atom.type_symbol 
_chem_comp_atom.pdbx_aromatic_flag 
_chem_comp_atom.pdbx_stereo_config 
_chem_comp_atom.pdbx_ordinal 
DA OP3    O N N 1   
DA P      P N N 2   
DA OP1    O N N 3   
DA OP2    O N N 4   
DA "O5'"  O N N 5   
DA "C5'"  C N N 6   
DA "C4'"  C N R 7   
DA "O4'"  O N N 8   
DA "C3'"  C N S 9   
DA "O3'"  O N N 10  
DA "C2'"  C N N 11  
DA "C1'"  C N R 12  
DA N9     N Y N 13  
DA C8     C Y N 14  
DA N7     N Y N 15  
DA C5     C Y N 16  
DA C6     C Y N 17  
DA N6     N N N 18  
DA N1     N Y N 19  
DA C2     C Y N 20  
DA N3     N Y N 21  
DA C4     C Y N 22  
DA HOP3   H N N 23  
DA HOP2   H N N 24  
DA "H5'"  H N N 25  
DA "H5''" H N N 26  
DA "H4'"  H N N 27  
DA "H3'"  H N N 28  
DA "HO3'" H N N 29  
DA "H2'"  H N N 30  
DA "H2''" H N N 31  
DA "H1'"  H N N 32  
DA H8     H N N 33  
DA H61    H N N 34  
DA H62    H N N 35  
DA H2     H N N 36  
DC OP3    O N N 37  
DC P      P N N 38  
DC OP1    O N N 39  
DC OP2    O N N 40  
DC "O5'"  O N N 41  
DC "C5'"  C N N 42  
DC "C4'"  C N R 43  
DC "O4'"  O N N 44  
DC "C3'"  C N S 45  
DC "O3'"  O N N 46  
DC "C2'"  C N N 47  
DC "C1'"  C N R 48  
DC N1     N N N 49  
DC C2     C N N 50  
DC O2     O N N 51  
DC N3     N N N 52  
DC C4     C N N 53  
DC N4     N N N 54  
DC C5     C N N 55  
DC C6     C N N 56  
DC HOP3   H N N 57  
DC HOP2   H N N 58  
DC "H5'"  H N N 59  
DC "H5''" H N N 60  
DC "H4'"  H N N 61  
DC "H3'"  H N N 62  
DC "HO3'" H N N 63  
DC "H2'"  H N N 64  
DC "H2''" H N N 65  
DC "H1'"  H N N 66  
DC H41    H N N 67  
DC H42    H N N 68  
DC H5     H N N 69  
DC H6     H N N 70  
DG OP3    O N N 71  
DG P      P N N 72  
DG OP1    O N N 73  
DG OP2    O N N 74  
DG "O5'"  O N N 75  
DG "C5'"  C N N 76  
DG "C4'"  C N R 77  
DG "O4'"  O N N 78  
DG "C3'"  C N S 79  
DG "O3'"  O N N 80  
DG "C2'"  C N N 81  
DG "C1'"  C N R 82  
DG N9     N Y N 83  
DG C8     C Y N 84  
DG N7     N Y N 85  
DG C5     C Y N 86  
DG C6     C N N 87  
DG O6     O N N 88  
DG N1     N N N 89  
DG C2     C N N 90  
DG N2     N N N 91  
DG N3     N N N 92  
DG C4     C Y N 93  
DG HOP3   H N N 94  
DG HOP2   H N N 95  
DG "H5'"  H N N 96  
DG "H5''" H N N 97  
DG "H4'"  H N N 98  
DG "H3'"  H N N 99  
DG "HO3'" H N N 100 
DG "H2'"  H N N 101 
DG "H2''" H N N 102 
DG "H1'"  H N N 103 
DG H8     H N N 104 
DG H1     H N N 105 
DG H21    H N N 106 
DG H22    H N N 107 
DT OP3    O N N 108 
DT P      P N N 109 
DT OP1    O N N 110 
DT OP2    O N N 111 
DT "O5'"  O N N 112 
DT "C5'"  C N N 113 
DT "C4'"  C N R 114 
DT "O4'"  O N N 115 
DT "C3'"  C N S 116 
DT "O3'"  O N N 117 
DT "C2'"  C N N 118 
DT "C1'"  C N R 119 
DT N1     N N N 120 
DT C2     C N N 121 
DT O2     O N N 122 
DT N3     N N N 123 
DT C4     C N N 124 
DT O4     O N N 125 
DT C5     C N N 126 
DT C7     C N N 127 
DT C6     C N N 128 
DT HOP3   H N N 129 
DT HOP2   H N N 130 
DT "H5'"  H N N 131 
DT "H5''" H N N 132 
DT "H4'"  H N N 133 
DT "H3'"  H N N 134 
DT "HO3'" H N N 135 
DT "H2'"  H N N 136 
DT "H2''" H N N 137 
DT "H1'"  H N N 138 
DT H3     H N N 139 
DT H71    H N N 140 
DT H72    H N N 141 
DT H73    H N N 142 
DT H6     H N N 143 
# 
loop_
_chem_comp_bond.comp_id 
_chem_comp_bond.atom_id_1 
_chem_comp_bond.atom_id_2 
_chem_comp_bond.value_order 
_chem_comp_bond.pdbx_aromatic_flag 
_chem_comp_bond.pdbx_stereo_config 
_chem_comp_bond.pdbx_ordinal 
DA OP3   P      sing N N 1   
DA OP3   HOP3   sing N N 2   
DA P     OP1    doub N N 3   
DA P     OP2    sing N N 4   
DA P     "O5'"  sing N N 5   
DA OP2   HOP2   sing N N 6   
DA "O5'" "C5'"  sing N N 7   
DA "C5'" "C4'"  sing N N 8   
DA "C5'" "H5'"  sing N N 9   
DA "C5'" "H5''" sing N N 10  
DA "C4'" "O4'"  sing N N 11  
DA "C4'" "C3'"  sing N N 12  
DA "C4'" "H4'"  sing N N 13  
DA "O4'" "C1'"  sing N N 14  
DA "C3'" "O3'"  sing N N 15  
DA "C3'" "C2'"  sing N N 16  
DA "C3'" "H3'"  sing N N 17  
DA "O3'" "HO3'" sing N N 18  
DA "C2'" "C1'"  sing N N 19  
DA "C2'" "H2'"  sing N N 20  
DA "C2'" "H2''" sing N N 21  
DA "C1'" N9     sing N N 22  
DA "C1'" "H1'"  sing N N 23  
DA N9    C8     sing Y N 24  
DA N9    C4     sing Y N 25  
DA C8    N7     doub Y N 26  
DA C8    H8     sing N N 27  
DA N7    C5     sing Y N 28  
DA C5    C6     sing Y N 29  
DA C5    C4     doub Y N 30  
DA C6    N6     sing N N 31  
DA C6    N1     doub Y N 32  
DA N6    H61    sing N N 33  
DA N6    H62    sing N N 34  
DA N1    C2     sing Y N 35  
DA C2    N3     doub Y N 36  
DA C2    H2     sing N N 37  
DA N3    C4     sing Y N 38  
DC OP3   P      sing N N 39  
DC OP3   HOP3   sing N N 40  
DC P     OP1    doub N N 41  
DC P     OP2    sing N N 42  
DC P     "O5'"  sing N N 43  
DC OP2   HOP2   sing N N 44  
DC "O5'" "C5'"  sing N N 45  
DC "C5'" "C4'"  sing N N 46  
DC "C5'" "H5'"  sing N N 47  
DC "C5'" "H5''" sing N N 48  
DC "C4'" "O4'"  sing N N 49  
DC "C4'" "C3'"  sing N N 50  
DC "C4'" "H4'"  sing N N 51  
DC "O4'" "C1'"  sing N N 52  
DC "C3'" "O3'"  sing N N 53  
DC "C3'" "C2'"  sing N N 54  
DC "C3'" "H3'"  sing N N 55  
DC "O3'" "HO3'" sing N N 56  
DC "C2'" "C1'"  sing N N 57  
DC "C2'" "H2'"  sing N N 58  
DC "C2'" "H2''" sing N N 59  
DC "C1'" N1     sing N N 60  
DC "C1'" "H1'"  sing N N 61  
DC N1    C2     sing N N 62  
DC N1    C6     sing N N 63  
DC C2    O2     doub N N 64  
DC C2    N3     sing N N 65  
DC N3    C4     doub N N 66  
DC C4    N4     sing N N 67  
DC C4    C5     sing N N 68  
DC N4    H41    sing N N 69  
DC N4    H42    sing N N 70  
DC C5    C6     doub N N 71  
DC C5    H5     sing N N 72  
DC C6    H6     sing N N 73  
DG OP3   P      sing N N 74  
DG OP3   HOP3   sing N N 75  
DG P     OP1    doub N N 76  
DG P     OP2    sing N N 77  
DG P     "O5'"  sing N N 78  
DG OP2   HOP2   sing N N 79  
DG "O5'" "C5'"  sing N N 80  
DG "C5'" "C4'"  sing N N 81  
DG "C5'" "H5'"  sing N N 82  
DG "C5'" "H5''" sing N N 83  
DG "C4'" "O4'"  sing N N 84  
DG "C4'" "C3'"  sing N N 85  
DG "C4'" "H4'"  sing N N 86  
DG "O4'" "C1'"  sing N N 87  
DG "C3'" "O3'"  sing N N 88  
DG "C3'" "C2'"  sing N N 89  
DG "C3'" "H3'"  sing N N 90  
DG "O3'" "HO3'" sing N N 91  
DG "C2'" "C1'"  sing N N 92  
DG "C2'" "H2'"  sing N N 93  
DG "C2'" "H2''" sing N N 94  
DG "C1'" N9     sing N N 95  
DG "C1'" "H1'"  sing N N 96  
DG N9    C8     sing Y N 97  
DG N9    C4     sing Y N 98  
DG C8    N7     doub Y N 99  
DG C8    H8     sing N N 100 
DG N7    C5     sing Y N 101 
DG C5    C6     sing N N 102 
DG C5    C4     doub Y N 103 
DG C6    O6     doub N N 104 
DG C6    N1     sing N N 105 
DG N1    C2     sing N N 106 
DG N1    H1     sing N N 107 
DG C2    N2     sing N N 108 
DG C2    N3     doub N N 109 
DG N2    H21    sing N N 110 
DG N2    H22    sing N N 111 
DG N3    C4     sing N N 112 
DT OP3   P      sing N N 113 
DT OP3   HOP3   sing N N 114 
DT P     OP1    doub N N 115 
DT P     OP2    sing N N 116 
DT P     "O5'"  sing N N 117 
DT OP2   HOP2   sing N N 118 
DT "O5'" "C5'"  sing N N 119 
DT "C5'" "C4'"  sing N N 120 
DT "C5'" "H5'"  sing N N 121 
DT "C5'" "H5''" sing N N 122 
DT "C4'" "O4'"  sing N N 123 
DT "C4'" "C3'"  sing N N 124 
DT "C4'" "H4'"  sing N N 125 
DT "O4'" "C1'"  sing N N 126 
DT "C3'" "O3'"  sing N N 127 
DT "C3'" "C2'"  sing N N 128 
DT "C3'" "H3'"  sing N N 129 
DT "O3'" "HO3'" sing N N 130 
DT "C2'" "C1'"  sing N N 131 
DT "C2'" "H2'"  sing N N 132 
DT "C2'" "H2''" sing N N 133 
DT "C1'" N1     sing N N 134 
DT "C1'" "H1'"  sing N N 135 
DT N1    C2     sing N N 136 
DT N1    C6     sing N N 137 
DT C2    O2     doub N N 138 
DT C2    N3     sing N N 139 
DT N3    C4     sing N N 140 
DT N3    H3     sing N N 141 
DT C4    O4     doub N N 142 
DT C4    C5     sing N N 143 
DT C5    C7     sing N N 144 
DT C5    C6     doub N N 145 
DT C7    H71    sing N N 146 
DT C7    H72    sing N N 147 
DT C7    H73    sing N N 148 
DT C6    H6     sing N N 149 
# 
loop_
_ndb_struct_conf_na.entry_id 
_ndb_struct_conf_na.feature 
7JHV 'double helix'        
7JHV 'a-form double helix' 
7JHV 'b-form double helix' 
# 
loop_
_ndb_struct_na_base_pair.model_number 
_ndb_struct_na_base_pair.i_label_asym_id 
_ndb_struct_na_base_pair.i_label_comp_id 
_ndb_struct_na_base_pair.i_label_seq_id 
_ndb_struct_na_base_pair.i_symmetry 
_ndb_struct_na_base_pair.j_label_asym_id 
_ndb_struct_na_base_pair.j_label_comp_id 
_ndb_struct_na_base_pair.j_label_seq_id 
_ndb_struct_na_base_pair.j_symmetry 
_ndb_struct_na_base_pair.shear 
_ndb_struct_na_base_pair.stretch 
_ndb_struct_na_base_pair.stagger 
_ndb_struct_na_base_pair.buckle 
_ndb_struct_na_base_pair.propeller 
_ndb_struct_na_base_pair.opening 
_ndb_struct_na_base_pair.pair_number 
_ndb_struct_na_base_pair.pair_name 
_ndb_struct_na_base_pair.i_auth_asym_id 
_ndb_struct_na_base_pair.i_auth_seq_id 
_ndb_struct_na_base_pair.i_PDB_ins_code 
_ndb_struct_na_base_pair.j_auth_asym_id 
_ndb_struct_na_base_pair.j_auth_seq_id 
_ndb_struct_na_base_pair.j_PDB_ins_code 
_ndb_struct_na_base_pair.hbond_type_28 
_ndb_struct_na_base_pair.hbond_type_12 
1 A DG 3  1_555 D DC 15 1_555 0.089  -0.344 0.652  9.408   -5.891  0.386   1  A_DG3:DC16_D A 3  ? D 16 ? 19 1 
1 A DC 4  1_555 D DG 14 1_555 -1.361 -0.177 0.677  12.549  -13.400 2.687   2  A_DC4:DG15_D A 4  ? D 15 ? 19 1 
1 A DA 5  1_555 D DT 13 1_555 0.350  0.729  1.264  15.258  -12.710 -16.666 3  A_DA5:DT14_D A 5  ? D 14 ? ?  ? 
1 A DG 6  1_555 D DC 12 1_555 1.720  0.010  0.770  10.127  -21.456 -8.044  4  A_DG6:DC13_D A 6  ? D 13 ? 19 1 
1 A DA 7  1_555 D DT 11 1_555 0.961  -0.019 -0.106 -2.346  -23.906 -15.711 5  A_DA7:DT12_D A 7  ? D 12 ? 20 1 
1 A DC 8  1_555 D DG 10 1_555 0.041  -0.172 0.384  -0.747  -18.968 7.003   6  A_DC8:DG11_D A 8  ? D 11 ? 19 1 
1 A DG 9  1_555 D DC 9  1_555 -0.286 -0.373 -0.061 -11.242 -13.886 -7.898  7  A_DG9:DC10_D A 9  ? D 10 ? 19 1 
1 A DT 10 1_555 C DA 3  1_555 -1.978 0.337  0.437  -10.102 -9.341  11.982  8  A_DT10:DA2_C A 10 ? C 2  ? ?  ? 
1 A DG 11 1_555 C DC 2  1_555 0.040  -0.091 0.488  1.843   -2.256  1.075   9  A_DG11:DC1_C A 11 ? C 1  ? 19 1 
1 A DA 12 1_555 C DT 1  1_555 0.633  0.113  0.517  -0.559  -6.054  -6.128  10 A_DA12:DT0_C A 12 ? C 0  ? 20 1 
1 B DC 1  1_555 C DG 6  1_555 -1.277 -0.033 0.369  -3.144  -12.836 -7.120  11 B_DC12:DG5_C B 12 ? C 5  ? 19 1 
1 B DG 2  1_555 C DC 5  1_555 0.232  -0.342 1.085  12.067  -7.850  -12.007 12 B_DG13:DC4_C B 13 ? C 4  ? 19 1 
1 B DA 3  1_555 C DT 4  1_555 -0.222 -0.101 1.180  12.579  -7.127  -9.668  13 B_DA14:DT3_C B 14 ? C 3  ? 20 1 
1 B DC 4  1_555 D DG 8  1_555 -0.393 0.059  0.542  2.067   -4.805  -2.714  14 B_DC15:DG9_D B 15 ? D 9  ? 19 1 
1 B DA 5  1_555 D DT 7  1_555 1.010  0.061  0.805  10.227  -10.937 -4.336  15 B_DA16:DT8_D B 16 ? D 8  ? 20 1 
1 B DC 6  1_555 D DG 6  1_555 0.620  -0.541 0.493  7.617   -12.039 -2.012  16 B_DC17:DG7_D B 17 ? D 7  ? 19 1 
1 B DT 7  1_555 D DA 5  1_555 -1.430 -0.133 0.319  3.576   -8.588  1.999   17 B_DT18:DA6_D B 18 ? D 6  ? 20 1 
1 B DC 8  1_555 D DG 4  1_555 0.220  0.005  -0.104 7.490   -12.113 -1.359  18 B_DC19:DG5_D B 19 ? D 5  ? 19 1 
1 B DA 9  1_555 D DT 3  1_555 1.998  0.319  0.156  0.196   -18.940 -3.871  19 B_DA20:DT4_D B 20 ? D 4  ? 20 1 
# 
loop_
_ndb_struct_na_base_pair_step.model_number 
_ndb_struct_na_base_pair_step.i_label_asym_id_1 
_ndb_struct_na_base_pair_step.i_label_comp_id_1 
_ndb_struct_na_base_pair_step.i_label_seq_id_1 
_ndb_struct_na_base_pair_step.i_symmetry_1 
_ndb_struct_na_base_pair_step.j_label_asym_id_1 
_ndb_struct_na_base_pair_step.j_label_comp_id_1 
_ndb_struct_na_base_pair_step.j_label_seq_id_1 
_ndb_struct_na_base_pair_step.j_symmetry_1 
_ndb_struct_na_base_pair_step.i_label_asym_id_2 
_ndb_struct_na_base_pair_step.i_label_comp_id_2 
_ndb_struct_na_base_pair_step.i_label_seq_id_2 
_ndb_struct_na_base_pair_step.i_symmetry_2 
_ndb_struct_na_base_pair_step.j_label_asym_id_2 
_ndb_struct_na_base_pair_step.j_label_comp_id_2 
_ndb_struct_na_base_pair_step.j_label_seq_id_2 
_ndb_struct_na_base_pair_step.j_symmetry_2 
_ndb_struct_na_base_pair_step.shift 
_ndb_struct_na_base_pair_step.slide 
_ndb_struct_na_base_pair_step.rise 
_ndb_struct_na_base_pair_step.tilt 
_ndb_struct_na_base_pair_step.roll 
_ndb_struct_na_base_pair_step.twist 
_ndb_struct_na_base_pair_step.x_displacement 
_ndb_struct_na_base_pair_step.y_displacement 
_ndb_struct_na_base_pair_step.helical_rise 
_ndb_struct_na_base_pair_step.inclination 
_ndb_struct_na_base_pair_step.tip 
_ndb_struct_na_base_pair_step.helical_twist 
_ndb_struct_na_base_pair_step.step_number 
_ndb_struct_na_base_pair_step.step_name 
_ndb_struct_na_base_pair_step.i_auth_asym_id_1 
_ndb_struct_na_base_pair_step.i_auth_seq_id_1 
_ndb_struct_na_base_pair_step.i_PDB_ins_code_1 
_ndb_struct_na_base_pair_step.j_auth_asym_id_1 
_ndb_struct_na_base_pair_step.j_auth_seq_id_1 
_ndb_struct_na_base_pair_step.j_PDB_ins_code_1 
_ndb_struct_na_base_pair_step.i_auth_asym_id_2 
_ndb_struct_na_base_pair_step.i_auth_seq_id_2 
_ndb_struct_na_base_pair_step.i_PDB_ins_code_2 
_ndb_struct_na_base_pair_step.j_auth_asym_id_2 
_ndb_struct_na_base_pair_step.j_auth_seq_id_2 
_ndb_struct_na_base_pair_step.j_PDB_ins_code_2 
1 A DG 3  1_555 D DC 15 1_555 A DC 4  1_555 D DG 14 1_555 0.231  -0.617 3.296 -1.034 2.028  24.123 -2.112 -0.878 3.221 4.839  
2.466  24.228 1  AA_DG3DC4:DG15DC16_DD A 3  ? D 16 ? A 4  ? D 15 ? 
1 A DC 4  1_555 D DG 14 1_555 A DA 5  1_555 D DT 13 1_555 -0.685 1.080  3.369 -3.065 -4.436 52.365 1.514  0.569  3.306 -5.012 
3.462  52.623 2  AA_DC4DA5:DT14DG15_DD A 4  ? D 15 ? A 5  ? D 14 ? 
1 A DA 5  1_555 D DT 13 1_555 A DG 6  1_555 D DC 12 1_555 0.354  -0.340 3.726 1.782  0.091  38.111 -0.534 -0.285 3.738 0.139  
-2.727 38.151 3  AA_DA5DG6:DC13DT14_DD A 5  ? D 14 ? A 6  ? D 13 ? 
1 A DG 6  1_555 D DC 12 1_555 A DA 7  1_555 D DT 11 1_555 -0.589 -0.869 3.475 2.376  0.061  32.946 -1.539 1.460  3.424 0.108  
-4.183 33.030 4  AA_DG6DA7:DT12DC13_DD A 6  ? D 13 ? A 7  ? D 12 ? 
1 A DA 7  1_555 D DT 11 1_555 A DC 8  1_555 D DG 10 1_555 1.117  -1.147 3.252 -4.703 -2.047 30.576 -1.759 -2.979 3.117 -3.848 
8.840  30.993 5  AA_DA7DC8:DG11DT12_DD A 7  ? D 12 ? A 8  ? D 11 ? 
1 A DC 8  1_555 D DG 10 1_555 A DG 9  1_555 D DC 9  1_555 -0.874 -0.891 3.530 -3.133 2.294  34.899 -1.849 0.942  3.529 3.810  
5.205  35.108 6  AA_DC8DG9:DC10DG11_DD A 8  ? D 11 ? A 9  ? D 10 ? 
1 A DG 9  1_555 D DC 9  1_555 A DT 10 1_555 C DA 3  1_555 -0.467 -1.524 3.150 -3.440 0.847  19.504 -4.817 -0.219 3.116 2.474  
10.047 19.820 7  AA_DG9DT10:DA2DC10_CD A 9  ? D 10 ? A 10 ? C 2  ? 
1 A DT 10 1_555 C DA 3  1_555 A DG 11 1_555 C DC 2  1_555 -0.680 1.043  3.177 -3.706 4.867  41.072 0.955  0.567  3.320 6.891  
5.246  41.506 8  AA_DT10DG11:DC1DA2_CC A 10 ? C 2  ? A 11 ? C 1  ? 
1 A DG 11 1_555 C DC 2  1_555 A DA 12 1_555 C DT 1  1_555 -0.327 -0.241 3.362 -1.172 4.254  39.904 -0.848 0.339  3.328 6.210  
1.710  40.137 9  AA_DG11DA12:DT0DC1_CC A 11 ? C 1  ? A 12 ? C 0  ? 
1 B DC 1  1_555 C DG 6  1_555 B DG 2  1_555 C DC 5  1_555 -0.014 -0.439 2.877 -5.235 -3.539 43.033 -0.290 -0.429 2.885 -4.793 
7.091  43.473 10 BB_DC12DG13:DC4DG5_CC B 12 ? C 5  ? B 13 ? C 4  ? 
1 B DG 2  1_555 C DC 5  1_555 B DA 3  1_555 C DT 4  1_555 -0.091 -1.178 3.094 -3.683 -2.504 37.325 -1.516 -0.319 3.158 -3.895 
5.730  37.580 11 BB_DG13DA14:DT3DC4_CC B 13 ? C 4  ? B 14 ? C 3  ? 
1 B DA 3  1_555 C DT 4  1_555 B DC 4  1_555 D DG 8  1_555 -0.485 -1.424 3.505 2.537  0.004  26.575 -3.086 1.754  3.444 0.009  
-5.502 26.693 12 BB_DA14DC15:DG9DT3_DC B 14 ? C 3  ? B 15 ? D 9  ? 
1 B DC 4  1_555 D DG 8  1_555 B DA 5  1_555 D DT 7  1_555 -0.656 0.086  3.139 -1.803 6.327  41.658 -0.510 0.733  3.143 8.831  
2.516  42.151 13 BB_DC15DA16:DT8DG9_DD B 15 ? D 9  ? B 16 ? D 8  ? 
1 B DA 5  1_555 D DT 7  1_555 B DC 6  1_555 D DG 6  1_555 0.179  -1.014 3.323 -0.239 3.010  29.481 -2.619 -0.400 3.204 5.896  
0.468  29.632 14 BB_DA16DC17:DG7DT8_DD B 16 ? D 8  ? B 17 ? D 7  ? 
1 B DC 6  1_555 D DG 6  1_555 B DT 7  1_555 D DA 5  1_555 0.146  -0.899 3.365 2.711  -0.043 22.032 -2.317 0.678  3.360 -0.112 
-7.060 22.196 15 BB_DC17DT18:DA6DG7_DD B 17 ? D 7  ? B 18 ? D 6  ? 
1 B DT 7  1_555 D DA 5  1_555 B DC 8  1_555 D DG 4  1_555 0.457  0.338  3.438 4.849  1.831  42.962 0.268  -0.117 3.478 2.488  
-6.592 43.259 16 BB_DT18DC19:DG5DA6_DD B 18 ? D 6  ? B 19 ? D 5  ? 
1 B DC 8  1_555 D DG 4  1_555 B DA 9  1_555 D DT 3  1_555 -0.429 0.606  3.753 -1.917 1.495  46.080 0.626  0.358  3.784 1.908  
2.447  46.141 17 BB_DC19DA20:DT4DG5_DD B 19 ? D 5  ? B 20 ? D 4  ? 
# 
loop_
_pdbx_audit_support.funding_organization 
_pdbx_audit_support.country 
_pdbx_audit_support.grant_number 
_pdbx_audit_support.ordinal 
'National Science Foundation (NSF, United States)'                                         'United States' 1360635     1 
'National Institutes of Health/National Institute of General Medical Sciences (NIH/NIGMS)' 'United States' R01GM104960 2 
'National Science Foundation (NSF, United States)'                                         'United States' NSF2004250  3 
# 
_pdbx_initial_refinement_model.id               1 
_pdbx_initial_refinement_model.entity_id_list   ? 
_pdbx_initial_refinement_model.type             'experimental model' 
_pdbx_initial_refinement_model.source_name      PDB 
_pdbx_initial_refinement_model.accession_code   6XNA 
_pdbx_initial_refinement_model.details          ? 
# 
_pdbx_struct_assembly_auth_evidence.id                     1 
_pdbx_struct_assembly_auth_evidence.assembly_id            1 
_pdbx_struct_assembly_auth_evidence.experimental_support   none 
_pdbx_struct_assembly_auth_evidence.details                ? 
# 
